data_1O44
# 
_entry.id   1O44 
# 
_audit_conform.dict_name       mmcif_pdbx.dic 
_audit_conform.dict_version    5.376 
_audit_conform.dict_location   http://mmcif.pdb.org/dictionaries/ascii/mmcif_pdbx.dic 
# 
loop_
_database_2.database_id 
_database_2.database_code 
_database_2.pdbx_database_accession 
_database_2.pdbx_DOI 
PDB   1O44         pdb_00001o44 10.2210/pdb1o44/pdb 
RCSB  RCSB001779   ?            ?                   
WWPDB D_1000001779 ?            ?                   
# 
_pdbx_database_status.status_code                     REL 
_pdbx_database_status.entry_id                        1O44 
_pdbx_database_status.recvd_initial_deposition_date   2003-06-15 
_pdbx_database_status.deposit_site                    RCSB 
_pdbx_database_status.process_site                    RCSB 
_pdbx_database_status.status_code_sf                  ? 
_pdbx_database_status.status_code_mr                  ? 
_pdbx_database_status.SG_entry                        ? 
_pdbx_database_status.pdb_format_compatible           Y 
_pdbx_database_status.status_code_cs                  ? 
_pdbx_database_status.status_code_nmr_data            ? 
_pdbx_database_status.methods_development_category    ? 
# 
loop_
_audit_author.name 
_audit_author.pdbx_ordinal 
'Lange, G.'  1 
'Loenze, P.' 2 
'Liesum, A.' 3 
# 
_citation.id                        primary 
_citation.title                     
;Requirements for specific binding of low affinity inhibitor fragments to the SH2 domain of (pp60)Src are identical to those for high affinity binding of full length inhibitors.
;
_citation.journal_abbrev            J.Med.Chem. 
_citation.journal_volume            46 
_citation.page_first                5184 
_citation.page_last                 5195 
_citation.year                      2003 
_citation.journal_id_ASTM           JMCMAR 
_citation.country                   US 
_citation.journal_id_ISSN           0022-2623 
_citation.journal_id_CSD            0151 
_citation.book_publisher            ? 
_citation.pdbx_database_id_PubMed   14613321 
_citation.pdbx_database_id_DOI      10.1021/jm020970s 
# 
loop_
_citation_author.citation_id 
_citation_author.name 
_citation_author.ordinal 
_citation_author.identifier_ORCID 
primary 'Lange, G.'       1  ? 
primary 'Lesuisse, D.'    2  ? 
primary 'Deprez, P.'      3  ? 
primary 'Schoot, B.'      4  ? 
primary 'Loenze, P.'      5  ? 
primary 'Benard, D.'      6  ? 
primary 'Marquette, J.P.' 7  ? 
primary 'Broto, P.'       8  ? 
primary 'Sarubbi, E.'     9  ? 
primary 'Mandine, E.'     10 ? 
# 
_cell.entry_id           1O44 
_cell.length_a           26.50 
_cell.length_b           58.40 
_cell.length_c           64.12 
_cell.angle_alpha        90.0 
_cell.angle_beta         90.0 
_cell.angle_gamma        90.0 
_cell.pdbx_unique_axis   ? 
_cell.Z_PDB              4 
# 
_symmetry.entry_id                         1O44 
_symmetry.space_group_name_H-M             'P 21 21 21' 
_symmetry.pdbx_full_space_group_name_H-M   ? 
_symmetry.Int_Tables_number                19 
_symmetry.cell_setting                     ? 
_symmetry.space_group_name_Hall            ? 
# 
loop_
_entity.id 
_entity.type 
_entity.src_method 
_entity.pdbx_description 
_entity.formula_weight 
_entity.pdbx_number_of_molecules 
_entity.pdbx_ec 
_entity.pdbx_mutation 
_entity.pdbx_fragment 
_entity.details 
1 polymer     man 'PROTO-ONCOGENE TYROSINE-PROTEIN KINASE SRC'                                                                     
12374.964 1   2.7.1.112 ? 'SH2 DOMAIN' ? 
2 non-polymer syn '2-{4-[2-ACETYLAMINO-2-(1-BIPHENYL-4-YLMETHYL-2-OXO-AZEPAN-3-YLCARBAMOYL)-ETHYL]-2-CARBOXY-PHENYL}-MALONIC ACID' 
629.656   1   ?         ? ?            ? 
3 water       nat water                                                                                                            
18.015    144 ?         ? ?            ? 
# 
_entity_name_com.entity_id   1 
_entity_name_com.name        'P60-SRC, C-SRC' 
# 
_entity_poly.entity_id                      1 
_entity_poly.type                           'polypeptide(L)' 
_entity_poly.nstd_linkage                   no 
_entity_poly.nstd_monomer                   no 
_entity_poly.pdbx_seq_one_letter_code       
;SIQAEEWYFGKITRRESERLLLNAENPRGTFLVRESETTKGAYCLSVSDFDNAKGLNVKHYKIRKLDSGGFYITSRTQFN
SLQQLVAYYSKHADGLCHRLTTVCPTSK
;
_entity_poly.pdbx_seq_one_letter_code_can   
;SIQAEEWYFGKITRRESERLLLNAENPRGTFLVRESETTKGAYCLSVSDFDNAKGLNVKHYKIRKLDSGGFYITSRTQFN
SLQQLVAYYSKHADGLCHRLTTVCPTSK
;
_entity_poly.pdbx_strand_id                 A 
_entity_poly.pdbx_target_identifier         ? 
# 
loop_
_entity_poly_seq.entity_id 
_entity_poly_seq.num 
_entity_poly_seq.mon_id 
_entity_poly_seq.hetero 
1 1   SER n 
1 2   ILE n 
1 3   GLN n 
1 4   ALA n 
1 5   GLU n 
1 6   GLU n 
1 7   TRP n 
1 8   TYR n 
1 9   PHE n 
1 10  GLY n 
1 11  LYS n 
1 12  ILE n 
1 13  THR n 
1 14  ARG n 
1 15  ARG n 
1 16  GLU n 
1 17  SER n 
1 18  GLU n 
1 19  ARG n 
1 20  LEU n 
1 21  LEU n 
1 22  LEU n 
1 23  ASN n 
1 24  ALA n 
1 25  GLU n 
1 26  ASN n 
1 27  PRO n 
1 28  ARG n 
1 29  GLY n 
1 30  THR n 
1 31  PHE n 
1 32  LEU n 
1 33  VAL n 
1 34  ARG n 
1 35  GLU n 
1 36  SER n 
1 37  GLU n 
1 38  THR n 
1 39  THR n 
1 40  LYS n 
1 41  GLY n 
1 42  ALA n 
1 43  TYR n 
1 44  CYS n 
1 45  LEU n 
1 46  SER n 
1 47  VAL n 
1 48  SER n 
1 49  ASP n 
1 50  PHE n 
1 51  ASP n 
1 52  ASN n 
1 53  ALA n 
1 54  LYS n 
1 55  GLY n 
1 56  LEU n 
1 57  ASN n 
1 58  VAL n 
1 59  LYS n 
1 60  HIS n 
1 61  TYR n 
1 62  LYS n 
1 63  ILE n 
1 64  ARG n 
1 65  LYS n 
1 66  LEU n 
1 67  ASP n 
1 68  SER n 
1 69  GLY n 
1 70  GLY n 
1 71  PHE n 
1 72  TYR n 
1 73  ILE n 
1 74  THR n 
1 75  SER n 
1 76  ARG n 
1 77  THR n 
1 78  GLN n 
1 79  PHE n 
1 80  ASN n 
1 81  SER n 
1 82  LEU n 
1 83  GLN n 
1 84  GLN n 
1 85  LEU n 
1 86  VAL n 
1 87  ALA n 
1 88  TYR n 
1 89  TYR n 
1 90  SER n 
1 91  LYS n 
1 92  HIS n 
1 93  ALA n 
1 94  ASP n 
1 95  GLY n 
1 96  LEU n 
1 97  CYS n 
1 98  HIS n 
1 99  ARG n 
1 100 LEU n 
1 101 THR n 
1 102 THR n 
1 103 VAL n 
1 104 CYS n 
1 105 PRO n 
1 106 THR n 
1 107 SER n 
1 108 LYS n 
# 
_entity_src_gen.entity_id                          1 
_entity_src_gen.pdbx_src_id                        1 
_entity_src_gen.pdbx_alt_source_flag               sample 
_entity_src_gen.pdbx_seq_type                      ? 
_entity_src_gen.pdbx_beg_seq_num                   ? 
_entity_src_gen.pdbx_end_seq_num                   ? 
_entity_src_gen.gene_src_common_name               human 
_entity_src_gen.gene_src_genus                     Homo 
_entity_src_gen.pdbx_gene_src_gene                 SRC 
_entity_src_gen.gene_src_species                   ? 
_entity_src_gen.gene_src_strain                    ? 
_entity_src_gen.gene_src_tissue                    ? 
_entity_src_gen.gene_src_tissue_fraction           ? 
_entity_src_gen.gene_src_details                   ? 
_entity_src_gen.pdbx_gene_src_fragment             ? 
_entity_src_gen.pdbx_gene_src_scientific_name      'Homo sapiens' 
_entity_src_gen.pdbx_gene_src_ncbi_taxonomy_id     9606 
_entity_src_gen.pdbx_gene_src_variant              ? 
_entity_src_gen.pdbx_gene_src_cell_line            ? 
_entity_src_gen.pdbx_gene_src_atcc                 ? 
_entity_src_gen.pdbx_gene_src_organ                ? 
_entity_src_gen.pdbx_gene_src_organelle            ? 
_entity_src_gen.pdbx_gene_src_cell                 ? 
_entity_src_gen.pdbx_gene_src_cellular_location    ? 
_entity_src_gen.host_org_common_name               ? 
_entity_src_gen.pdbx_host_org_scientific_name      'Escherichia coli' 
_entity_src_gen.pdbx_host_org_ncbi_taxonomy_id     562 
_entity_src_gen.host_org_genus                     Escherichia 
_entity_src_gen.pdbx_host_org_gene                 ? 
_entity_src_gen.pdbx_host_org_organ                ? 
_entity_src_gen.host_org_species                   ? 
_entity_src_gen.pdbx_host_org_tissue               ? 
_entity_src_gen.pdbx_host_org_tissue_fraction      ? 
_entity_src_gen.pdbx_host_org_strain               ? 
_entity_src_gen.pdbx_host_org_variant              ? 
_entity_src_gen.pdbx_host_org_cell_line            ? 
_entity_src_gen.pdbx_host_org_atcc                 ? 
_entity_src_gen.pdbx_host_org_culture_collection   ? 
_entity_src_gen.pdbx_host_org_cell                 ? 
_entity_src_gen.pdbx_host_org_organelle            ? 
_entity_src_gen.pdbx_host_org_cellular_location    ? 
_entity_src_gen.pdbx_host_org_vector_type          ? 
_entity_src_gen.pdbx_host_org_vector               ? 
_entity_src_gen.host_org_details                   ? 
_entity_src_gen.expression_system_id               ? 
_entity_src_gen.plasmid_name                       'BL21 (DE3)' 
_entity_src_gen.plasmid_details                    ? 
_entity_src_gen.pdbx_description                   ? 
# 
_struct_ref.id                         1 
_struct_ref.db_name                    UNP 
_struct_ref.db_code                    SRC_HUMAN 
_struct_ref.pdbx_db_accession          P12931 
_struct_ref.entity_id                  1 
_struct_ref.pdbx_seq_one_letter_code   
;SIQAEEWYFGKITRRESERLLLNAENPRGTFLVRESETTKGAYCLSVSDFDNAKGLNVKHYKIRKLDSGGFYITSRTQFN
SLQQLVAYYSKHADGLCHRLTTVCPTSK
;
_struct_ref.pdbx_align_begin           144 
_struct_ref.pdbx_db_isoform            ? 
# 
_struct_ref_seq.align_id                      1 
_struct_ref_seq.ref_id                        1 
_struct_ref_seq.pdbx_PDB_id_code              1O44 
_struct_ref_seq.pdbx_strand_id                A 
_struct_ref_seq.seq_align_beg                 1 
_struct_ref_seq.pdbx_seq_align_beg_ins_code   ? 
_struct_ref_seq.seq_align_end                 108 
_struct_ref_seq.pdbx_seq_align_end_ins_code   ? 
_struct_ref_seq.pdbx_db_accession             P12931 
_struct_ref_seq.db_align_beg                  144 
_struct_ref_seq.pdbx_db_align_beg_ins_code    ? 
_struct_ref_seq.db_align_end                  251 
_struct_ref_seq.pdbx_db_align_end_ins_code    ? 
_struct_ref_seq.pdbx_auth_seq_align_beg       1 
_struct_ref_seq.pdbx_auth_seq_align_end       108 
# 
loop_
_chem_comp.id 
_chem_comp.type 
_chem_comp.mon_nstd_flag 
_chem_comp.name 
_chem_comp.pdbx_synonyms 
_chem_comp.formula 
_chem_comp.formula_weight 
852 non-polymer         . 
'2-{4-[2-ACETYLAMINO-2-(1-BIPHENYL-4-YLMETHYL-2-OXO-AZEPAN-3-YLCARBAMOYL)-ETHYL]-2-CARBOXY-PHENYL}-MALONIC ACID' RU85052 
'C34 H35 N3 O9'  629.656 
ALA 'L-peptide linking' y ALANINE ?       'C3 H7 N O2'     89.093  
ARG 'L-peptide linking' y ARGININE ?       'C6 H15 N4 O2 1' 175.209 
ASN 'L-peptide linking' y ASPARAGINE ?       'C4 H8 N2 O3'    132.118 
ASP 'L-peptide linking' y 'ASPARTIC ACID' ?       'C4 H7 N O4'     133.103 
CYS 'L-peptide linking' y CYSTEINE ?       'C3 H7 N O2 S'   121.158 
GLN 'L-peptide linking' y GLUTAMINE ?       'C5 H10 N2 O3'   146.144 
GLU 'L-peptide linking' y 'GLUTAMIC ACID' ?       'C5 H9 N O4'     147.129 
GLY 'peptide linking'   y GLYCINE ?       'C2 H5 N O2'     75.067  
HIS 'L-peptide linking' y HISTIDINE ?       'C6 H10 N3 O2 1' 156.162 
HOH non-polymer         . WATER ?       'H2 O'           18.015  
ILE 'L-peptide linking' y ISOLEUCINE ?       'C6 H13 N O2'    131.173 
LEU 'L-peptide linking' y LEUCINE ?       'C6 H13 N O2'    131.173 
LYS 'L-peptide linking' y LYSINE ?       'C6 H15 N2 O2 1' 147.195 
PHE 'L-peptide linking' y PHENYLALANINE ?       'C9 H11 N O2'    165.189 
PRO 'L-peptide linking' y PROLINE ?       'C5 H9 N O2'     115.130 
SER 'L-peptide linking' y SERINE ?       'C3 H7 N O3'     105.093 
THR 'L-peptide linking' y THREONINE ?       'C4 H9 N O3'     119.119 
TRP 'L-peptide linking' y TRYPTOPHAN ?       'C11 H12 N2 O2'  204.225 
TYR 'L-peptide linking' y TYROSINE ?       'C9 H11 N O3'    181.189 
VAL 'L-peptide linking' y VALINE ?       'C5 H11 N O2'    117.146 
# 
_exptl.entry_id          1O44 
_exptl.method            'X-RAY DIFFRACTION' 
_exptl.crystals_number   1 
# 
_exptl_crystal.id                    1 
_exptl_crystal.density_meas          ? 
_exptl_crystal.density_Matthews      2.2 
_exptl_crystal.density_percent_sol   41.9 
_exptl_crystal.description           ? 
_exptl_crystal.F_000                 ? 
_exptl_crystal.preparation           ? 
# 
_exptl_crystal_grow.crystal_id      1 
_exptl_crystal_grow.method          ? 
_exptl_crystal_grow.temp            ? 
_exptl_crystal_grow.temp_details    ? 
_exptl_crystal_grow.pH              5.50 
_exptl_crystal_grow.pdbx_details    'pH 5.50' 
_exptl_crystal_grow.pdbx_pH_range   . 
# 
_diffrn.id                     1 
_diffrn.ambient_temp           100.0 
_diffrn.ambient_temp_details   ? 
_diffrn.crystal_id             1 
# 
_diffrn_detector.diffrn_id              1 
_diffrn_detector.detector               'IMAGE PLATE' 
_diffrn_detector.type                   'MAR scanner 345 mm plate' 
_diffrn_detector.pdbx_collection_date   1999-05-21 
_diffrn_detector.details                ? 
# 
_diffrn_radiation.diffrn_id                        1 
_diffrn_radiation.wavelength_id                    1 
_diffrn_radiation.pdbx_monochromatic_or_laue_m_l   M 
_diffrn_radiation.monochromator                    GRAPHITE 
_diffrn_radiation.pdbx_diffrn_protocol             'SINGLE WAVELENGTH' 
_diffrn_radiation.pdbx_scattering_type             x-ray 
# 
_diffrn_radiation_wavelength.id           1 
_diffrn_radiation_wavelength.wavelength   1.5418 
_diffrn_radiation_wavelength.wt           1.0 
# 
_diffrn_source.diffrn_id                   1 
_diffrn_source.source                      'ROTATING ANODE' 
_diffrn_source.type                        'ELLIOTT GX-21' 
_diffrn_source.pdbx_synchrotron_site       ? 
_diffrn_source.pdbx_synchrotron_beamline   ? 
_diffrn_source.pdbx_wavelength             1.5418 
_diffrn_source.pdbx_wavelength_list        ? 
# 
_reflns.entry_id                     1O44 
_reflns.observed_criterion_sigma_I   -3.000 
_reflns.observed_criterion_sigma_F   ? 
_reflns.d_resolution_low             40.000 
_reflns.d_resolution_high            1.70 
_reflns.number_obs                   11323 
_reflns.number_all                   ? 
_reflns.percent_possible_obs         99.6 
_reflns.pdbx_Rmerge_I_obs            0.045 
_reflns.pdbx_Rsym_value              ? 
_reflns.pdbx_netI_over_sigmaI        15 
_reflns.B_iso_Wilson_estimate        ? 
_reflns.pdbx_redundancy              ? 
_reflns.R_free_details               ? 
_reflns.limit_h_max                  ? 
_reflns.limit_h_min                  ? 
_reflns.limit_k_max                  ? 
_reflns.limit_k_min                  ? 
_reflns.limit_l_max                  ? 
_reflns.limit_l_min                  ? 
_reflns.observed_criterion_F_max     ? 
_reflns.observed_criterion_F_min     ? 
_reflns.pdbx_chi_squared             ? 
_reflns.pdbx_scaling_rejects         ? 
_reflns.pdbx_diffrn_id               1 
_reflns.pdbx_ordinal                 1 
# 
_reflns_shell.d_res_high             1.70 
_reflns_shell.d_res_low              1.80 
_reflns_shell.percent_possible_all   96.3 
_reflns_shell.Rmerge_I_obs           0.23 
_reflns_shell.pdbx_Rsym_value        ? 
_reflns_shell.meanI_over_sigI_obs    6 
_reflns_shell.pdbx_redundancy        ? 
_reflns_shell.percent_possible_obs   ? 
_reflns_shell.number_unique_all      ? 
_reflns_shell.number_measured_all    ? 
_reflns_shell.number_measured_obs    ? 
_reflns_shell.number_unique_obs      ? 
_reflns_shell.pdbx_chi_squared       ? 
_reflns_shell.pdbx_diffrn_id         ? 
_reflns_shell.pdbx_ordinal           1 
# 
_refine.entry_id                                 1O44 
_refine.ls_number_reflns_obs                     11323 
_refine.ls_number_reflns_all                     ? 
_refine.pdbx_ls_sigma_I                          ? 
_refine.pdbx_ls_sigma_F                          ? 
_refine.pdbx_data_cutoff_high_absF               1000000.000 
_refine.pdbx_data_cutoff_low_absF                0.1000 
_refine.pdbx_data_cutoff_high_rms_absF           ? 
_refine.ls_d_res_low                             8.00 
_refine.ls_d_res_high                            1.70 
_refine.ls_percent_reflns_obs                    99.6 
_refine.ls_R_factor_obs                          0.19 
_refine.ls_R_factor_all                          ? 
_refine.ls_R_factor_R_work                       0.19 
_refine.ls_R_factor_R_free                       ? 
_refine.ls_R_factor_R_free_error                 ? 
_refine.ls_R_factor_R_free_error_details         ? 
_refine.ls_percent_reflns_R_free                 ? 
_refine.ls_number_reflns_R_free                  ? 
_refine.ls_number_parameters                     ? 
_refine.ls_number_restraints                     ? 
_refine.occupancy_min                            ? 
_refine.occupancy_max                            ? 
_refine.correlation_coeff_Fo_to_Fc               ? 
_refine.correlation_coeff_Fo_to_Fc_free          ? 
_refine.B_iso_mean                               19.9 
_refine.aniso_B[1][1]                            ? 
_refine.aniso_B[2][2]                            ? 
_refine.aniso_B[3][3]                            ? 
_refine.aniso_B[1][2]                            ? 
_refine.aniso_B[1][3]                            ? 
_refine.aniso_B[2][3]                            ? 
_refine.solvent_model_details                    ? 
_refine.solvent_model_param_ksol                 ? 
_refine.solvent_model_param_bsol                 ? 
_refine.pdbx_solvent_vdw_probe_radii             ? 
_refine.pdbx_solvent_ion_probe_radii             ? 
_refine.pdbx_solvent_shrinkage_radii             ? 
_refine.pdbx_ls_cross_valid_method               ? 
_refine.details                                  ? 
_refine.pdbx_starting_model                      1SHD 
_refine.pdbx_method_to_determine_struct          MR 
_refine.pdbx_isotropic_thermal_model             ? 
_refine.pdbx_stereochemistry_target_values       ? 
_refine.pdbx_stereochem_target_val_spec_case     ? 
_refine.pdbx_R_Free_selection_details            ? 
_refine.pdbx_overall_ESU_R                       ? 
_refine.pdbx_overall_ESU_R_Free                  ? 
_refine.overall_SU_ML                            ? 
_refine.overall_SU_B                             ? 
_refine.ls_redundancy_reflns_obs                 ? 
_refine.B_iso_min                                ? 
_refine.B_iso_max                                ? 
_refine.overall_SU_R_Cruickshank_DPI             ? 
_refine.overall_SU_R_free                        ? 
_refine.ls_wR_factor_R_free                      ? 
_refine.ls_wR_factor_R_work                      ? 
_refine.overall_FOM_free_R_set                   ? 
_refine.overall_FOM_work_R_set                   ? 
_refine.pdbx_refine_id                           'X-RAY DIFFRACTION' 
_refine.pdbx_diffrn_id                           1 
_refine.pdbx_TLS_residual_ADP_flag               ? 
_refine.pdbx_overall_phase_error                 ? 
_refine.pdbx_overall_SU_R_free_Cruickshank_DPI   ? 
_refine.pdbx_overall_SU_R_Blow_DPI               ? 
_refine.pdbx_overall_SU_R_free_Blow_DPI          ? 
# 
_refine_hist.pdbx_refine_id                   'X-RAY DIFFRACTION' 
_refine_hist.cycle_id                         LAST 
_refine_hist.pdbx_number_atoms_protein        856 
_refine_hist.pdbx_number_atoms_nucleic_acid   0 
_refine_hist.pdbx_number_atoms_ligand         46 
_refine_hist.number_atoms_solvent             144 
_refine_hist.number_atoms_total               1046 
_refine_hist.d_res_high                       1.70 
_refine_hist.d_res_low                        8.00 
# 
loop_
_refine_ls_restr.type 
_refine_ls_restr.dev_ideal 
_refine_ls_restr.dev_ideal_target 
_refine_ls_restr.weight 
_refine_ls_restr.number 
_refine_ls_restr.pdbx_refine_id 
_refine_ls_restr.pdbx_restraint_function 
x_bond_d                0.009 ? ? ? 'X-RAY DIFFRACTION' ? 
x_bond_d_na             ?     ? ? ? 'X-RAY DIFFRACTION' ? 
x_bond_d_prot           ?     ? ? ? 'X-RAY DIFFRACTION' ? 
x_angle_d               ?     ? ? ? 'X-RAY DIFFRACTION' ? 
x_angle_d_na            ?     ? ? ? 'X-RAY DIFFRACTION' ? 
x_angle_d_prot          ?     ? ? ? 'X-RAY DIFFRACTION' ? 
x_angle_deg             1.1   ? ? ? 'X-RAY DIFFRACTION' ? 
x_angle_deg_na          ?     ? ? ? 'X-RAY DIFFRACTION' ? 
x_angle_deg_prot        ?     ? ? ? 'X-RAY DIFFRACTION' ? 
x_dihedral_angle_d      ?     ? ? ? 'X-RAY DIFFRACTION' ? 
x_dihedral_angle_d_na   ?     ? ? ? 'X-RAY DIFFRACTION' ? 
x_dihedral_angle_d_prot ?     ? ? ? 'X-RAY DIFFRACTION' ? 
x_improper_angle_d      ?     ? ? ? 'X-RAY DIFFRACTION' ? 
x_improper_angle_d_na   ?     ? ? ? 'X-RAY DIFFRACTION' ? 
x_improper_angle_d_prot ?     ? ? ? 'X-RAY DIFFRACTION' ? 
x_mcbond_it             ?     ? ? ? 'X-RAY DIFFRACTION' ? 
x_mcangle_it            ?     ? ? ? 'X-RAY DIFFRACTION' ? 
x_scbond_it             ?     ? ? ? 'X-RAY DIFFRACTION' ? 
x_scangle_it            ?     ? ? ? 'X-RAY DIFFRACTION' ? 
# 
_struct.entry_id                  1O44 
_struct.title                     'Crystal structure of sh2 in complex with ru85052' 
_struct.pdbx_model_details        ? 
_struct.pdbx_CASP_flag            ? 
_struct.pdbx_model_type_details   ? 
# 
_struct_keywords.entry_id        1O44 
_struct_keywords.pdbx_keywords   'SIGNALING PROTEIN' 
_struct_keywords.text            'SH2 DOMAIN FRAGMENT APPROACH, SIGNALING PROTEIN' 
# 
loop_
_struct_asym.id 
_struct_asym.pdbx_blank_PDB_chainid_flag 
_struct_asym.pdbx_modified 
_struct_asym.entity_id 
_struct_asym.details 
A N N 1 ? 
B N N 2 ? 
C N N 3 ? 
# 
_struct_biol.id                    1 
_struct_biol.pdbx_parent_biol_id   ? 
_struct_biol.details               ? 
# 
loop_
_struct_conf.conf_type_id 
_struct_conf.id 
_struct_conf.pdbx_PDB_helix_id 
_struct_conf.beg_label_comp_id 
_struct_conf.beg_label_asym_id 
_struct_conf.beg_label_seq_id 
_struct_conf.pdbx_beg_PDB_ins_code 
_struct_conf.end_label_comp_id 
_struct_conf.end_label_asym_id 
_struct_conf.end_label_seq_id 
_struct_conf.pdbx_end_PDB_ins_code 
_struct_conf.beg_auth_comp_id 
_struct_conf.beg_auth_asym_id 
_struct_conf.beg_auth_seq_id 
_struct_conf.end_auth_comp_id 
_struct_conf.end_auth_asym_id 
_struct_conf.end_auth_seq_id 
_struct_conf.pdbx_PDB_helix_class 
_struct_conf.details 
_struct_conf.pdbx_PDB_helix_length 
HELX_P HELX_P1 1 SER A 1  ? GLU A 5  ? SER A 1  GLU A 5  5 ? 5  
HELX_P HELX_P2 2 THR A 13 ? LEU A 22 ? THR A 13 LEU A 22 1 ? 10 
HELX_P HELX_P3 3 SER A 81 ? SER A 90 ? SER A 81 SER A 90 1 ? 10 
# 
_struct_conf_type.id          HELX_P 
_struct_conf_type.criteria    ? 
_struct_conf_type.reference   ? 
# 
_struct_sheet.id               A 
_struct_sheet.type             ? 
_struct_sheet.number_strands   6 
_struct_sheet.details          ? 
# 
loop_
_struct_sheet_order.sheet_id 
_struct_sheet_order.range_id_1 
_struct_sheet_order.range_id_2 
_struct_sheet_order.offset 
_struct_sheet_order.sense 
A 1 2 ? parallel      
A 2 3 ? anti-parallel 
A 3 4 ? anti-parallel 
A 4 5 ? anti-parallel 
A 5 6 ? anti-parallel 
# 
loop_
_struct_sheet_range.sheet_id 
_struct_sheet_range.id 
_struct_sheet_range.beg_label_comp_id 
_struct_sheet_range.beg_label_asym_id 
_struct_sheet_range.beg_label_seq_id 
_struct_sheet_range.pdbx_beg_PDB_ins_code 
_struct_sheet_range.end_label_comp_id 
_struct_sheet_range.end_label_asym_id 
_struct_sheet_range.end_label_seq_id 
_struct_sheet_range.pdbx_end_PDB_ins_code 
_struct_sheet_range.beg_auth_comp_id 
_struct_sheet_range.beg_auth_asym_id 
_struct_sheet_range.beg_auth_seq_id 
_struct_sheet_range.end_auth_comp_id 
_struct_sheet_range.end_auth_asym_id 
_struct_sheet_range.end_auth_seq_id 
A 1 TYR A 8  ? GLY A 10 ? TYR A 8  GLY A 10 
A 2 PHE A 31 ? GLU A 35 ? PHE A 31 GLU A 35 
A 3 TYR A 43 ? ASP A 51 ? TYR A 43 ASP A 51 
A 4 GLY A 55 ? LYS A 65 ? GLY A 55 LYS A 65 
A 5 PHE A 71 ? TYR A 72 ? PHE A 71 TYR A 72 
A 6 GLN A 78 ? PHE A 79 ? GLN A 78 PHE A 79 
# 
loop_
_pdbx_struct_sheet_hbond.sheet_id 
_pdbx_struct_sheet_hbond.range_id_1 
_pdbx_struct_sheet_hbond.range_id_2 
_pdbx_struct_sheet_hbond.range_1_label_atom_id 
_pdbx_struct_sheet_hbond.range_1_label_comp_id 
_pdbx_struct_sheet_hbond.range_1_label_asym_id 
_pdbx_struct_sheet_hbond.range_1_label_seq_id 
_pdbx_struct_sheet_hbond.range_1_PDB_ins_code 
_pdbx_struct_sheet_hbond.range_1_auth_atom_id 
_pdbx_struct_sheet_hbond.range_1_auth_comp_id 
_pdbx_struct_sheet_hbond.range_1_auth_asym_id 
_pdbx_struct_sheet_hbond.range_1_auth_seq_id 
_pdbx_struct_sheet_hbond.range_2_label_atom_id 
_pdbx_struct_sheet_hbond.range_2_label_comp_id 
_pdbx_struct_sheet_hbond.range_2_label_asym_id 
_pdbx_struct_sheet_hbond.range_2_label_seq_id 
_pdbx_struct_sheet_hbond.range_2_PDB_ins_code 
_pdbx_struct_sheet_hbond.range_2_auth_atom_id 
_pdbx_struct_sheet_hbond.range_2_auth_comp_id 
_pdbx_struct_sheet_hbond.range_2_auth_asym_id 
_pdbx_struct_sheet_hbond.range_2_auth_seq_id 
A 1 2 N GLY A 10 ? N GLY A 10 O GLU A 35 ? O GLU A 35 
A 2 3 N ARG A 34 ? N ARG A 34 O CYS A 44 ? O CYS A 44 
A 3 4 N VAL A 47 ? N VAL A 47 O LYS A 59 ? O LYS A 59 
A 4 5 N ARG A 64 ? N ARG A 64 O TYR A 72 ? O TYR A 72 
A 5 6 N PHE A 71 ? N PHE A 71 O PHE A 79 ? O PHE A 79 
# 
_struct_site.id                   AC1 
_struct_site.pdbx_evidence_code   Software 
_struct_site.pdbx_auth_asym_id    A 
_struct_site.pdbx_auth_comp_id    852 
_struct_site.pdbx_auth_seq_id     300 
_struct_site.pdbx_auth_ins_code   ? 
_struct_site.pdbx_num_residues    21 
_struct_site.details              'BINDING SITE FOR RESIDUE 852 A 300' 
# 
loop_
_struct_site_gen.id 
_struct_site_gen.site_id 
_struct_site_gen.pdbx_num_res 
_struct_site_gen.label_comp_id 
_struct_site_gen.label_asym_id 
_struct_site_gen.label_seq_id 
_struct_site_gen.pdbx_auth_ins_code 
_struct_site_gen.auth_comp_id 
_struct_site_gen.auth_asym_id 
_struct_site_gen.auth_seq_id 
_struct_site_gen.label_atom_id 
_struct_site_gen.label_alt_id 
_struct_site_gen.symmetry 
_struct_site_gen.details 
1  AC1 21 ARG A 14  ? ARG A 14  . ? 1_555 ? 
2  AC1 21 ARG A 28  ? ARG A 28  . ? 4_556 ? 
3  AC1 21 ARG A 34  ? ARG A 34  . ? 1_555 ? 
4  AC1 21 SER A 36  ? SER A 36  . ? 1_555 ? 
5  AC1 21 GLU A 37  ? GLU A 37  . ? 1_555 ? 
6  AC1 21 THR A 38  ? THR A 38  . ? 1_555 ? 
7  AC1 21 CYS A 44  ? CYS A 44  . ? 1_555 ? 
8  AC1 21 HIS A 60  ? HIS A 60  . ? 1_555 ? 
9  AC1 21 TYR A 61  ? TYR A 61  . ? 1_555 ? 
10 AC1 21 LYS A 62  ? LYS A 62  . ? 1_555 ? 
11 AC1 21 GLY A 95  ? GLY A 95  . ? 1_555 ? 
12 AC1 21 THR A 102 ? THR A 102 . ? 1_655 ? 
13 AC1 21 VAL A 103 ? VAL A 103 . ? 1_655 ? 
14 AC1 21 PRO A 105 ? PRO A 105 . ? 1_655 ? 
15 AC1 21 THR A 106 ? THR A 106 . ? 1_655 ? 
16 AC1 21 HOH C .   ? HOH A 337 . ? 1_655 ? 
17 AC1 21 HOH C .   ? HOH A 345 . ? 1_655 ? 
18 AC1 21 HOH C .   ? HOH A 362 . ? 4_556 ? 
19 AC1 21 HOH C .   ? HOH A 371 . ? 1_555 ? 
20 AC1 21 HOH C .   ? HOH A 382 . ? 1_555 ? 
21 AC1 21 HOH C .   ? HOH A 394 . ? 4_556 ? 
# 
_atom_sites.entry_id                    1O44 
_atom_sites.fract_transf_matrix[1][1]   0.02092603 
_atom_sites.fract_transf_matrix[1][2]   0.00705388 
_atom_sites.fract_transf_matrix[1][3]   -0.03059983 
_atom_sites.fract_transf_matrix[2][1]   0.01214201 
_atom_sites.fract_transf_matrix[2][2]   0.00691451 
_atom_sites.fract_transf_matrix[2][3]   0.00989738 
_atom_sites.fract_transf_matrix[3][1]   0.00679201 
_atom_sites.fract_transf_matrix[3][2]   -0.01396684 
_atom_sites.fract_transf_matrix[3][3]   0.00142515 
_atom_sites.fract_transf_vector[1]      0.393643 
_atom_sites.fract_transf_vector[2]      0.331512 
_atom_sites.fract_transf_vector[3]      0.314859 
# 
loop_
_atom_type.symbol 
C 
N 
O 
S 
# 
loop_
_atom_site.group_PDB 
_atom_site.id 
_atom_site.type_symbol 
_atom_site.label_atom_id 
_atom_site.label_alt_id 
_atom_site.label_comp_id 
_atom_site.label_asym_id 
_atom_site.label_entity_id 
_atom_site.label_seq_id 
_atom_site.pdbx_PDB_ins_code 
_atom_site.Cartn_x 
_atom_site.Cartn_y 
_atom_site.Cartn_z 
_atom_site.occupancy 
_atom_site.B_iso_or_equiv 
_atom_site.pdbx_formal_charge 
_atom_site.auth_seq_id 
_atom_site.auth_comp_id 
_atom_site.auth_asym_id 
_atom_site.auth_atom_id 
_atom_site.pdbx_PDB_model_num 
ATOM   1    N N   . SER A 1 1   ? -13.755 10.127  2.309   1.00 42.53 ? 1   SER A N   1 
ATOM   2    C CA  . SER A 1 1   ? -12.457 10.473  2.973   1.00 41.75 ? 1   SER A CA  1 
ATOM   3    C C   . SER A 1 1   ? -11.565 9.300   3.277   1.00 39.93 ? 1   SER A C   1 
ATOM   4    O O   . SER A 1 1   ? -11.923 8.275   3.889   1.00 39.79 ? 1   SER A O   1 
ATOM   5    C CB  . SER A 1 1   ? -12.647 11.201  4.319   1.00 42.62 ? 1   SER A CB  1 
ATOM   6    O OG  . SER A 1 1   ? -12.989 12.575  4.157   1.00 44.93 ? 1   SER A OG  1 
ATOM   7    N N   . ILE A 1 2   ? -10.316 9.511   2.895   1.00 38.41 ? 2   ILE A N   1 
ATOM   8    C CA  . ILE A 1 2   ? -9.264  8.540   3.096   1.00 36.53 ? 2   ILE A CA  1 
ATOM   9    C C   . ILE A 1 2   ? -9.032  8.383   4.583   1.00 34.92 ? 2   ILE A C   1 
ATOM   10   O O   . ILE A 1 2   ? -8.860  7.325   5.087   1.00 34.04 ? 2   ILE A O   1 
ATOM   11   C CB  . ILE A 1 2   ? -7.965  8.973   2.344   1.00 36.64 ? 2   ILE A CB  1 
ATOM   12   C CG1 . ILE A 1 2   ? -6.974  7.827   2.334   1.00 37.42 ? 2   ILE A CG1 1 
ATOM   13   C CG2 . ILE A 1 2   ? -7.331  10.189  2.978   1.00 35.73 ? 2   ILE A CG2 1 
ATOM   14   C CD1 . ILE A 1 2   ? -7.572  6.536   1.810   1.00 39.41 ? 2   ILE A CD1 1 
ATOM   15   N N   . GLN A 1 3   ? -9.140  9.485   5.302   1.00 34.45 ? 3   GLN A N   1 
ATOM   16   C CA  . GLN A 1 3   ? -8.945  9.469   6.734   1.00 34.62 ? 3   GLN A CA  1 
ATOM   17   C C   . GLN A 1 3   ? -9.951  8.508   7.434   1.00 33.97 ? 3   GLN A C   1 
ATOM   18   O O   . GLN A 1 3   ? -9.795  8.182   8.596   1.00 34.50 ? 3   GLN A O   1 
ATOM   19   C CB  . GLN A 1 3   ? -9.064  10.902  7.271   1.00 36.29 ? 3   GLN A CB  1 
ATOM   20   C CG  . GLN A 1 3   ? -8.038  11.890  6.667   1.00 39.92 ? 3   GLN A CG  1 
ATOM   21   C CD  . GLN A 1 3   ? -6.621  11.847  7.308   1.00 41.57 ? 3   GLN A CD  1 
ATOM   22   O OE1 . GLN A 1 3   ? -5.704  12.552  6.846   1.00 42.70 ? 3   GLN A OE1 1 
ATOM   23   N NE2 . GLN A 1 3   ? -6.444  11.046  8.367   1.00 43.29 ? 3   GLN A NE2 1 
ATOM   24   N N   . ALA A 1 4   ? -10.969 8.063   6.703   1.00 32.34 ? 4   ALA A N   1 
ATOM   25   C CA  . ALA A 1 4   ? -11.985 7.174   7.266   1.00 30.77 ? 4   ALA A CA  1 
ATOM   26   C C   . ALA A 1 4   ? -11.567 5.704   7.204   1.00 28.80 ? 4   ALA A C   1 
ATOM   27   O O   . ALA A 1 4   ? -11.962 4.858   8.042   1.00 30.13 ? 4   ALA A O   1 
ATOM   28   C CB  . ALA A 1 4   ? -13.322 7.370   6.512   1.00 30.25 ? 4   ALA A CB  1 
ATOM   29   N N   . GLU A 1 5   ? -10.717 5.407   6.230   1.00 24.21 ? 5   GLU A N   1 
ATOM   30   C CA  . GLU A 1 5   ? -10.274 4.049   5.985   1.00 20.37 ? 5   GLU A CA  1 
ATOM   31   C C   . GLU A 1 5   ? -9.377  3.456   7.067   1.00 18.41 ? 5   GLU A C   1 
ATOM   32   O O   . GLU A 1 5   ? -8.368  4.018   7.404   1.00 16.27 ? 5   GLU A O   1 
ATOM   33   C CB  . GLU A 1 5   ? -9.618  4.006   4.604   1.00 20.31 ? 5   GLU A CB  1 
ATOM   34   C CG  . GLU A 1 5   ? -10.476 4.684   3.529   1.00 21.81 ? 5   GLU A CG  1 
ATOM   35   C CD  . GLU A 1 5   ? -11.823 4.010   3.376   1.00 21.63 ? 5   GLU A CD  1 
ATOM   36   O OE1 . GLU A 1 5   ? -12.807 4.669   2.987   1.00 24.38 ? 5   GLU A OE1 1 
ATOM   37   O OE2 . GLU A 1 5   ? -11.899 2.810   3.648   1.00 21.99 ? 5   GLU A OE2 1 
ATOM   38   N N   . GLU A 1 6   ? -9.743  2.278   7.570   1.00 16.02 ? 6   GLU A N   1 
ATOM   39   C CA  . GLU A 1 6   ? -8.948  1.616   8.601   1.00 14.55 ? 6   GLU A CA  1 
ATOM   40   C C   . GLU A 1 6   ? -7.482  1.246   8.074   1.00 14.46 ? 6   GLU A C   1 
ATOM   41   O O   . GLU A 1 6   ? -6.573  1.087   8.895   1.00 14.41 ? 6   GLU A O   1 
ATOM   42   C CB  . GLU A 1 6   ? -9.701  0.404   9.191   1.00 12.43 ? 6   GLU A CB  1 
ATOM   43   C CG  . GLU A 1 6   ? -9.754  -0.818  8.327   1.00 11.77 ? 6   GLU A CG  1 
ATOM   44   C CD  . GLU A 1 6   ? -10.829 -0.768  7.243   1.00 10.00 ? 6   GLU A CD  1 
ATOM   45   O OE1 . GLU A 1 6   ? -10.959 -1.751  6.487   1.00 12.07 ? 6   GLU A OE1 1 
ATOM   46   O OE2 . GLU A 1 6   ? -11.554 0.231   7.143   1.00 11.45 ? 6   GLU A OE2 1 
ATOM   47   N N   . TRP A 1 7   ? -7.316  1.111   6.753   1.00 12.53 ? 7   TRP A N   1 
ATOM   48   C CA  . TRP A 1 7   ? -6.015  0.796   6.146   1.00 12.98 ? 7   TRP A CA  1 
ATOM   49   C C   . TRP A 1 7   ? -5.230  2.067   5.835   1.00 12.60 ? 7   TRP A C   1 
ATOM   50   O O   . TRP A 1 7   ? -4.090  1.974   5.356   1.00 12.04 ? 7   TRP A O   1 
ATOM   51   C CB  . TRP A 1 7   ? -6.156  -0.048  4.860   1.00 12.64 ? 7   TRP A CB  1 
ATOM   52   C CG  . TRP A 1 7   ? -7.310  0.343   3.954   1.00 13.08 ? 7   TRP A CG  1 
ATOM   53   C CD1 . TRP A 1 7   ? -8.519  -0.302  3.841   1.00 14.64 ? 7   TRP A CD1 1 
ATOM   54   C CD2 . TRP A 1 7   ? -7.353  1.432   3.028   1.00 12.71 ? 7   TRP A CD2 1 
ATOM   55   N NE1 . TRP A 1 7   ? -9.301  0.315   2.902   1.00 13.50 ? 7   TRP A NE1 1 
ATOM   56   C CE2 . TRP A 1 7   ? -8.620  1.385   2.388   1.00 12.64 ? 7   TRP A CE2 1 
ATOM   57   C CE3 . TRP A 1 7   ? -6.457  2.446   2.669   1.00 13.62 ? 7   TRP A CE3 1 
ATOM   58   C CZ2 . TRP A 1 7   ? -9.003  2.314   1.417   1.00 15.19 ? 7   TRP A CZ2 1 
ATOM   59   C CZ3 . TRP A 1 7   ? -6.847  3.375   1.688   1.00 14.98 ? 7   TRP A CZ3 1 
ATOM   60   C CH2 . TRP A 1 7   ? -8.109  3.299   1.078   1.00 14.83 ? 7   TRP A CH2 1 
ATOM   61   N N   . TYR A 1 8   ? -5.810  3.237   6.115   1.00 13.17 ? 8   TYR A N   1 
ATOM   62   C CA  . TYR A 1 8   ? -5.080  4.484   5.877   1.00 15.45 ? 8   TYR A CA  1 
ATOM   63   C C   . TYR A 1 8   ? -4.347  4.903   7.189   1.00 16.40 ? 8   TYR A C   1 
ATOM   64   O O   . TYR A 1 8   ? -4.990  5.358   8.170   1.00 17.40 ? 8   TYR A O   1 
ATOM   65   C CB  . TYR A 1 8   ? -5.998  5.645   5.539   1.00 16.97 ? 8   TYR A CB  1 
ATOM   66   C CG  . TYR A 1 8   ? -5.202  6.887   5.171   1.00 17.53 ? 8   TYR A CG  1 
ATOM   67   C CD1 . TYR A 1 8   ? -4.330  6.874   4.071   1.00 18.33 ? 8   TYR A CD1 1 
ATOM   68   C CD2 . TYR A 1 8   ? -5.276  8.053   5.945   1.00 17.32 ? 8   TYR A CD2 1 
ATOM   69   C CE1 . TYR A 1 8   ? -3.550  8.001   3.761   1.00 19.60 ? 8   TYR A CE1 1 
ATOM   70   C CE2 . TYR A 1 8   ? -4.506  9.170   5.644   1.00 18.39 ? 8   TYR A CE2 1 
ATOM   71   C CZ  . TYR A 1 8   ? -3.649  9.136   4.558   1.00 18.46 ? 8   TYR A CZ  1 
ATOM   72   O OH  . TYR A 1 8   ? -2.893  10.228  4.264   1.00 20.06 ? 8   TYR A OH  1 
ATOM   73   N N   . PHE A 1 9   ? -3.024  4.759   7.202   1.00 15.96 ? 9   PHE A N   1 
ATOM   74   C CA  . PHE A 1 9   ? -2.237  5.087   8.389   1.00 15.31 ? 9   PHE A CA  1 
ATOM   75   C C   . PHE A 1 9   ? -1.764  6.511   8.413   1.00 16.72 ? 9   PHE A C   1 
ATOM   76   O O   . PHE A 1 9   ? -1.064  6.923   9.350   1.00 17.36 ? 9   PHE A O   1 
ATOM   77   C CB  . PHE A 1 9   ? -1.074  4.111   8.566   1.00 14.10 ? 9   PHE A CB  1 
ATOM   78   C CG  . PHE A 1 9   ? -1.494  2.733   9.019   1.00 15.54 ? 9   PHE A CG  1 
ATOM   79   C CD1 . PHE A 1 9   ? -2.743  2.214   8.676   1.00 15.64 ? 9   PHE A CD1 1 
ATOM   80   C CD2 . PHE A 1 9   ? -0.636  1.944   9.779   1.00 17.12 ? 9   PHE A CD2 1 
ATOM   81   C CE1 . PHE A 1 9   ? -3.130  0.939   9.080   1.00 15.75 ? 9   PHE A CE1 1 
ATOM   82   C CE2 . PHE A 1 9   ? -1.013  0.650   10.199  1.00 18.30 ? 9   PHE A CE2 1 
ATOM   83   C CZ  . PHE A 1 9   ? -2.269  0.152   9.842   1.00 16.71 ? 9   PHE A CZ  1 
ATOM   84   N N   . GLY A 1 10  ? -2.114  7.266   7.380   1.00 16.22 ? 10  GLY A N   1 
ATOM   85   C CA  . GLY A 1 10  ? -1.744  8.661   7.323   1.00 18.01 ? 10  GLY A CA  1 
ATOM   86   C C   . GLY A 1 10  ? -0.268  8.979   7.388   1.00 18.66 ? 10  GLY A C   1 
ATOM   87   O O   . GLY A 1 10  ? 0.545   8.394   6.710   1.00 18.62 ? 10  GLY A O   1 
ATOM   88   N N   . LYS A 1 11  ? 0.070   9.914   8.257   1.00 18.82 ? 11  LYS A N   1 
ATOM   89   C CA  . LYS A 1 11  ? 1.440   10.356  8.392   1.00 20.36 ? 11  LYS A CA  1 
ATOM   90   C C   . LYS A 1 11  ? 2.357   9.506   9.237   1.00 19.29 ? 11  LYS A C   1 
ATOM   91   O O   . LYS A 1 11  ? 2.756   9.915   10.318  1.00 21.64 ? 11  LYS A O   1 
ATOM   92   C CB  . LYS A 1 11  ? 1.424   11.847  8.775   1.00 21.93 ? 11  LYS A CB  1 
ATOM   93   C CG  . LYS A 1 11  ? 2.770   12.497  8.878   1.00 24.93 ? 11  LYS A CG  1 
ATOM   94   C CD  . LYS A 1 11  ? 2.557   13.978  9.015   1.00 26.83 ? 11  LYS A CD  1 
ATOM   95   C CE  . LYS A 1 11  ? 3.847   14.686  9.297   1.00 28.50 ? 11  LYS A CE  1 
ATOM   96   N NZ  . LYS A 1 11  ? 3.726   16.055  8.748   1.00 31.85 ? 11  LYS A NZ  1 
ATOM   97   N N   . ILE A 1 12  ? 2.629   8.283   8.802   1.00 17.73 ? 12  ILE A N   1 
ATOM   98   C CA  . ILE A 1 12  ? 3.595   7.434   9.500   1.00 16.16 ? 12  ILE A CA  1 
ATOM   99   C C   . ILE A 1 12  ? 4.797   7.330   8.577   1.00 14.90 ? 12  ILE A C   1 
ATOM   100  O O   . ILE A 1 12  ? 4.648   7.471   7.386   1.00 15.05 ? 12  ILE A O   1 
ATOM   101  C CB  . ILE A 1 12  ? 3.084   6.003   9.870   1.00 17.20 ? 12  ILE A CB  1 
ATOM   102  C CG1 . ILE A 1 12  ? 2.615   5.226   8.633   1.00 15.63 ? 12  ILE A CG1 1 
ATOM   103  C CG2 . ILE A 1 12  ? 2.080   6.105   10.978  1.00 17.99 ? 12  ILE A CG2 1 
ATOM   104  C CD1 . ILE A 1 12  ? 2.640   3.731   8.871   1.00 18.23 ? 12  ILE A CD1 1 
ATOM   105  N N   . THR A 1 13  ? 5.980   7.084   9.119   1.00 12.97 ? 13  THR A N   1 
ATOM   106  C CA  . THR A 1 13  ? 7.152   7.005   8.292   1.00 12.42 ? 13  THR A CA  1 
ATOM   107  C C   . THR A 1 13  ? 7.299   5.644   7.598   1.00 12.48 ? 13  THR A C   1 
ATOM   108  O O   . THR A 1 13  ? 6.649   4.647   7.883   1.00 12.28 ? 13  THR A O   1 
ATOM   109  C CB  . THR A 1 13  ? 8.470   7.272   9.113   1.00 12.77 ? 13  THR A CB  1 
ATOM   110  O OG1 . THR A 1 13  ? 8.669   6.209   10.045  1.00 12.94 ? 13  THR A OG1 1 
ATOM   111  C CG2 . THR A 1 13  ? 8.422   8.630   9.841   1.00 12.76 ? 13  THR A CG2 1 
ATOM   112  N N   . ARG A 1 14  ? 8.222   5.638   6.652   1.00 12.45 ? 14  ARG A N   1 
ATOM   113  C CA  . ARG A 1 14  ? 8.584   4.453   5.908   1.00 13.85 ? 14  ARG A CA  1 
ATOM   114  C C   . ARG A 1 14  ? 9.197   3.353   6.906   1.00 14.20 ? 14  ARG A C   1 
ATOM   115  O O   . ARG A 1 14  ? 8.857   2.186   6.856   1.00 12.94 ? 14  ARG A O   1 
ATOM   116  C CB  . ARG A 1 14  ? 9.624   4.853   4.864   1.00 14.21 ? 14  ARG A CB  1 
ATOM   117  C CG  . ARG A 1 14  ? 10.277  3.720   4.216   1.00 16.26 ? 14  ARG A CG  1 
ATOM   118  C CD  . ARG A 1 14  ? 11.340  4.267   3.348   1.00 18.50 ? 14  ARG A CD  1 
ATOM   119  N NE  . ARG A 1 14  ? 11.964  3.177   2.656   1.00 20.49 ? 14  ARG A NE  1 
ATOM   120  C CZ  . ARG A 1 14  ? 11.677  2.826   1.415   1.00 20.91 ? 14  ARG A CZ  1 
ATOM   121  N NH1 . ARG A 1 14  ? 12.318  1.775   0.914   1.00 23.06 ? 14  ARG A NH1 1 
ATOM   122  N NH2 . ARG A 1 14  ? 10.798  3.535   0.678   1.00 22.20 ? 14  ARG A NH2 1 
ATOM   123  N N   . ARG A 1 15  ? 10.100  3.788   7.786   1.00 14.48 ? 15  ARG A N   1 
ATOM   124  C CA  . ARG A 1 15  ? 10.728  2.894   8.769   1.00 13.83 ? 15  ARG A CA  1 
ATOM   125  C C   . ARG A 1 15  ? 9.633   2.294   9.711   1.00 12.48 ? 15  ARG A C   1 
ATOM   126  O O   . ARG A 1 15  ? 9.634   1.162   10.047  1.00 11.48 ? 15  ARG A O   1 
ATOM   127  C CB  . ARG A 1 15  ? 11.755  3.670   9.609   1.00 12.53 ? 15  ARG A CB  1 
ATOM   128  C CG  . ARG A 1 15  ? 12.359  2.831   10.700  1.00 13.20 ? 15  ARG A CG  1 
ATOM   129  C CD  . ARG A 1 15  ? 13.451  3.544   11.479  1.00 14.95 ? 15  ARG A CD  1 
ATOM   130  N NE  . ARG A 1 15  ? 13.946  2.695   12.569  1.00 15.55 ? 15  ARG A NE  1 
ATOM   131  C CZ  . ARG A 1 15  ? 14.896  1.772   12.431  1.00 16.68 ? 15  ARG A CZ  1 
ATOM   132  N NH1 . ARG A 1 15  ? 15.470  1.581   11.253  1.00 17.94 ? 15  ARG A NH1 1 
ATOM   133  N NH2 . ARG A 1 15  ? 15.251  1.008   13.461  1.00 19.27 ? 15  ARG A NH2 1 
ATOM   134  N N   . GLU A 1 16  ? 8.701   3.144   10.113  1.00 12.71 ? 16  GLU A N   1 
ATOM   135  C CA  . GLU A 1 16  ? 7.617   2.715   10.974  1.00 14.32 ? 16  GLU A CA  1 
ATOM   136  C C   . GLU A 1 16  ? 6.718   1.693   10.231  1.00 13.21 ? 16  GLU A C   1 
ATOM   137  O O   . GLU A 1 16  ? 6.303   0.680   10.862  1.00 12.31 ? 16  GLU A O   1 
ATOM   138  C CB  . GLU A 1 16  ? 6.837   3.933   11.477  1.00 16.05 ? 16  GLU A CB  1 
ATOM   139  C CG  . GLU A 1 16  ? 5.532   3.601   12.206  1.00 19.76 ? 16  GLU A CG  1 
ATOM   140  C CD  . GLU A 1 16  ? 5.728   2.856   13.522  1.00 21.57 ? 16  GLU A CD  1 
ATOM   141  O OE1 . GLU A 1 16  ? 4.704   2.490   14.138  1.00 25.38 ? 16  GLU A OE1 1 
ATOM   142  O OE2 . GLU A 1 16  ? 6.879   2.634   13.949  1.00 23.03 ? 16  GLU A OE2 1 
ATOM   143  N N   . SER A 1 17  ? 6.415   1.953   8.952   1.00 11.63 ? 17  SER A N   1 
ATOM   144  C CA  . SER A 1 17  ? 5.596   1.019   8.173   1.00 10.96 ? 17  SER A CA  1 
ATOM   145  C C   . SER A 1 17  ? 6.300   -0.344  8.097   1.00 10.70 ? 17  SER A C   1 
ATOM   146  O O   . SER A 1 17  ? 5.644   -1.391  8.232   1.00 8.74  ? 17  SER A O   1 
ATOM   147  C CB  . SER A 1 17  ? 5.209   1.615   6.814   1.00 11.88 ? 17  SER A CB  1 
ATOM   148  O OG  . SER A 1 17  ? 6.277   1.545   5.884   1.00 14.50 ? 17  SER A OG  1 
ATOM   149  N N   . GLU A 1 18  ? 7.630   -0.338  7.954   1.00 9.98  ? 18  GLU A N   1 
ATOM   150  C CA  . GLU A 1 18  ? 8.381   -1.588  7.913   1.00 11.57 ? 18  GLU A CA  1 
ATOM   151  C C   . GLU A 1 18  ? 8.353   -2.243  9.267   1.00 11.60 ? 18  GLU A C   1 
ATOM   152  O O   . GLU A 1 18  ? 8.184   -3.443  9.339   1.00 11.78 ? 18  GLU A O   1 
ATOM   153  C CB  . GLU A 1 18  ? 9.800   -1.359  7.384   1.00 13.44 ? 18  GLU A CB  1 
ATOM   154  C CG  . GLU A 1 18  ? 9.804   -0.825  5.977   1.00 16.06 ? 18  GLU A CG  1 
ATOM   155  C CD  . GLU A 1 18  ? 11.196  -0.534  5.454   1.00 22.21 ? 18  GLU A CD  1 
ATOM   156  O OE1 . GLU A 1 18  ? 11.366  -0.490  4.215   1.00 21.34 ? 18  GLU A OE1 1 
ATOM   157  O OE2 . GLU A 1 18  ? 12.123  -0.345  6.277   1.00 24.52 ? 18  GLU A OE2 1 
ATOM   158  N N   . ARG A 1 19  ? 8.439   -1.460  10.341  1.00 11.23 ? 19  ARG A N   1 
ATOM   159  C CA  . ARG A 1 19  ? 8.404   -2.052  11.670  1.00 12.44 ? 19  ARG A CA  1 
ATOM   160  C C   . ARG A 1 19  ? 7.044   -2.825  11.864  1.00 11.50 ? 19  ARG A C   1 
ATOM   161  O O   . ARG A 1 19  ? 7.008   -3.916  12.369  1.00 12.89 ? 19  ARG A O   1 
ATOM   162  C CB  . ARG A 1 19  ? 8.498   -0.974  12.765  1.00 13.04 ? 19  ARG A CB  1 
ATOM   163  C CG  . ARG A 1 19  ? 8.850   -1.560  14.153  1.00 15.18 ? 19  ARG A CG  1 
ATOM   164  C CD  . ARG A 1 19  ? 8.837   -0.487  15.236  1.00 14.66 ? 19  ARG A CD  1 
ATOM   165  N NE  . ARG A 1 19  ? 7.512   0.105   15.321  1.00 19.22 ? 19  ARG A NE  1 
ATOM   166  C CZ  . ARG A 1 19  ? 6.514   -0.435  16.001  1.00 18.94 ? 19  ARG A CZ  1 
ATOM   167  N NH1 . ARG A 1 19  ? 6.717   -1.572  16.661  1.00 20.17 ? 19  ARG A NH1 1 
ATOM   168  N NH2 . ARG A 1 19  ? 5.318   0.138   15.990  1.00 20.07 ? 19  ARG A NH2 1 
ATOM   169  N N   . LEU A 1 20  ? 5.954   -2.194  11.463  1.00 11.57 ? 20  LEU A N   1 
ATOM   170  C CA  . LEU A 1 20  ? 4.631   -2.786  11.582  1.00 12.60 ? 20  LEU A CA  1 
ATOM   171  C C   . LEU A 1 20  ? 4.422   -3.979  10.647  1.00 13.14 ? 20  LEU A C   1 
ATOM   172  O O   . LEU A 1 20  ? 3.871   -4.980  11.104  1.00 14.11 ? 20  LEU A O   1 
ATOM   173  C CB  . LEU A 1 20  ? 3.545   -1.751  11.278  1.00 13.67 ? 20  LEU A CB  1 
ATOM   174  C CG  . LEU A 1 20  ? 3.417   -0.573  12.257  1.00 15.57 ? 20  LEU A CG  1 
ATOM   175  C CD1 . LEU A 1 20  ? 2.247   0.272   11.831  1.00 16.89 ? 20  LEU A CD1 1 
ATOM   176  C CD2 . LEU A 1 20  ? 3.271   -1.049  13.695  1.00 16.05 ? 20  LEU A CD2 1 
ATOM   177  N N   . LEU A 1 21  ? 4.877   -3.892  9.395   1.00 12.03 ? 21  LEU A N   1 
ATOM   178  C CA  . LEU A 1 21  ? 4.706   -4.984  8.426   1.00 11.83 ? 21  LEU A CA  1 
ATOM   179  C C   . LEU A 1 21  ? 5.618   -6.179  8.635   1.00 13.24 ? 21  LEU A C   1 
ATOM   180  O O   . LEU A 1 21  ? 5.286   -7.277  8.205   1.00 14.31 ? 21  LEU A O   1 
ATOM   181  C CB  . LEU A 1 21  ? 4.804   -4.443  6.993   1.00 9.32  ? 21  LEU A CB  1 
ATOM   182  C CG  . LEU A 1 21  ? 3.644   -3.493  6.673   1.00 9.31  ? 21  LEU A CG  1 
ATOM   183  C CD1 . LEU A 1 21  ? 3.924   -2.562  5.470   1.00 8.40  ? 21  LEU A CD1 1 
ATOM   184  C CD2 . LEU A 1 21  ? 2.367   -4.302  6.463   1.00 8.52  ? 21  LEU A CD2 1 
ATOM   185  N N   . LEU A 1 22  ? 6.731   -6.000  9.329   1.00 13.97 ? 22  LEU A N   1 
ATOM   186  C CA  . LEU A 1 22  ? 7.665   -7.098  9.563   1.00 15.16 ? 22  LEU A CA  1 
ATOM   187  C C   . LEU A 1 22  ? 7.327   -7.889  10.745  1.00 16.36 ? 22  LEU A C   1 
ATOM   188  O O   . LEU A 1 22  ? 8.135   -8.202  11.562  1.00 19.46 ? 22  LEU A O   1 
ATOM   189  C CB  . LEU A 1 22  ? 9.100   -6.584  9.647   1.00 14.09 ? 22  LEU A CB  1 
ATOM   190  C CG  . LEU A 1 22  ? 9.732   -6.032  8.367   1.00 15.62 ? 22  LEU A CG  1 
ATOM   191  C CD1 . LEU A 1 22  ? 11.023  -5.285  8.734   1.00 15.92 ? 22  LEU A CD1 1 
ATOM   192  C CD2 . LEU A 1 22  ? 9.993   -7.142  7.334   1.00 14.76 ? 22  LEU A CD2 1 
ATOM   193  N N   . ASN A 1 23  ? 6.052   -8.152  10.915  1.00 17.79 ? 23  ASN A N   1 
ATOM   194  C CA  . ASN A 1 23  ? 5.625   -8.977  12.021  1.00 17.78 ? 23  ASN A CA  1 
ATOM   195  C C   . ASN A 1 23  ? 5.445   -10.404 11.462  1.00 17.03 ? 23  ASN A C   1 
ATOM   196  O O   . ASN A 1 23  ? 4.847   -10.604 10.403  1.00 14.78 ? 23  ASN A O   1 
ATOM   197  C CB  . ASN A 1 23  ? 4.373   -8.382  12.644  1.00 19.87 ? 23  ASN A CB  1 
ATOM   198  C CG  . ASN A 1 23  ? 3.853   -9.218  13.797  1.00 21.59 ? 23  ASN A CG  1 
ATOM   199  O OD1 . ASN A 1 23  ? 3.927   -10.455 13.772  1.00 20.47 ? 23  ASN A OD1 1 
ATOM   200  N ND2 . ASN A 1 23  ? 3.383   -8.545  14.847  1.00 24.56 ? 23  ASN A ND2 1 
ATOM   201  N N   . ALA A 1 24  ? 5.980   -11.380 12.193  1.00 17.00 ? 24  ALA A N   1 
ATOM   202  C CA  . ALA A 1 24  ? 5.938   -12.798 11.814  1.00 17.48 ? 24  ALA A CA  1 
ATOM   203  C C   . ALA A 1 24  ? 4.561   -13.340 11.552  1.00 16.60 ? 24  ALA A C   1 
ATOM   204  O O   . ALA A 1 24  ? 4.408   -14.303 10.817  1.00 18.35 ? 24  ALA A O   1 
ATOM   205  C CB  . ALA A 1 24  ? 6.615   -13.650 12.883  1.00 18.41 ? 24  ALA A CB  1 
ATOM   206  N N   . GLU A 1 25  ? 3.565   -12.771 12.206  1.00 15.12 ? 25  GLU A N   1 
ATOM   207  C CA  . GLU A 1 25  ? 2.193   -13.209 12.023  1.00 15.34 ? 25  GLU A CA  1 
ATOM   208  C C   . GLU A 1 25  ? 1.513   -12.652 10.762  1.00 14.09 ? 25  GLU A C   1 
ATOM   209  O O   . GLU A 1 25  ? 0.444   -13.123 10.413  1.00 12.96 ? 25  GLU A O   1 
ATOM   210  C CB  . GLU A 1 25  ? 1.387   -12.856 13.261  1.00 16.98 ? 25  GLU A CB  1 
ATOM   211  C CG  . GLU A 1 25  ? 1.995   -13.508 14.497  1.00 22.13 ? 25  GLU A CG  1 
ATOM   212  C CD  . GLU A 1 25  ? 1.157   -13.342 15.746  1.00 23.81 ? 25  GLU A CD  1 
ATOM   213  O OE1 . GLU A 1 25  ? 1.599   -13.813 16.817  1.00 24.83 ? 25  GLU A OE1 1 
ATOM   214  O OE2 . GLU A 1 25  ? 0.065   -12.748 15.652  1.00 26.79 ? 25  GLU A OE2 1 
ATOM   215  N N   . ASN A 1 26  ? 2.142   -11.707 10.073  1.00 12.07 ? 26  ASN A N   1 
ATOM   216  C CA  . ASN A 1 26  ? 1.527   -11.128 8.879   1.00 12.10 ? 26  ASN A CA  1 
ATOM   217  C C   . ASN A 1 26  ? 1.662   -12.006 7.684   1.00 10.91 ? 26  ASN A C   1 
ATOM   218  O O   . ASN A 1 26  ? 2.728   -12.434 7.393   1.00 11.32 ? 26  ASN A O   1 
ATOM   219  C CB  . ASN A 1 26  ? 2.185   -9.786  8.509   1.00 11.37 ? 26  ASN A CB  1 
ATOM   220  C CG  . ASN A 1 26  ? 1.909   -8.709  9.522   1.00 11.39 ? 26  ASN A CG  1 
ATOM   221  O OD1 . ASN A 1 26  ? 0.930   -8.776  10.240  1.00 11.04 ? 26  ASN A OD1 1 
ATOM   222  N ND2 . ASN A 1 26  ? 2.739   -7.666  9.536   1.00 10.13 ? 26  ASN A ND2 1 
ATOM   223  N N   . PRO A 1 27  ? 0.550   -12.390 7.047   1.00 10.86 ? 27  PRO A N   1 
ATOM   224  C CA  . PRO A 1 27  ? 0.734   -13.231 5.864   1.00 11.38 ? 27  PRO A CA  1 
ATOM   225  C C   . PRO A 1 27  ? 1.073   -12.262 4.676   1.00 10.97 ? 27  PRO A C   1 
ATOM   226  O O   . PRO A 1 27  ? 0.986   -10.994 4.861   1.00 10.61 ? 27  PRO A O   1 
ATOM   227  C CB  . PRO A 1 27  ? -0.631  -13.888 5.697   1.00 10.93 ? 27  PRO A CB  1 
ATOM   228  C CG  . PRO A 1 27  ? -1.527  -12.854 6.124   1.00 13.79 ? 27  PRO A CG  1 
ATOM   229  C CD  . PRO A 1 27  ? -0.867  -12.333 7.415   1.00 12.47 ? 27  PRO A CD  1 
ATOM   230  N N   . ARG A 1 28  ? 1.390   -12.815 3.503   1.00 10.76 ? 28  ARG A N   1 
ATOM   231  C CA  . ARG A 1 28  ? 1.710   -11.994 2.348   1.00 11.53 ? 28  ARG A CA  1 
ATOM   232  C C   . ARG A 1 28  ? 0.549   -11.134 1.979   1.00 11.31 ? 28  ARG A C   1 
ATOM   233  O O   . ARG A 1 28  ? -0.623  -11.543 2.114   1.00 11.09 ? 28  ARG A O   1 
ATOM   234  C CB  . ARG A 1 28  ? 2.006   -12.866 1.128   1.00 13.23 ? 28  ARG A CB  1 
ATOM   235  C CG  . ARG A 1 28  ? 3.322   -13.588 1.202   1.00 17.52 ? 28  ARG A CG  1 
ATOM   236  C CD  . ARG A 1 28  ? 3.471   -14.464 -0.015  1.00 20.83 ? 28  ARG A CD  1 
ATOM   237  N NE  . ARG A 1 28  ? 2.853   -15.763 0.247   1.00 27.17 ? 28  ARG A NE  1 
ATOM   238  C CZ  . ARG A 1 28  ? 2.603   -16.693 -0.678  1.00 29.22 ? 28  ARG A CZ  1 
ATOM   239  N NH1 . ARG A 1 28  ? 2.064   -17.856 -0.323  1.00 26.15 ? 28  ARG A NH1 1 
ATOM   240  N NH2 . ARG A 1 28  ? 2.849   -16.439 -1.966  1.00 31.89 ? 28  ARG A NH2 1 
ATOM   241  N N   . GLY A 1 29  ? 0.844   -9.908  1.555   1.00 10.27 ? 29  GLY A N   1 
ATOM   242  C CA  . GLY A 1 29  ? -0.212  -9.002  1.165   1.00 10.51 ? 29  GLY A CA  1 
ATOM   243  C C   . GLY A 1 29  ? -0.757  -8.146  2.293   1.00 9.93  ? 29  GLY A C   1 
ATOM   244  O O   . GLY A 1 29  ? -1.693  -7.451  2.072   1.00 10.46 ? 29  GLY A O   1 
ATOM   245  N N   . THR A 1 30  ? -0.240  -8.294  3.516   1.00 9.15  ? 30  THR A N   1 
ATOM   246  C CA  . THR A 1 30  ? -0.667  -7.434  4.636   1.00 9.31  ? 30  THR A CA  1 
ATOM   247  C C   . THR A 1 30  ? -0.208  -6.017  4.182   1.00 8.72  ? 30  THR A C   1 
ATOM   248  O O   . THR A 1 30  ? 0.885   -5.877  3.665   1.00 9.88  ? 30  THR A O   1 
ATOM   249  C CB  . THR A 1 30  ? -0.030  -7.844  5.978   1.00 8.16  ? 30  THR A CB  1 
ATOM   250  O OG1 . THR A 1 30  ? -0.419  -9.196  6.304   1.00 10.04 ? 30  THR A OG1 1 
ATOM   251  C CG2 . THR A 1 30  ? -0.473  -6.897  7.108   1.00 8.25  ? 30  THR A CG2 1 
ATOM   252  N N   . PHE A 1 31  ? -1.053  -5.010  4.369   1.00 8.47  ? 31  PHE A N   1 
ATOM   253  C CA  . PHE A 1 31  ? -0.736  -3.684  3.852   1.00 8.59  ? 31  PHE A CA  1 
ATOM   254  C C   . PHE A 1 31  ? -1.286  -2.519  4.629   1.00 8.86  ? 31  PHE A C   1 
ATOM   255  O O   . PHE A 1 31  ? -2.122  -2.630  5.553   1.00 10.02 ? 31  PHE A O   1 
ATOM   256  C CB  . PHE A 1 31  ? -1.315  -3.562  2.415   1.00 7.92  ? 31  PHE A CB  1 
ATOM   257  C CG  . PHE A 1 31  ? -2.835  -3.398  2.374   1.00 9.09  ? 31  PHE A CG  1 
ATOM   258  C CD1 . PHE A 1 31  ? -3.405  -2.143  2.138   1.00 7.41  ? 31  PHE A CD1 1 
ATOM   259  C CD2 . PHE A 1 31  ? -3.689  -4.476  2.665   1.00 8.79  ? 31  PHE A CD2 1 
ATOM   260  C CE1 . PHE A 1 31  ? -4.774  -1.953  2.197   1.00 7.83  ? 31  PHE A CE1 1 
ATOM   261  C CE2 . PHE A 1 31  ? -5.071  -4.279  2.725   1.00 8.50  ? 31  PHE A CE2 1 
ATOM   262  C CZ  . PHE A 1 31  ? -5.612  -3.009  2.491   1.00 6.93  ? 31  PHE A CZ  1 
ATOM   263  N N   . LEU A 1 32  ? -0.798  -1.342  4.246   1.00 8.48  ? 32  LEU A N   1 
ATOM   264  C CA  . LEU A 1 32  ? -1.253  -0.076  4.790   1.00 8.80  ? 32  LEU A CA  1 
ATOM   265  C C   . LEU A 1 32  ? -0.964  0.953   3.729   1.00 9.62  ? 32  LEU A C   1 
ATOM   266  O O   . LEU A 1 32  ? -0.129  0.713   2.812   1.00 11.23 ? 32  LEU A O   1 
ATOM   267  C CB  . LEU A 1 32  ? -0.560  0.260   6.121   1.00 9.08  ? 32  LEU A CB  1 
ATOM   268  C CG  . LEU A 1 32  ? 0.961   0.487   6.097   1.00 9.71  ? 32  LEU A CG  1 
ATOM   269  C CD1 . LEU A 1 32  ? 1.279   1.952   5.876   1.00 9.77  ? 32  LEU A CD1 1 
ATOM   270  C CD2 . LEU A 1 32  ? 1.572   0.013   7.415   1.00 11.30 ? 32  LEU A CD2 1 
ATOM   271  N N   . VAL A 1 33  ? -1.733  2.030   3.745   1.00 8.96  ? 33  VAL A N   1 
ATOM   272  C CA  . VAL A 1 33  ? -1.509  3.150   2.832   1.00 10.60 ? 33  VAL A CA  1 
ATOM   273  C C   . VAL A 1 33  ? -1.141  4.314   3.720   1.00 9.91  ? 33  VAL A C   1 
ATOM   274  O O   . VAL A 1 33  ? -1.788  4.564   4.751   1.00 10.80 ? 33  VAL A O   1 
ATOM   275  C CB  . VAL A 1 33  ? -2.766  3.507   2.006   1.00 10.01 ? 33  VAL A CB  1 
ATOM   276  C CG1 . VAL A 1 33  ? -2.517  4.787   1.222   1.00 10.40 ? 33  VAL A CG1 1 
ATOM   277  C CG2 . VAL A 1 33  ? -3.118  2.366   1.071   1.00 11.41 ? 33  VAL A CG2 1 
ATOM   278  N N   . ARG A 1 34  ? -0.065  5.004   3.374   1.00 10.67 ? 34  ARG A N   1 
ATOM   279  C CA  . ARG A 1 34  ? 0.392   6.149   4.174   1.00 11.17 ? 34  ARG A CA  1 
ATOM   280  C C   . ARG A 1 34  ? 0.754   7.305   3.250   1.00 11.53 ? 34  ARG A C   1 
ATOM   281  O O   . ARG A 1 34  ? 0.708   7.200   2.027   1.00 10.78 ? 34  ARG A O   1 
ATOM   282  C CB  . ARG A 1 34  ? 1.637   5.734   4.981   1.00 10.40 ? 34  ARG A CB  1 
ATOM   283  C CG  . ARG A 1 34  ? 2.821   5.305   4.090   1.00 11.13 ? 34  ARG A CG  1 
ATOM   284  C CD  . ARG A 1 34  ? 3.997   4.789   4.888   1.00 10.39 ? 34  ARG A CD  1 
ATOM   285  N NE  . ARG A 1 34  ? 5.048   4.165   4.067   1.00 9.51  ? 34  ARG A NE  1 
ATOM   286  C CZ  . ARG A 1 34  ? 6.029   4.831   3.445   1.00 10.78 ? 34  ARG A CZ  1 
ATOM   287  N NH1 . ARG A 1 34  ? 6.943   4.175   2.755   1.00 10.31 ? 34  ARG A NH1 1 
ATOM   288  N NH2 . ARG A 1 34  ? 6.084   6.157   3.486   1.00 10.56 ? 34  ARG A NH2 1 
ATOM   289  N N   . GLU A 1 35  ? 1.121   8.437   3.834   1.00 12.93 ? 35  GLU A N   1 
ATOM   290  C CA  . GLU A 1 35  ? 1.557   9.554   3.012   1.00 13.63 ? 35  GLU A CA  1 
ATOM   291  C C   . GLU A 1 35  ? 2.982   9.253   2.539   1.00 12.56 ? 35  GLU A C   1 
ATOM   292  O O   . GLU A 1 35  ? 3.780   8.581   3.217   1.00 10.80 ? 35  GLU A O   1 
ATOM   293  C CB  . GLU A 1 35  ? 1.765   10.826  3.825   1.00 14.21 ? 35  GLU A CB  1 
ATOM   294  C CG  . GLU A 1 35  ? 0.495   11.445  4.272   1.00 17.75 ? 35  GLU A CG  1 
ATOM   295  C CD  . GLU A 1 35  ? 0.712   12.736  5.032   1.00 21.94 ? 35  GLU A CD  1 
ATOM   296  O OE1 . GLU A 1 35  ? -0.286  13.298  5.519   1.00 25.56 ? 35  GLU A OE1 1 
ATOM   297  O OE2 . GLU A 1 35  ? 1.855   13.210  5.139   1.00 20.78 ? 35  GLU A OE2 1 
ATOM   298  N N   . SER A 1 36  ? 3.280   9.734   1.342   1.00 12.98 ? 36  SER A N   1 
ATOM   299  C CA  . SER A 1 36  ? 4.622   9.610   0.768   1.00 14.02 ? 36  SER A CA  1 
ATOM   300  C C   . SER A 1 36  ? 5.534   10.485  1.671   1.00 14.55 ? 36  SER A C   1 
ATOM   301  O O   . SER A 1 36  ? 5.071   11.535  2.100   1.00 14.87 ? 36  SER A O   1 
ATOM   302  C CB  . SER A 1 36  ? 4.643   10.244  -0.631  1.00 14.43 ? 36  SER A CB  1 
ATOM   303  O OG  . SER A 1 36  ? 5.941   10.661  -0.985  1.00 16.32 ? 36  SER A OG  1 
ATOM   304  N N   . GLU A 1 37  ? 6.752   10.057  1.976   1.00 14.82 ? 37  GLU A N   1 
ATOM   305  C CA  . GLU A 1 37  ? 7.618   10.883  2.813   1.00 16.17 ? 37  GLU A CA  1 
ATOM   306  C C   . GLU A 1 37  ? 8.186   12.104  2.070   1.00 18.15 ? 37  GLU A C   1 
ATOM   307  O O   . GLU A 1 37  ? 8.368   13.195  2.672   1.00 17.69 ? 37  GLU A O   1 
ATOM   308  C CB  . GLU A 1 37  ? 8.854   10.122  3.281   1.00 15.79 ? 37  GLU A CB  1 
ATOM   309  C CG  . GLU A 1 37  ? 8.586   9.101   4.382   1.00 15.05 ? 37  GLU A CG  1 
ATOM   310  C CD  . GLU A 1 37  ? 9.866   8.609   5.028   1.00 16.22 ? 37  GLU A CD  1 
ATOM   311  O OE1 . GLU A 1 37  ? 10.966  9.011   4.597   1.00 17.93 ? 37  GLU A OE1 1 
ATOM   312  O OE2 . GLU A 1 37  ? 9.789   7.836   5.982   1.00 17.01 ? 37  GLU A OE2 1 
ATOM   313  N N   . THR A 1 38  ? 8.396   11.967  0.766   1.00 19.60 ? 38  THR A N   1 
ATOM   314  C CA  . THR A 1 38  ? 9.007   13.061  0.031   1.00 22.27 ? 38  THR A CA  1 
ATOM   315  C C   . THR A 1 38  ? 8.294   13.621  -1.164  1.00 24.29 ? 38  THR A C   1 
ATOM   316  O O   . THR A 1 38  ? 8.814   14.540  -1.772  1.00 23.49 ? 38  THR A O   1 
ATOM   317  C CB  . THR A 1 38  ? 10.472  12.705  -0.329  1.00 21.48 ? 38  THR A CB  1 
ATOM   318  O OG1 . THR A 1 38  ? 10.517  11.487  -1.088  1.00 20.67 ? 38  THR A OG1 1 
ATOM   319  C CG2 . THR A 1 38  ? 11.291  12.523  0.955   1.00 22.90 ? 38  THR A CG2 1 
ATOM   320  N N   . THR A 1 39  ? 7.088   13.151  -1.464  1.00 26.06 ? 39  THR A N   1 
ATOM   321  C CA  . THR A 1 39  ? 6.354   13.689  -2.607  1.00 29.01 ? 39  THR A CA  1 
ATOM   322  C C   . THR A 1 39  ? 5.049   14.262  -2.179  1.00 29.97 ? 39  THR A C   1 
ATOM   323  O O   . THR A 1 39  ? 4.129   13.545  -1.762  1.00 30.07 ? 39  THR A O   1 
ATOM   324  C CB  . THR A 1 39  ? 6.101   12.620  -3.668  1.00 28.99 ? 39  THR A CB  1 
ATOM   325  O OG1 . THR A 1 39  ? 7.348   12.039  -4.085  1.00 30.48 ? 39  THR A OG1 1 
ATOM   326  C CG2 . THR A 1 39  ? 5.384   13.234  -4.853  1.00 30.67 ? 39  THR A CG2 1 
ATOM   327  N N   . LYS A 1 40  ? 4.937   15.583  -2.238  1.00 31.56 ? 40  LYS A N   1 
ATOM   328  C CA  . LYS A 1 40  ? 3.686   16.207  -1.830  1.00 32.85 ? 40  LYS A CA  1 
ATOM   329  C C   . LYS A 1 40  ? 2.558   15.621  -2.693  1.00 32.16 ? 40  LYS A C   1 
ATOM   330  O O   . LYS A 1 40  ? 2.784   15.274  -3.863  1.00 30.90 ? 40  LYS A O   1 
ATOM   331  C CB  . LYS A 1 40  ? 3.722   17.728  -2.010  1.00 36.28 ? 40  LYS A CB  1 
ATOM   332  C CG  . LYS A 1 40  ? 2.503   18.389  -1.384  1.00 40.56 ? 40  LYS A CG  1 
ATOM   333  C CD  . LYS A 1 40  ? 2.343   19.861  -1.731  1.00 43.65 ? 40  LYS A CD  1 
ATOM   334  C CE  . LYS A 1 40  ? 1.007   20.358  -1.150  1.00 46.14 ? 40  LYS A CE  1 
ATOM   335  N NZ  . LYS A 1 40  ? 0.598   21.719  -1.619  1.00 48.64 ? 40  LYS A NZ  1 
ATOM   336  N N   . GLY A 1 41  ? 1.394   15.425  -2.085  1.00 30.89 ? 41  GLY A N   1 
ATOM   337  C CA  . GLY A 1 41  ? 0.269   14.885  -2.817  1.00 30.90 ? 41  GLY A CA  1 
ATOM   338  C C   . GLY A 1 41  ? 0.279   13.389  -3.142  1.00 30.18 ? 41  GLY A C   1 
ATOM   339  O O   . GLY A 1 41  ? -0.752  12.864  -3.600  1.00 32.84 ? 41  GLY A O   1 
ATOM   340  N N   . ALA A 1 42  ? 1.394   12.701  -2.926  1.00 26.73 ? 42  ALA A N   1 
ATOM   341  C CA  . ALA A 1 42  ? 1.465   11.272  -3.221  1.00 23.08 ? 42  ALA A CA  1 
ATOM   342  C C   . ALA A 1 42  ? 1.322   10.440  -1.970  1.00 21.72 ? 42  ALA A C   1 
ATOM   343  O O   . ALA A 1 42  ? 1.508   10.923  -0.843  1.00 21.11 ? 42  ALA A O   1 
ATOM   344  C CB  . ALA A 1 42  ? 2.767   10.940  -3.912  1.00 22.79 ? 42  ALA A CB  1 
ATOM   345  N N   . TYR A 1 43  ? 0.974   9.169   -2.159  1.00 18.52 ? 43  TYR A N   1 
ATOM   346  C CA  . TYR A 1 43  ? 0.810   8.229   -1.051  1.00 17.14 ? 43  TYR A CA  1 
ATOM   347  C C   . TYR A 1 43  ? 1.687   7.079   -1.308  1.00 15.95 ? 43  TYR A C   1 
ATOM   348  O O   . TYR A 1 43  ? 2.325   7.017   -2.351  1.00 14.88 ? 43  TYR A O   1 
ATOM   349  C CB  . TYR A 1 43  ? -0.614  7.689   -1.014  1.00 17.89 ? 43  TYR A CB  1 
ATOM   350  C CG  . TYR A 1 43  ? -1.637  8.761   -0.831  1.00 20.71 ? 43  TYR A CG  1 
ATOM   351  C CD1 . TYR A 1 43  ? -2.294  9.304   -1.932  1.00 22.49 ? 43  TYR A CD1 1 
ATOM   352  C CD2 . TYR A 1 43  ? -1.933  9.259   0.436   1.00 22.53 ? 43  TYR A CD2 1 
ATOM   353  C CE1 . TYR A 1 43  ? -3.219  10.320  -1.793  1.00 24.80 ? 43  TYR A CE1 1 
ATOM   354  C CE2 . TYR A 1 43  ? -2.864  10.275  0.599   1.00 25.66 ? 43  TYR A CE2 1 
ATOM   355  C CZ  . TYR A 1 43  ? -3.509  10.806  -0.531  1.00 26.32 ? 43  TYR A CZ  1 
ATOM   356  O OH  . TYR A 1 43  ? -4.447  11.824  -0.416  1.00 28.68 ? 43  TYR A OH  1 
ATOM   357  N N   . CYS A 1 44  ? 1.780   6.161   -0.361  1.00 15.36 ? 44  CYS A N   1 
ATOM   358  C CA  . CYS A 1 44  ? 2.587   4.968   -0.546  1.00 15.09 ? 44  CYS A CA  1 
ATOM   359  C C   . CYS A 1 44  ? 1.808   3.821   0.002   1.00 13.33 ? 44  CYS A C   1 
ATOM   360  O O   . CYS A 1 44  ? 1.165   3.898   1.045   1.00 12.56 ? 44  CYS A O   1 
ATOM   361  C CB  . CYS A 1 44  ? 3.991   5.048   0.131   1.00 18.01 ? 44  CYS A CB  1 
ATOM   362  S SG  . CYS A 1 44  ? 5.206   6.256   -0.612  1.00 29.54 ? 44  CYS A SG  1 
ATOM   363  N N   . LEU A 1 45  ? 1.802   2.754   -0.775  1.00 11.95 ? 45  LEU A N   1 
ATOM   364  C CA  . LEU A 1 45  ? 1.153   1.509   -0.409  1.00 10.15 ? 45  LEU A CA  1 
ATOM   365  C C   . LEU A 1 45  ? 2.296   0.600   0.078   1.00 9.93  ? 45  LEU A C   1 
ATOM   366  O O   . LEU A 1 45  ? 3.157   0.242   -0.746  1.00 10.03 ? 45  LEU A O   1 
ATOM   367  C CB  . LEU A 1 45  ? 0.504   0.881   -1.654  1.00 10.53 ? 45  LEU A CB  1 
ATOM   368  C CG  . LEU A 1 45  ? -0.083  -0.518  -1.526  1.00 10.74 ? 45  LEU A CG  1 
ATOM   369  C CD1 . LEU A 1 45  ? -1.177  -0.540  -0.440  1.00 9.30  ? 45  LEU A CD1 1 
ATOM   370  C CD2 . LEU A 1 45  ? -0.633  -0.955  -2.943  1.00 10.25 ? 45  LEU A CD2 1 
ATOM   371  N N   . SER A 1 46  ? 2.361   0.304   1.379   1.00 8.73  ? 46  SER A N   1 
ATOM   372  C CA  . SER A 1 46  ? 3.420   -0.557  1.922   1.00 8.56  ? 46  SER A CA  1 
ATOM   373  C C   . SER A 1 46  ? 2.829   -1.934  2.083   1.00 8.95  ? 46  SER A C   1 
ATOM   374  O O   . SER A 1 46  ? 1.794   -2.113  2.765   1.00 8.31  ? 46  SER A O   1 
ATOM   375  C CB  . SER A 1 46  ? 4.005   0.090   3.175   1.00 8.20  ? 46  SER A CB  1 
ATOM   376  O OG  . SER A 1 46  ? 4.538   1.379   2.861   1.00 7.76  ? 46  SER A OG  1 
ATOM   377  N N   . VAL A 1 47  ? 3.502   -2.924  1.508   1.00 8.81  ? 47  VAL A N   1 
ATOM   378  C CA  . VAL A 1 47  ? 2.979   -4.296  1.498   1.00 8.52  ? 47  VAL A CA  1 
ATOM   379  C C   . VAL A 1 47  ? 3.955   -5.350  1.999   1.00 8.71  ? 47  VAL A C   1 
ATOM   380  O O   . VAL A 1 47  ? 5.147   -5.311  1.666   1.00 9.53  ? 47  VAL A O   1 
ATOM   381  C CB  . VAL A 1 47  ? 2.532   -4.689  0.026   1.00 8.59  ? 47  VAL A CB  1 
ATOM   382  C CG1 . VAL A 1 47  ? 1.753   -6.037  0.002   1.00 8.37  ? 47  VAL A CG1 1 
ATOM   383  C CG2 . VAL A 1 47  ? 1.751   -3.559  -0.637  1.00 8.88  ? 47  VAL A CG2 1 
ATOM   384  N N   . SER A 1 48  ? 3.457   -6.305  2.773   1.00 8.77  ? 48  SER A N   1 
ATOM   385  C CA  . SER A 1 48  ? 4.319   -7.362  3.259   1.00 10.22 ? 48  SER A CA  1 
ATOM   386  C C   . SER A 1 48  ? 4.362   -8.498  2.206   1.00 11.32 ? 48  SER A C   1 
ATOM   387  O O   . SER A 1 48  ? 3.388   -8.738  1.438   1.00 11.58 ? 48  SER A O   1 
ATOM   388  C CB  . SER A 1 48  ? 3.855   -7.862  4.634   1.00 11.78 ? 48  SER A CB  1 
ATOM   389  O OG  . SER A 1 48  ? 2.780   -8.775  4.520   1.00 11.43 ? 48  SER A OG  1 
ATOM   390  N N   . ASP A 1 49  ? 5.499   -9.178  2.162   1.00 11.71 ? 49  ASP A N   1 
ATOM   391  C CA  . ASP A 1 49  ? 5.698   -10.294 1.261   1.00 12.88 ? 49  ASP A CA  1 
ATOM   392  C C   . ASP A 1 49  ? 6.479   -11.303 2.006   1.00 14.11 ? 49  ASP A C   1 
ATOM   393  O O   . ASP A 1 49  ? 6.975   -11.046 3.138   1.00 13.29 ? 49  ASP A O   1 
ATOM   394  C CB  . ASP A 1 49  ? 6.444   -9.835  0.001   1.00 14.66 ? 49  ASP A CB  1 
ATOM   395  C CG  . ASP A 1 49  ? 6.391   -10.861 -1.116  1.00 15.93 ? 49  ASP A CG  1 
ATOM   396  O OD1 . ASP A 1 49  ? 5.512   -11.744 -1.088  1.00 17.20 ? 49  ASP A OD1 1 
ATOM   397  O OD2 . ASP A 1 49  ? 7.215   -10.781 -2.040  1.00 17.62 ? 49  ASP A OD2 1 
ATOM   398  N N   . PHE A 1 50  ? 6.595   -12.485 1.411   1.00 13.69 ? 50  PHE A N   1 
ATOM   399  C CA  . PHE A 1 50  ? 7.360   -13.573 2.007   1.00 16.24 ? 50  PHE A CA  1 
ATOM   400  C C   . PHE A 1 50  ? 7.747   -14.633 0.921   1.00 17.04 ? 50  PHE A C   1 
ATOM   401  O O   . PHE A 1 50  ? 6.906   -15.018 0.108   1.00 16.55 ? 50  PHE A O   1 
ATOM   402  C CB  . PHE A 1 50  ? 6.551   -14.316 3.121   1.00 15.19 ? 50  PHE A CB  1 
ATOM   403  C CG  . PHE A 1 50  ? 7.305   -15.472 3.767   1.00 13.61 ? 50  PHE A CG  1 
ATOM   404  C CD1 . PHE A 1 50  ? 7.269   -16.751 3.206   1.00 14.60 ? 50  PHE A CD1 1 
ATOM   405  C CD2 . PHE A 1 50  ? 8.103   -15.270 4.878   1.00 13.02 ? 50  PHE A CD2 1 
ATOM   406  C CE1 . PHE A 1 50  ? 8.021   -17.792 3.737   1.00 14.02 ? 50  PHE A CE1 1 
ATOM   407  C CE2 . PHE A 1 50  ? 8.849   -16.318 5.404   1.00 13.69 ? 50  PHE A CE2 1 
ATOM   408  C CZ  . PHE A 1 50  ? 8.809   -17.577 4.829   1.00 13.78 ? 50  PHE A CZ  1 
ATOM   409  N N   . ASP A 1 51  ? 9.020   -15.025 0.916   1.00 18.07 ? 51  ASP A N   1 
ATOM   410  C CA  . ASP A 1 51  ? 9.517   -16.098 0.054   1.00 19.33 ? 51  ASP A CA  1 
ATOM   411  C C   . ASP A 1 51  ? 10.711  -16.686 0.741   1.00 19.17 ? 51  ASP A C   1 
ATOM   412  O O   . ASP A 1 51  ? 11.157  -16.135 1.733   1.00 18.21 ? 51  ASP A O   1 
ATOM   413  C CB  . ASP A 1 51  ? 9.589   -15.673 -1.419  1.00 20.98 ? 51  ASP A CB  1 
ATOM   414  C CG  . ASP A 1 51  ? 10.662  -14.650 -1.694  1.00 23.58 ? 51  ASP A CG  1 
ATOM   415  O OD1 . ASP A 1 51  ? 10.386  -13.762 -2.523  1.00 24.01 ? 51  ASP A OD1 1 
ATOM   416  O OD2 . ASP A 1 51  ? 11.771  -14.755 -1.131  1.00 24.11 ? 51  ASP A OD2 1 
ATOM   417  N N   . ASN A 1 52  ? 11.141  -17.864 0.301   1.00 20.88 ? 52  ASN A N   1 
ATOM   418  C CA  . ASN A 1 52  ? 12.289  -18.534 0.921   1.00 23.01 ? 52  ASN A CA  1 
ATOM   419  C C   . ASN A 1 52  ? 13.604  -17.792 0.668   1.00 23.85 ? 52  ASN A C   1 
ATOM   420  O O   . ASN A 1 52  ? 14.527  -17.841 1.487   1.00 25.47 ? 52  ASN A O   1 
ATOM   421  C CB  . ASN A 1 52  ? 12.381  -19.983 0.452   1.00 24.71 ? 52  ASN A CB  1 
ATOM   422  C CG  . ASN A 1 52  ? 11.159  -20.805 0.851   1.00 26.42 ? 52  ASN A CG  1 
ATOM   423  O OD1 . ASN A 1 52  ? 10.488  -20.513 1.851   1.00 26.64 ? 52  ASN A OD1 1 
ATOM   424  N ND2 . ASN A 1 52  ? 10.854  -21.828 0.059   1.00 26.45 ? 52  ASN A ND2 1 
ATOM   425  N N   . ALA A 1 53  ? 13.653  -17.070 -0.452  1.00 24.00 ? 53  ALA A N   1 
ATOM   426  C CA  . ALA A 1 53  ? 14.816  -16.290 -0.849  1.00 24.13 ? 53  ALA A CA  1 
ATOM   427  C C   . ALA A 1 53  ? 15.037  -15.101 0.153   1.00 24.48 ? 53  ALA A C   1 
ATOM   428  O O   . ALA A 1 53  ? 16.071  -15.002 0.779   1.00 24.36 ? 53  ALA A O   1 
ATOM   429  C CB  . ALA A 1 53  ? 14.650  -15.754 -2.287  1.00 21.66 ? 53  ALA A CB  1 
ATOM   430  N N   . LYS A 1 54  ? 14.009  -14.300 0.391   1.00 23.54 ? 54  LYS A N   1 
ATOM   431  C CA  . LYS A 1 54  ? 14.136  -13.138 1.257   1.00 24.23 ? 54  LYS A CA  1 
ATOM   432  C C   . LYS A 1 54  ? 13.393  -13.201 2.614   1.00 23.25 ? 54  LYS A C   1 
ATOM   433  O O   . LYS A 1 54  ? 13.482  -12.246 3.393   1.00 22.77 ? 54  LYS A O   1 
ATOM   434  C CB  . LYS A 1 54  ? 13.501  -11.924 0.593   1.00 25.58 ? 54  LYS A CB  1 
ATOM   435  C CG  . LYS A 1 54  ? 14.026  -11.618 -0.775  1.00 26.45 ? 54  LYS A CG  1 
ATOM   436  C CD  . LYS A 1 54  ? 13.367  -10.370 -1.283  1.00 29.52 ? 54  LYS A CD  1 
ATOM   437  C CE  . LYS A 1 54  ? 14.225  -9.739  -2.335  1.00 30.58 ? 54  LYS A CE  1 
ATOM   438  N NZ  . LYS A 1 54  ? 13.566  -8.540  -2.892  1.00 33.00 ? 54  LYS A NZ  1 
ATOM   439  N N   . GLY A 1 55  ? 12.666  -14.281 2.871   1.00 22.24 ? 55  GLY A N   1 
ATOM   440  C CA  . GLY A 1 55  ? 11.892  -14.340 4.084   1.00 20.06 ? 55  GLY A CA  1 
ATOM   441  C C   . GLY A 1 55  ? 10.841  -13.235 4.019   1.00 18.09 ? 55  GLY A C   1 
ATOM   442  O O   . GLY A 1 55  ? 10.402  -12.836 2.913   1.00 17.34 ? 55  GLY A O   1 
ATOM   443  N N   . LEU A 1 56  ? 10.461  -12.750 5.192   1.00 16.73 ? 56  LEU A N   1 
ATOM   444  C CA  . LEU A 1 56  ? 9.471   -11.683 5.365   1.00 16.67 ? 56  LEU A CA  1 
ATOM   445  C C   . LEU A 1 56  ? 10.122  -10.375 4.952   1.00 16.63 ? 56  LEU A C   1 
ATOM   446  O O   . LEU A 1 56  ? 11.233  -10.089 5.369   1.00 16.34 ? 56  LEU A O   1 
ATOM   447  C CB  . LEU A 1 56  ? 8.993   -11.656 6.823   1.00 17.87 ? 56  LEU A CB  1 
ATOM   448  C CG  . LEU A 1 56  ? 7.916   -10.674 7.310   1.00 18.24 ? 56  LEU A CG  1 
ATOM   449  C CD1 . LEU A 1 56  ? 6.728   -10.672 6.414   1.00 18.50 ? 56  LEU A CD1 1 
ATOM   450  C CD2 . LEU A 1 56  ? 7.481   -11.028 8.700   1.00 18.71 ? 56  LEU A CD2 1 
ATOM   451  N N   . ASN A 1 57  ? 9.451   -9.596  4.116   1.00 14.97 ? 57  ASN A N   1 
ATOM   452  C CA  . ASN A 1 57  ? 10.047  -8.354  3.670   1.00 14.89 ? 57  ASN A CA  1 
ATOM   453  C C   . ASN A 1 57  ? 8.958   -7.399  3.239   1.00 14.40 ? 57  ASN A C   1 
ATOM   454  O O   . ASN A 1 57  ? 7.797   -7.829  3.031   1.00 13.54 ? 57  ASN A O   1 
ATOM   455  C CB  . ASN A 1 57  ? 11.105  -8.661  2.592   1.00 16.08 ? 57  ASN A CB  1 
ATOM   456  C CG  . ASN A 1 57  ? 10.490  -9.189  1.293   1.00 16.07 ? 57  ASN A CG  1 
ATOM   457  O OD1 . ASN A 1 57  ? 10.340  -8.449  0.298   1.00 16.60 ? 57  ASN A OD1 1 
ATOM   458  N ND2 . ASN A 1 57  ? 10.138  -10.466 1.290   1.00 16.68 ? 57  ASN A ND2 1 
ATOM   459  N N   . VAL A 1 58  ? 9.329   -6.132  3.021   1.00 12.26 ? 58  VAL A N   1 
ATOM   460  C CA  . VAL A 1 58  ? 8.355   -5.105  2.648   1.00 12.49 ? 58  VAL A CA  1 
ATOM   461  C C   . VAL A 1 58  ? 8.627   -4.409  1.320   1.00 12.54 ? 58  VAL A C   1 
ATOM   462  O O   . VAL A 1 58  ? 9.770   -4.129  0.997   1.00 14.64 ? 58  VAL A O   1 
ATOM   463  C CB  . VAL A 1 58  ? 8.286   -4.013  3.751   1.00 10.96 ? 58  VAL A CB  1 
ATOM   464  C CG1 . VAL A 1 58  ? 7.209   -2.970  3.442   1.00 10.24 ? 58  VAL A CG1 1 
ATOM   465  C CG2 . VAL A 1 58  ? 8.062   -4.655  5.092   1.00 12.30 ? 58  VAL A CG2 1 
ATOM   466  N N   . LYS A 1 59  ? 7.577   -4.110  0.569   1.00 11.69 ? 59  LYS A N   1 
ATOM   467  C CA  . LYS A 1 59  ? 7.713   -3.391  -0.691  1.00 11.92 ? 59  LYS A CA  1 
ATOM   468  C C   . LYS A 1 59  ? 6.899   -2.188  -0.573  1.00 11.90 ? 59  LYS A C   1 
ATOM   469  O O   . LYS A 1 59  ? 5.815   -2.214  0.038   1.00 12.74 ? 59  LYS A O   1 
ATOM   470  C CB  . LYS A 1 59  ? 7.209   -4.222  -1.877  1.00 14.03 ? 59  LYS A CB  1 
ATOM   471  C CG  . LYS A 1 59  ? 8.092   -5.441  -2.183  1.00 18.82 ? 59  LYS A CG  1 
ATOM   472  C CD  . LYS A 1 59  ? 9.472   -5.000  -2.649  1.00 23.00 ? 59  LYS A CD  1 
ATOM   473  C CE  . LYS A 1 59  ? 10.324  -6.192  -3.063  1.00 26.51 ? 59  LYS A CE  1 
ATOM   474  N NZ  . LYS A 1 59  ? 11.515  -5.737  -3.859  1.00 28.38 ? 59  LYS A NZ  1 
ATOM   475  N N   . HIS A 1 60  ? 7.394   -1.080  -1.111  1.00 11.48 ? 60  HIS A N   1 
ATOM   476  C CA  . HIS A 1 60  ? 6.676   0.191   -1.067  1.00 10.68 ? 60  HIS A CA  1 
ATOM   477  C C   . HIS A 1 60  ? 6.384   0.665   -2.471  1.00 10.12 ? 60  HIS A C   1 
ATOM   478  O O   . HIS A 1 60  ? 7.269   0.812   -3.238  1.00 9.86  ? 60  HIS A O   1 
ATOM   479  C CB  . HIS A 1 60  ? 7.531   1.285   -0.397  1.00 11.11 ? 60  HIS A CB  1 
ATOM   480  C CG  . HIS A 1 60  ? 7.977   0.934   0.995   1.00 10.52 ? 60  HIS A CG  1 
ATOM   481  N ND1 . HIS A 1 60  ? 7.160   1.075   2.101   1.00 10.53 ? 60  HIS A ND1 1 
ATOM   482  C CD2 . HIS A 1 60  ? 9.128   0.372   1.449   1.00 9.45  ? 60  HIS A CD2 1 
ATOM   483  C CE1 . HIS A 1 60  ? 7.785   0.611   3.166   1.00 10.87 ? 60  HIS A CE1 1 
ATOM   484  N NE2 . HIS A 1 60  ? 8.976   0.178   2.800   1.00 9.89  ? 60  HIS A NE2 1 
ATOM   485  N N   . TYR A 1 61  ? 5.119   0.938   -2.755  1.00 9.63  ? 61  TYR A N   1 
ATOM   486  C CA  . TYR A 1 61  ? 4.676   1.406   -4.065  1.00 8.97  ? 61  TYR A CA  1 
ATOM   487  C C   . TYR A 1 61  ? 4.098   2.794   -3.967  1.00 9.70  ? 61  TYR A C   1 
ATOM   488  O O   . TYR A 1 61  ? 3.143   3.077   -3.203  1.00 9.70  ? 61  TYR A O   1 
ATOM   489  C CB  . TYR A 1 61  ? 3.581   0.472   -4.623  1.00 9.91  ? 61  TYR A CB  1 
ATOM   490  C CG  . TYR A 1 61  ? 3.959   -0.996  -4.653  1.00 8.58  ? 61  TYR A CG  1 
ATOM   491  C CD1 . TYR A 1 61  ? 3.742   -1.822  -3.535  1.00 9.40  ? 61  TYR A CD1 1 
ATOM   492  C CD2 . TYR A 1 61  ? 4.603   -1.552  -5.764  1.00 8.86  ? 61  TYR A CD2 1 
ATOM   493  C CE1 . TYR A 1 61  ? 4.178   -3.163  -3.522  1.00 10.64 ? 61  TYR A CE1 1 
ATOM   494  C CE2 . TYR A 1 61  ? 5.032   -2.890  -5.763  1.00 9.58  ? 61  TYR A CE2 1 
ATOM   495  C CZ  . TYR A 1 61  ? 4.822   -3.685  -4.638  1.00 8.85  ? 61  TYR A CZ  1 
ATOM   496  O OH  . TYR A 1 61  ? 5.248   -4.987  -4.616  1.00 8.31  ? 61  TYR A OH  1 
ATOM   497  N N   . LYS A 1 62  ? 4.655   3.712   -4.740  1.00 10.25 ? 62  LYS A N   1 
ATOM   498  C CA  . LYS A 1 62  ? 4.151   5.070   -4.734  1.00 11.18 ? 62  LYS A CA  1 
ATOM   499  C C   . LYS A 1 62  ? 2.794   5.159   -5.495  1.00 11.57 ? 62  LYS A C   1 
ATOM   500  O O   . LYS A 1 62  ? 2.583   4.531   -6.543  1.00 10.93 ? 62  LYS A O   1 
ATOM   501  C CB  . LYS A 1 62  ? 5.131   6.037   -5.384  1.00 14.36 ? 62  LYS A CB  1 
ATOM   502  C CG  . LYS A 1 62  ? 4.764   7.519   -5.101  1.00 22.25 ? 62  LYS A CG  1 
ATOM   503  C CD  . LYS A 1 62  ? 5.952   8.472   -5.347  1.00 26.89 ? 62  LYS A CD  1 
ATOM   504  C CE  . LYS A 1 62  ? 7.202   7.934   -4.627  1.00 29.79 ? 62  LYS A CE  1 
ATOM   505  N NZ  . LYS A 1 62  ? 8.478   8.703   -4.828  1.00 32.46 ? 62  LYS A NZ  1 
ATOM   506  N N   . ILE A 1 63  ? 1.852   5.867   -4.892  1.00 11.69 ? 63  ILE A N   1 
ATOM   507  C CA  . ILE A 1 63  ? 0.536   6.065   -5.484  1.00 12.90 ? 63  ILE A CA  1 
ATOM   508  C C   . ILE A 1 63  ? 0.452   7.545   -5.868  1.00 13.81 ? 63  ILE A C   1 
ATOM   509  O O   . ILE A 1 63  ? 0.686   8.448   -5.023  1.00 15.02 ? 63  ILE A O   1 
ATOM   510  C CB  . ILE A 1 63  ? -0.604  5.698   -4.484  1.00 12.04 ? 63  ILE A CB  1 
ATOM   511  C CG1 . ILE A 1 63  ? -0.611  4.177   -4.228  1.00 10.97 ? 63  ILE A CG1 1 
ATOM   512  C CG2 . ILE A 1 63  ? -1.986  6.279   -4.977  1.00 10.86 ? 63  ILE A CG2 1 
ATOM   513  C CD1 . ILE A 1 63  ? -1.694  3.709   -3.207  1.00 10.31 ? 63  ILE A CD1 1 
ATOM   514  N N   . ARG A 1 64  ? 0.196   7.810   -7.145  1.00 14.78 ? 64  ARG A N   1 
ATOM   515  C CA  . ARG A 1 64  ? 0.066   9.179   -7.624  1.00 17.57 ? 64  ARG A CA  1 
ATOM   516  C C   . ARG A 1 64  ? -1.474  9.556   -7.708  1.00 19.34 ? 64  ARG A C   1 
ATOM   517  O O   . ARG A 1 64  ? -2.352  8.709   -7.852  1.00 17.24 ? 64  ARG A O   1 
ATOM   518  C CB  . ARG A 1 64  ? 0.814   9.348   -8.948  1.00 19.65 ? 64  ARG A CB  1 
ATOM   519  C CG  . ARG A 1 64  ? 2.147   8.623   -8.996  1.00 24.48 ? 64  ARG A CG  1 
ATOM   520  C CD  . ARG A 1 64  ? 3.282   9.494   -9.550  1.00 29.67 ? 64  ARG A CD  1 
ATOM   521  N NE  . ARG A 1 64  ? 4.426   8.689   -9.996  1.00 33.17 ? 64  ARG A NE  1 
ATOM   522  C CZ  . ARG A 1 64  ? 5.012   7.755   -9.251  1.00 33.73 ? 64  ARG A CZ  1 
ATOM   523  N NH1 . ARG A 1 64  ? 4.568   7.514   -8.037  1.00 37.89 ? 64  ARG A NH1 1 
ATOM   524  N NH2 . ARG A 1 64  ? 6.042   7.059   -9.699  1.00 35.26 ? 64  ARG A NH2 1 
ATOM   525  N N   . LYS A 1 65  ? -1.754  10.833  -7.529  1.00 21.98 ? 65  LYS A N   1 
ATOM   526  C CA  . LYS A 1 65  ? -3.112  11.343  -7.568  1.00 25.60 ? 65  LYS A CA  1 
ATOM   527  C C   . LYS A 1 65  ? -2.997  12.599  -8.360  1.00 27.95 ? 65  LYS A C   1 
ATOM   528  O O   . LYS A 1 65  ? -2.205  13.503  -8.022  1.00 27.64 ? 65  LYS A O   1 
ATOM   529  C CB  . LYS A 1 65  ? -3.640  11.538  -6.129  1.00 27.22 ? 65  LYS A CB  1 
ATOM   530  C CG  . LYS A 1 65  ? -4.800  12.545  -5.990  1.00 30.91 ? 65  LYS A CG  1 
ATOM   531  C CD  . LYS A 1 65  ? -6.079  12.104  -6.755  1.00 33.98 ? 65  LYS A CD  1 
ATOM   532  C CE  . LYS A 1 65  ? -7.120  13.242  -6.963  1.00 34.75 ? 65  LYS A CE  1 
ATOM   533  N NZ  . LYS A 1 65  ? -7.146  14.320  -5.909  1.00 37.58 ? 65  LYS A NZ  1 
ATOM   534  N N   . LEU A 1 66  ? -3.700  12.629  -9.485  1.00 30.83 ? 66  LEU A N   1 
ATOM   535  C CA  . LEU A 1 66  ? -3.697  13.780  -10.381 1.00 33.61 ? 66  LEU A CA  1 
ATOM   536  C C   . LEU A 1 66  ? -4.757  14.785  -9.930  1.00 36.00 ? 66  LEU A C   1 
ATOM   537  O O   . LEU A 1 66  ? -5.716  14.378  -9.302  1.00 35.82 ? 66  LEU A O   1 
ATOM   538  C CB  . LEU A 1 66  ? -4.113  13.356  -11.799 1.00 33.54 ? 66  LEU A CB  1 
ATOM   539  C CG  . LEU A 1 66  ? -3.330  12.240  -12.514 1.00 33.60 ? 66  LEU A CG  1 
ATOM   540  C CD1 . LEU A 1 66  ? -4.042  11.870  -13.843 1.00 34.72 ? 66  LEU A CD1 1 
ATOM   541  C CD2 . LEU A 1 66  ? -1.845  12.640  -12.703 1.00 33.47 ? 66  LEU A CD2 1 
ATOM   542  N N   . ASP A 1 67  ? -4.586  16.075  -10.225 1.00 39.00 ? 67  ASP A N   1 
ATOM   543  C CA  . ASP A 1 67  ? -5.619  17.054  -9.871  1.00 41.94 ? 67  ASP A CA  1 
ATOM   544  C C   . ASP A 1 67  ? -6.787  16.814  -10.776 1.00 42.73 ? 67  ASP A C   1 
ATOM   545  O O   . ASP A 1 67  ? -7.930  17.166  -10.514 1.00 44.15 ? 67  ASP A O   1 
ATOM   546  C CB  . ASP A 1 67  ? -5.034  18.452  -9.844  1.00 44.97 ? 67  ASP A CB  1 
ATOM   547  C CG  . ASP A 1 67  ? -4.121  18.657  -8.650  1.00 48.64 ? 67  ASP A CG  1 
ATOM   548  O OD1 . ASP A 1 67  ? -4.627  19.056  -7.571  1.00 50.57 ? 67  ASP A OD1 1 
ATOM   549  O OD2 . ASP A 1 67  ? -2.906  18.371  -8.776  1.00 50.64 ? 67  ASP A OD2 1 
ATOM   550  N N   . SER A 1 68  ? -6.468  16.103  -11.855 1.00 43.92 ? 68  SER A N   1 
ATOM   551  C CA  . SER A 1 68  ? -7.391  15.649  -12.901 1.00 44.30 ? 68  SER A CA  1 
ATOM   552  C C   . SER A 1 68  ? -8.348  14.474  -12.278 1.00 43.32 ? 68  SER A C   1 
ATOM   553  O O   . SER A 1 68  ? -9.264  13.914  -12.943 1.00 44.12 ? 68  SER A O   1 
ATOM   554  C CB  . SER A 1 68  ? -6.556  15.081  -14.050 1.00 46.03 ? 68  SER A CB  1 
ATOM   555  O OG  . SER A 1 68  ? -5.225  15.611  -13.970 1.00 48.82 ? 68  SER A OG  1 
ATOM   556  N N   . GLY A 1 69  ? -7.998  14.062  -11.058 1.00 40.67 ? 69  GLY A N   1 
ATOM   557  C CA  . GLY A 1 69  ? -8.799  13.104  -10.332 1.00 36.16 ? 69  GLY A CA  1 
ATOM   558  C C   . GLY A 1 69  ? -8.402  11.666  -10.220 1.00 32.95 ? 69  GLY A C   1 
ATOM   559  O O   . GLY A 1 69  ? -8.873  10.996  -9.321  1.00 34.70 ? 69  GLY A O   1 
ATOM   560  N N   . GLY A 1 70  ? -7.552  11.181  -11.106 1.00 29.38 ? 70  GLY A N   1 
ATOM   561  C CA  . GLY A 1 70  ? -7.203  9.778   -11.023 1.00 24.57 ? 70  GLY A CA  1 
ATOM   562  C C   . GLY A 1 70  ? -6.093  9.373   -10.064 1.00 22.29 ? 70  GLY A C   1 
ATOM   563  O O   . GLY A 1 70  ? -5.096  10.103  -9.920  1.00 22.84 ? 70  GLY A O   1 
ATOM   564  N N   . PHE A 1 71  ? -6.303  8.247   -9.379  1.00 17.79 ? 71  PHE A N   1 
ATOM   565  C CA  . PHE A 1 71  ? -5.305  7.656   -8.478  1.00 15.25 ? 71  PHE A CA  1 
ATOM   566  C C   . PHE A 1 71  ? -4.712  6.383   -9.195  1.00 13.29 ? 71  PHE A C   1 
ATOM   567  O O   . PHE A 1 71  ? -5.421  5.597   -9.873  1.00 12.65 ? 71  PHE A O   1 
ATOM   568  C CB  . PHE A 1 71  ? -5.919  7.080   -7.198  1.00 14.29 ? 71  PHE A CB  1 
ATOM   569  C CG  . PHE A 1 71  ? -6.476  8.127   -6.254  1.00 15.52 ? 71  PHE A CG  1 
ATOM   570  C CD1 . PHE A 1 71  ? -7.724  8.712   -6.491  1.00 15.65 ? 71  PHE A CD1 1 
ATOM   571  C CD2 . PHE A 1 71  ? -5.779  8.483   -5.106  1.00 15.02 ? 71  PHE A CD2 1 
ATOM   572  C CE1 . PHE A 1 71  ? -8.267  9.641   -5.582  1.00 14.83 ? 71  PHE A CE1 1 
ATOM   573  C CE2 . PHE A 1 71  ? -6.312  9.403   -4.208  1.00 15.40 ? 71  PHE A CE2 1 
ATOM   574  C CZ  . PHE A 1 71  ? -7.556  9.975   -4.449  1.00 14.08 ? 71  PHE A CZ  1 
ATOM   575  N N   . TYR A 1 72  ? -3.409  6.190   -9.048  1.00 12.14 ? 72  TYR A N   1 
ATOM   576  C CA  . TYR A 1 72  ? -2.776  5.024   -9.662  1.00 11.15 ? 72  TYR A CA  1 
ATOM   577  C C   . TYR A 1 72  ? -1.357  4.763   -9.212  1.00 10.68 ? 72  TYR A C   1 
ATOM   578  O O   . TYR A 1 72  ? -0.651  5.662   -8.677  1.00 10.26 ? 72  TYR A O   1 
ATOM   579  C CB  . TYR A 1 72  ? -2.687  5.205   -11.192 1.00 9.59  ? 72  TYR A CB  1 
ATOM   580  C CG  . TYR A 1 72  ? -1.915  6.427   -11.618 1.00 11.18 ? 72  TYR A CG  1 
ATOM   581  C CD1 . TYR A 1 72  ? -0.520  6.379   -11.781 1.00 13.93 ? 72  TYR A CD1 1 
ATOM   582  C CD2 . TYR A 1 72  ? -2.568  7.613   -11.885 1.00 14.01 ? 72  TYR A CD2 1 
ATOM   583  C CE1 . TYR A 1 72  ? 0.190   7.487   -12.215 1.00 15.50 ? 72  TYR A CE1 1 
ATOM   584  C CE2 . TYR A 1 72  ? -1.868  8.734   -12.312 1.00 17.07 ? 72  TYR A CE2 1 
ATOM   585  C CZ  . TYR A 1 72  ? -0.493  8.658   -12.471 1.00 17.19 ? 72  TYR A CZ  1 
ATOM   586  O OH  . TYR A 1 72  ? 0.204   9.776   -12.845 1.00 21.38 ? 72  TYR A OH  1 
ATOM   587  N N   . ILE A 1 73  ? -0.947  3.518   -9.418  1.00 10.39 ? 73  ILE A N   1 
ATOM   588  C CA  . ILE A 1 73  ? 0.422   3.102   -9.158  1.00 11.24 ? 73  ILE A CA  1 
ATOM   589  C C   . ILE A 1 73  ? 1.058   3.197   -10.607 1.00 11.49 ? 73  ILE A C   1 
ATOM   590  O O   . ILE A 1 73  ? 2.128   3.802   -10.766 1.00 12.76 ? 73  ILE A O   1 
ATOM   591  C CB  . ILE A 1 73  ? 0.518   1.685   -8.594  1.00 11.28 ? 73  ILE A CB  1 
ATOM   592  C CG1 . ILE A 1 73  ? -0.029  1.657   -7.161  1.00 11.51 ? 73  ILE A CG1 1 
ATOM   593  C CG2 . ILE A 1 73  ? 2.012   1.217   -8.582  1.00 9.30  ? 73  ILE A CG2 1 
ATOM   594  C CD1 . ILE A 1 73  ? -0.047  0.247   -6.549  1.00 11.27 ? 73  ILE A CD1 1 
ATOM   595  N N   . THR A 1 74  ? 0.429   2.576   -11.606 1.00 10.46 ? 74  THR A N   1 
ATOM   596  C CA  . THR A 1 74  ? 0.895   2.737   -12.987 1.00 10.27 ? 74  THR A CA  1 
ATOM   597  C C   . THR A 1 74  ? -0.184  3.589   -13.719 1.00 10.88 ? 74  THR A C   1 
ATOM   598  O O   . THR A 1 74  ? -1.377  3.347   -13.568 1.00 8.89  ? 74  THR A O   1 
ATOM   599  C CB  . THR A 1 74  ? 1.148   1.411   -13.743 1.00 11.23 ? 74  THR A CB  1 
ATOM   600  O OG1 . THR A 1 74  ? 1.463   1.712   -15.109 1.00 10.14 ? 74  THR A OG1 1 
ATOM   601  C CG2 . THR A 1 74  ? -0.037  0.464   -13.647 1.00 9.01  ? 74  THR A CG2 1 
ATOM   602  N N   . SER A 1 75  ? 0.257   4.593   -14.481 1.00 10.91 ? 75  SER A N   1 
ATOM   603  C CA  . SER A 1 75  ? -0.662  5.490   -15.189 1.00 12.34 ? 75  SER A CA  1 
ATOM   604  C C   . SER A 1 75  ? -1.553  4.782   -16.155 1.00 11.78 ? 75  SER A C   1 
ATOM   605  O O   . SER A 1 75  ? -2.545  5.338   -16.563 1.00 11.92 ? 75  SER A O   1 
ATOM   606  C CB  . SER A 1 75  ? 0.098   6.613   -15.907 1.00 11.69 ? 75  SER A CB  1 
ATOM   607  O OG  . SER A 1 75  ? 0.873   6.096   -16.975 1.00 14.04 ? 75  SER A OG  1 
ATOM   608  N N   . ARG A 1 76  ? -1.194  3.554   -16.515 1.00 14.53 ? 76  ARG A N   1 
ATOM   609  C CA  . ARG A 1 76  ? -1.978  2.732   -17.453 1.00 17.24 ? 76  ARG A CA  1 
ATOM   610  C C   . ARG A 1 76  ? -3.306  2.168   -16.802 1.00 15.71 ? 76  ARG A C   1 
ATOM   611  O O   . ARG A 1 76  ? -4.284  1.834   -17.513 1.00 14.04 ? 76  ARG A O   1 
ATOM   612  C CB  . ARG A 1 76  ? -1.168  1.493   -17.883 1.00 20.02 ? 76  ARG A CB  1 
ATOM   613  C CG  . ARG A 1 76  ? 0.047   1.787   -18.771 1.00 27.06 ? 76  ARG A CG  1 
ATOM   614  C CD  . ARG A 1 76  ? -0.470  2.146   -20.126 1.00 33.18 ? 76  ARG A CD  1 
ATOM   615  N NE  . ARG A 1 76  ? -1.390  1.108   -20.602 1.00 38.92 ? 76  ARG A NE  1 
ATOM   616  C CZ  . ARG A 1 76  ? -1.105  0.204   -21.540 1.00 42.27 ? 76  ARG A CZ  1 
ATOM   617  N NH1 . ARG A 1 76  ? 0.102   0.182   -22.102 1.00 42.30 ? 76  ARG A NH1 1 
ATOM   618  N NH2 . ARG A 1 76  ? -2.004  -0.724  -21.853 1.00 42.74 ? 76  ARG A NH2 1 
ATOM   619  N N   . THR A 1 77  ? -3.342  2.219   -15.471 1.00 13.46 ? 77  THR A N   1 
ATOM   620  C CA  . THR A 1 77  ? -4.440  1.648   -14.681 1.00 12.47 ? 77  THR A CA  1 
ATOM   621  C C   . THR A 1 77  ? -4.825  2.604   -13.557 1.00 12.32 ? 77  THR A C   1 
ATOM   622  O O   . THR A 1 77  ? -4.273  2.515   -12.423 1.00 11.93 ? 77  THR A O   1 
ATOM   623  C CB  . THR A 1 77  ? -3.922  0.303   -14.135 1.00 11.17 ? 77  THR A CB  1 
ATOM   624  O OG1 . THR A 1 77  ? -3.391  -0.428  -15.251 1.00 11.65 ? 77  THR A OG1 1 
ATOM   625  C CG2 . THR A 1 77  ? -5.013  -0.507  -13.413 1.00 10.17 ? 77  THR A CG2 1 
ATOM   626  N N   . GLN A 1 78  ? -5.823  3.447   -13.829 1.00 11.17 ? 78  GLN A N   1 
ATOM   627  C CA  . GLN A 1 78  ? -6.260  4.481   -12.892 1.00 11.66 ? 78  GLN A CA  1 
ATOM   628  C C   . GLN A 1 78  ? -7.612  4.219   -12.266 1.00 12.27 ? 78  GLN A C   1 
ATOM   629  O O   . GLN A 1 78  ? -8.406  3.425   -12.826 1.00 12.34 ? 78  GLN A O   1 
ATOM   630  C CB  . GLN A 1 78  ? -6.226  5.821   -13.597 1.00 12.14 ? 78  GLN A CB  1 
ATOM   631  C CG  . GLN A 1 78  ? -4.940  6.044   -14.363 1.00 12.92 ? 78  GLN A CG  1 
ATOM   632  C CD  . GLN A 1 78  ? -4.698  7.498   -14.747 1.00 15.24 ? 78  GLN A CD  1 
ATOM   633  O OE1 . GLN A 1 78  ? -3.763  7.794   -15.488 1.00 18.18 ? 78  GLN A OE1 1 
ATOM   634  N NE2 . GLN A 1 78  ? -5.515  8.405   -14.240 1.00 13.69 ? 78  GLN A NE2 1 
ATOM   635  N N   . PHE A 1 79  ? -7.845  4.836   -11.108 1.00 12.10 ? 79  PHE A N   1 
ATOM   636  C CA  . PHE A 1 79  ? -9.080  4.695   -10.332 1.00 12.73 ? 79  PHE A CA  1 
ATOM   637  C C   . PHE A 1 79  ? -9.607  6.060   -9.835  1.00 14.19 ? 79  PHE A C   1 
ATOM   638  O O   . PHE A 1 79  ? -8.850  7.025   -9.636  1.00 12.31 ? 79  PHE A O   1 
ATOM   639  C CB  . PHE A 1 79  ? -8.832  3.769   -9.145  1.00 12.92 ? 79  PHE A CB  1 
ATOM   640  C CG  . PHE A 1 79  ? -8.222  2.470   -9.541  1.00 12.99 ? 79  PHE A CG  1 
ATOM   641  C CD1 . PHE A 1 79  ? -6.825  2.329   -9.636  1.00 12.44 ? 79  PHE A CD1 1 
ATOM   642  C CD2 . PHE A 1 79  ? -9.031  1.399   -9.911  1.00 11.54 ? 79  PHE A CD2 1 
ATOM   643  C CE1 . PHE A 1 79  ? -6.257  1.137   -10.098 1.00 12.46 ? 79  PHE A CE1 1 
ATOM   644  C CE2 . PHE A 1 79  ? -8.463  0.207   -10.375 1.00 10.36 ? 79  PHE A CE2 1 
ATOM   645  C CZ  . PHE A 1 79  ? -7.081  0.076   -10.469 1.00 10.26 ? 79  PHE A CZ  1 
ATOM   646  N N   . ASN A 1 80  ? -10.928 6.140   -9.674  1.00 15.56 ? 80  ASN A N   1 
ATOM   647  C CA  . ASN A 1 80  ? -11.579 7.370   -9.214  1.00 17.88 ? 80  ASN A CA  1 
ATOM   648  C C   . ASN A 1 80  ? -11.318 7.665   -7.720  1.00 17.33 ? 80  ASN A C   1 
ATOM   649  O O   . ASN A 1 80  ? -11.511 8.776   -7.237  1.00 17.36 ? 80  ASN A O   1 
ATOM   650  C CB  . ASN A 1 80  ? -13.093 7.301   -9.520  1.00 20.03 ? 80  ASN A CB  1 
ATOM   651  C CG  . ASN A 1 80  ? -13.370 7.193   -11.019 1.00 23.43 ? 80  ASN A CG  1 
ATOM   652  O OD1 . ASN A 1 80  ? -12.624 7.733   -11.822 1.00 24.07 ? 80  ASN A OD1 1 
ATOM   653  N ND2 . ASN A 1 80  ? -14.392 6.410   -11.398 1.00 26.79 ? 80  ASN A ND2 1 
ATOM   654  N N   . SER A 1 81  ? -10.806 6.658   -7.018  1.00 16.57 ? 81  SER A N   1 
ATOM   655  C CA  . SER A 1 81  ? -10.535 6.782   -5.605  1.00 15.83 ? 81  SER A CA  1 
ATOM   656  C C   . SER A 1 81  ? -9.487  5.817   -5.145  1.00 14.82 ? 81  SER A C   1 
ATOM   657  O O   . SER A 1 81  ? -9.216  4.765   -5.692  1.00 15.64 ? 81  SER A O   1 
ATOM   658  C CB  . SER A 1 81  ? -11.823 6.512   -4.793  1.00 15.81 ? 81  SER A CB  1 
ATOM   659  O OG  . SER A 1 81  ? -12.230 5.144   -4.871  1.00 15.14 ? 81  SER A OG  1 
ATOM   660  N N   . LEU A 1 82  ? -8.902  6.190   -4.027  1.00 14.96 ? 82  LEU A N   1 
ATOM   661  C CA  . LEU A 1 82  ? -7.905  5.388   -3.362  1.00 15.66 ? 82  LEU A CA  1 
ATOM   662  C C   . LEU A 1 82  ? -8.602  4.015   -2.904  1.00 15.11 ? 82  LEU A C   1 
ATOM   663  O O   . LEU A 1 82  ? -7.996  2.929   -2.936  1.00 13.99 ? 82  LEU A O   1 
ATOM   664  C CB  . LEU A 1 82  ? -7.342  6.239   -2.222  1.00 18.50 ? 82  LEU A CB  1 
ATOM   665  C CG  . LEU A 1 82  ? -6.020  5.876   -1.539  1.00 22.10 ? 82  LEU A CG  1 
ATOM   666  C CD1 . LEU A 1 82  ? -4.956  5.384   -2.549  1.00 21.57 ? 82  LEU A CD1 1 
ATOM   667  C CD2 . LEU A 1 82  ? -5.515  7.128   -0.771  1.00 22.10 ? 82  LEU A CD2 1 
ATOM   668  N N   . GLN A 1 83  ? -9.880  4.108   -2.519  1.00 15.34 ? 83  GLN A N   1 
ATOM   669  C CA  . GLN A 1 83  ? -10.659 2.937   -2.088  1.00 14.89 ? 83  GLN A CA  1 
ATOM   670  C C   . GLN A 1 83  ? -10.829 1.963   -3.229  1.00 14.10 ? 83  GLN A C   1 
ATOM   671  O O   . GLN A 1 83  ? -10.637 0.751   -3.025  1.00 13.34 ? 83  GLN A O   1 
ATOM   672  C CB  . GLN A 1 83  ? -12.010 3.362   -1.507  1.00 15.96 ? 83  GLN A CB  1 
ATOM   673  C CG  . GLN A 1 83  ? -11.854 4.112   -0.195  1.00 18.36 ? 83  GLN A CG  1 
ATOM   674  C CD  . GLN A 1 83  ? -11.890 5.645   -0.311  1.00 19.98 ? 83  GLN A CD  1 
ATOM   675  O OE1 . GLN A 1 83  ? -12.305 6.359   0.661   1.00 21.39 ? 83  GLN A OE1 1 
ATOM   676  N NE2 . GLN A 1 83  ? -11.495 6.170   -1.456  1.00 17.38 ? 83  GLN A NE2 1 
ATOM   677  N N   . GLN A 1 84  ? -11.172 2.475   -4.422  1.00 13.45 ? 84  GLN A N   1 
ATOM   678  C CA  . GLN A 1 84  ? -11.307 1.632   -5.622  1.00 12.82 ? 84  GLN A CA  1 
ATOM   679  C C   . GLN A 1 84  ? -10.008 0.999   -5.989  1.00 11.06 ? 84  GLN A C   1 
ATOM   680  O O   . GLN A 1 84  ? -9.959  -0.162  -6.422  1.00 10.91 ? 84  GLN A O   1 
ATOM   681  C CB  . GLN A 1 84  ? -11.947 2.440   -6.745  1.00 14.14 ? 84  GLN A CB  1 
ATOM   682  C CG  . GLN A 1 84  ? -13.449 2.551   -6.532  1.00 16.99 ? 84  GLN A CG  1 
ATOM   683  C CD  . GLN A 1 84  ? -14.077 3.643   -7.337  1.00 17.75 ? 84  GLN A CD  1 
ATOM   684  O OE1 . GLN A 1 84  ? -13.594 4.789   -7.339  1.00 18.02 ? 84  GLN A OE1 1 
ATOM   685  N NE2 . GLN A 1 84  ? -15.171 3.325   -8.007  1.00 16.89 ? 84  GLN A NE2 1 
ATOM   686  N N   . LEU A 1 85  ? -8.930  1.767   -5.846  1.00 10.40 ? 85  LEU A N   1 
ATOM   687  C CA  . LEU A 1 85  ? -7.591  1.244   -6.126  1.00 10.45 ? 85  LEU A CA  1 
ATOM   688  C C   . LEU A 1 85  ? -7.283  0.063   -5.195  1.00 9.60  ? 85  LEU A C   1 
ATOM   689  O O   . LEU A 1 85  ? -6.880  -1.021  -5.657  1.00 9.74  ? 85  LEU A O   1 
ATOM   690  C CB  . LEU A 1 85  ? -6.549  2.379   -6.032  1.00 11.73 ? 85  LEU A CB  1 
ATOM   691  C CG  . LEU A 1 85  ? -5.063  2.013   -6.250  1.00 12.91 ? 85  LEU A CG  1 
ATOM   692  C CD1 . LEU A 1 85  ? -4.298  3.276   -6.650  1.00 13.90 ? 85  LEU A CD1 1 
ATOM   693  C CD2 . LEU A 1 85  ? -4.428  1.355   -5.010  1.00 11.59 ? 85  LEU A CD2 1 
ATOM   694  N N   . VAL A 1 86  ? -7.481  0.258   -3.888  1.00 10.42 ? 86  VAL A N   1 
ATOM   695  C CA  . VAL A 1 86  ? -7.212  -0.806  -2.927  1.00 11.41 ? 86  VAL A CA  1 
ATOM   696  C C   . VAL A 1 86  ? -8.092  -2.050  -3.251  1.00 12.18 ? 86  VAL A C   1 
ATOM   697  O O   . VAL A 1 86  ? -7.585  -3.168  -3.214  1.00 11.97 ? 86  VAL A O   1 
ATOM   698  C CB  . VAL A 1 86  ? -7.438  -0.331  -1.452  1.00 12.40 ? 86  VAL A CB  1 
ATOM   699  C CG1 . VAL A 1 86  ? -7.476  -1.531  -0.473  1.00 11.11 ? 86  VAL A CG1 1 
ATOM   700  C CG2 . VAL A 1 86  ? -6.310  0.626   -1.050  1.00 13.30 ? 86  VAL A CG2 1 
ATOM   701  N N   . ALA A 1 87  ? -9.360  -1.816  -3.636  1.00 12.84 ? 87  ALA A N   1 
ATOM   702  C CA  . ALA A 1 87  ? -10.281 -2.906  -3.982  1.00 11.45 ? 87  ALA A CA  1 
ATOM   703  C C   . ALA A 1 87  ? -9.715  -3.691  -5.160  1.00 9.90  ? 87  ALA A C   1 
ATOM   704  O O   . ALA A 1 87  ? -9.600  -4.910  -5.093  1.00 12.08 ? 87  ALA A O   1 
ATOM   705  C CB  . ALA A 1 87  ? -11.701 -2.356  -4.291  1.00 10.89 ? 87  ALA A CB  1 
ATOM   706  N N   . TYR A 1 88  ? -9.274  -2.991  -6.198  1.00 10.10 ? 88  TYR A N   1 
ATOM   707  C CA  . TYR A 1 88  ? -8.723  -3.656  -7.378  1.00 9.89  ? 88  TYR A CA  1 
ATOM   708  C C   . TYR A 1 88  ? -7.496  -4.522  -7.066  1.00 9.39  ? 88  TYR A C   1 
ATOM   709  O O   . TYR A 1 88  ? -7.388  -5.697  -7.508  1.00 9.07  ? 88  TYR A O   1 
ATOM   710  C CB  . TYR A 1 88  ? -8.395  -2.613  -8.449  1.00 11.32 ? 88  TYR A CB  1 
ATOM   711  C CG  . TYR A 1 88  ? -7.810  -3.188  -9.711  1.00 13.35 ? 88  TYR A CG  1 
ATOM   712  C CD1 . TYR A 1 88  ? -8.639  -3.559  -10.795 1.00 16.26 ? 88  TYR A CD1 1 
ATOM   713  C CD2 . TYR A 1 88  ? -6.427  -3.372  -9.835  1.00 14.91 ? 88  TYR A CD2 1 
ATOM   714  C CE1 . TYR A 1 88  ? -8.081  -4.096  -11.971 1.00 17.58 ? 88  TYR A CE1 1 
ATOM   715  C CE2 . TYR A 1 88  ? -5.872  -3.915  -10.981 1.00 17.75 ? 88  TYR A CE2 1 
ATOM   716  C CZ  . TYR A 1 88  ? -6.693  -4.277  -12.047 1.00 19.48 ? 88  TYR A CZ  1 
ATOM   717  O OH  . TYR A 1 88  ? -6.117  -4.864  -13.158 1.00 22.55 ? 88  TYR A OH  1 
ATOM   718  N N   . TYR A 1 89  ? -6.563  -3.962  -6.294  1.00 10.64 ? 89  TYR A N   1 
ATOM   719  C CA  . TYR A 1 89  ? -5.333  -4.685  -5.941  1.00 9.69  ? 89  TYR A CA  1 
ATOM   720  C C   . TYR A 1 89  ? -5.506  -5.803  -4.924  1.00 10.22 ? 89  TYR A C   1 
ATOM   721  O O   . TYR A 1 89  ? -4.571  -6.504  -4.640  1.00 9.19  ? 89  TYR A O   1 
ATOM   722  C CB  . TYR A 1 89  ? -4.201  -3.699  -5.667  1.00 9.77  ? 89  TYR A CB  1 
ATOM   723  C CG  . TYR A 1 89  ? -3.717  -3.031  -6.927  1.00 8.84  ? 89  TYR A CG  1 
ATOM   724  C CD1 . TYR A 1 89  ? -3.903  -1.658  -7.119  1.00 8.63  ? 89  TYR A CD1 1 
ATOM   725  C CD2 . TYR A 1 89  ? -3.127  -3.785  -7.958  1.00 8.63  ? 89  TYR A CD2 1 
ATOM   726  C CE1 . TYR A 1 89  ? -3.535  -1.050  -8.306  1.00 10.69 ? 89  TYR A CE1 1 
ATOM   727  C CE2 . TYR A 1 89  ? -2.752  -3.185  -9.158  1.00 9.93  ? 89  TYR A CE2 1 
ATOM   728  C CZ  . TYR A 1 89  ? -2.968  -1.816  -9.311  1.00 10.43 ? 89  TYR A CZ  1 
ATOM   729  O OH  . TYR A 1 89  ? -2.697  -1.194  -10.500 1.00 12.20 ? 89  TYR A OH  1 
ATOM   730  N N   . SER A 1 90  ? -6.696  -5.901  -4.335  1.00 12.08 ? 90  SER A N   1 
ATOM   731  C CA  . SER A 1 90  ? -7.029  -6.960  -3.388  1.00 12.46 ? 90  SER A CA  1 
ATOM   732  C C   . SER A 1 90  ? -7.505  -8.163  -4.174  1.00 13.63 ? 90  SER A C   1 
ATOM   733  O O   . SER A 1 90  ? -7.613  -9.270  -3.639  1.00 15.93 ? 90  SER A O   1 
ATOM   734  C CB  . SER A 1 90  ? -8.121  -6.531  -2.438  1.00 12.31 ? 90  SER A CB  1 
ATOM   735  O OG  . SER A 1 90  ? -7.685  -5.459  -1.630  1.00 14.62 ? 90  SER A OG  1 
ATOM   736  N N   . LYS A 1 91  ? -7.774  -7.949  -5.460  1.00 13.95 ? 91  LYS A N   1 
ATOM   737  C CA  . LYS A 1 91  ? -8.199  -9.012  -6.373  1.00 15.35 ? 91  LYS A CA  1 
ATOM   738  C C   . LYS A 1 91  ? -7.139  -9.324  -7.450  1.00 14.26 ? 91  LYS A C   1 
ATOM   739  O O   . LYS A 1 91  ? -7.164  -10.398 -8.024  1.00 14.52 ? 91  LYS A O   1 
ATOM   740  C CB  . LYS A 1 91  ? -9.459  -8.599  -7.127  1.00 16.96 ? 91  LYS A CB  1 
ATOM   741  C CG  . LYS A 1 91  ? -10.712 -8.561  -6.261  1.00 19.71 ? 91  LYS A CG  1 
ATOM   742  C CD  . LYS A 1 91  ? -11.147 -9.972  -5.879  1.00 22.90 ? 91  LYS A CD  1 
ATOM   743  C CE  . LYS A 1 91  ? -12.580 -9.993  -5.330  1.00 24.68 ? 91  LYS A CE  1 
ATOM   744  N NZ  . LYS A 1 91  ? -13.137 -8.620  -5.007  1.00 25.87 ? 91  LYS A NZ  1 
ATOM   745  N N   . HIS A 1 92  ? -6.236  -8.384  -7.721  1.00 12.72 ? 92  HIS A N   1 
ATOM   746  C CA  . HIS A 1 92  ? -5.219  -8.608  -8.749  1.00 13.39 ? 92  HIS A CA  1 
ATOM   747  C C   . HIS A 1 92  ? -3.816  -8.330  -8.259  1.00 11.80 ? 92  HIS A C   1 
ATOM   748  O O   . HIS A 1 92  ? -3.630  -7.268  -7.694  1.00 12.11 ? 92  HIS A O   1 
ATOM   749  C CB  . HIS A 1 92  ? -5.373  -7.613  -9.915  1.00 15.24 ? 92  HIS A CB  1 
ATOM   750  C CG  . HIS A 1 92  ? -6.739  -7.582  -10.535 1.00 16.39 ? 92  HIS A CG  1 
ATOM   751  N ND1 . HIS A 1 92  ? -7.031  -8.226  -11.720 1.00 17.51 ? 92  HIS A ND1 1 
ATOM   752  C CD2 . HIS A 1 92  ? -7.871  -6.933  -10.168 1.00 15.97 ? 92  HIS A CD2 1 
ATOM   753  C CE1 . HIS A 1 92  ? -8.285  -7.969  -12.060 1.00 15.11 ? 92  HIS A CE1 1 
ATOM   754  N NE2 . HIS A 1 92  ? -8.814  -7.188  -11.134 1.00 17.67 ? 92  HIS A NE2 1 
ATOM   755  N N   . ALA A 1 93  ? -2.863  -9.239  -8.445  1.00 10.99 ? 93  ALA A N   1 
ATOM   756  C CA  . ALA A 1 93  ? -1.492  -8.958  -7.995  1.00 11.13 ? 93  ALA A CA  1 
ATOM   757  C C   . ALA A 1 93  ? -0.840  -7.921  -9.037  1.00 10.77 ? 93  ALA A C   1 
ATOM   758  O O   . ALA A 1 93  ? -0.309  -6.897  -8.660  1.00 10.04 ? 93  ALA A O   1 
ATOM   759  C CB  . ALA A 1 93  ? -0.650  -10.235 -7.926  1.00 10.30 ? 93  ALA A CB  1 
ATOM   760  N N   . ASP A 1 94  ? -1.015  -8.210  -10.331 1.00 11.84 ? 94  ASP A N   1 
ATOM   761  C CA  . ASP A 1 94  ? -0.458  -7.390  -11.411 1.00 10.47 ? 94  ASP A CA  1 
ATOM   762  C C   . ASP A 1 94  ? 1.087   -7.218  -11.173 1.00 11.27 ? 94  ASP A C   1 
ATOM   763  O O   . ASP A 1 94  ? 1.797   -8.227  -11.154 1.00 11.74 ? 94  ASP A O   1 
ATOM   764  C CB  . ASP A 1 94  ? -1.262  -6.100  -11.578 1.00 11.68 ? 94  ASP A CB  1 
ATOM   765  C CG  . ASP A 1 94  ? -2.624  -6.326  -12.269 1.00 12.84 ? 94  ASP A CG  1 
ATOM   766  O OD1 . ASP A 1 94  ? -2.972  -7.497  -12.551 1.00 14.23 ? 94  ASP A OD1 1 
ATOM   767  O OD2 . ASP A 1 94  ? -3.324  -5.326  -12.529 1.00 14.14 ? 94  ASP A OD2 1 
ATOM   768  N N   . GLY A 1 95  ? 1.552   -5.984  -10.992 1.00 11.90 ? 95  GLY A N   1 
ATOM   769  C CA  . GLY A 1 95  ? 2.966   -5.722  -10.750 1.00 11.40 ? 95  GLY A CA  1 
ATOM   770  C C   . GLY A 1 95  ? 3.350   -5.726  -9.266  1.00 11.72 ? 95  GLY A C   1 
ATOM   771  O O   . GLY A 1 95  ? 4.527   -5.512  -8.931  1.00 11.05 ? 95  GLY A O   1 
ATOM   772  N N   . LEU A 1 96  ? 2.381   -5.982  -8.379  1.00 11.01 ? 96  LEU A N   1 
ATOM   773  C CA  . LEU A 1 96  ? 2.641   -6.030  -6.912  1.00 10.98 ? 96  LEU A CA  1 
ATOM   774  C C   . LEU A 1 96  ? 3.265   -7.349  -6.442  1.00 11.14 ? 96  LEU A C   1 
ATOM   775  O O   . LEU A 1 96  ? 3.144   -8.416  -7.087  1.00 12.85 ? 96  LEU A O   1 
ATOM   776  C CB  . LEU A 1 96  ? 1.342   -5.952  -6.099  1.00 10.83 ? 96  LEU A CB  1 
ATOM   777  C CG  . LEU A 1 96  ? 0.463   -4.729  -6.362  1.00 9.95  ? 96  LEU A CG  1 
ATOM   778  C CD1 . LEU A 1 96  ? -0.743  -4.773  -5.410  1.00 10.41 ? 96  LEU A CD1 1 
ATOM   779  C CD2 . LEU A 1 96  ? 1.278   -3.464  -6.112  1.00 12.12 ? 96  LEU A CD2 1 
ATOM   780  N N   . CYS A 1 97  ? 3.893   -7.305  -5.274  1.00 10.86 ? 97  CYS A N   1 
ATOM   781  C CA  . CYS A 1 97  ? 4.516   -8.501  -4.731  1.00 10.94 ? 97  CYS A CA  1 
ATOM   782  C C   . CYS A 1 97  ? 3.440   -9.614  -4.408  1.00 10.73 ? 97  CYS A C   1 
ATOM   783  O O   . CYS A 1 97  ? 3.720   -10.791 -4.459  1.00 11.38 ? 97  CYS A O   1 
ATOM   784  C CB  . CYS A 1 97  ? 5.401   -8.132  -3.536  1.00 11.13 ? 97  CYS A CB  1 
ATOM   785  S SG  . CYS A 1 97  ? 4.550   -7.340  -2.160  1.00 13.01 ? 97  CYS A SG  1 
ATOM   786  N N   . HIS A 1 98  ? 2.222   -9.193  -4.109  1.00 11.42 ? 98  HIS A N   1 
ATOM   787  C CA  . HIS A 1 98  ? 1.123   -10.115 -3.794  1.00 10.20 ? 98  HIS A CA  1 
ATOM   788  C C   . HIS A 1 98  ? -0.155  -9.272  -3.838  1.00 9.64  ? 98  HIS A C   1 
ATOM   789  O O   . HIS A 1 98  ? -0.079  -8.035  -3.684  1.00 9.32  ? 98  HIS A O   1 
ATOM   790  C CB  . HIS A 1 98  ? 1.304   -10.617 -2.362  1.00 11.00 ? 98  HIS A CB  1 
ATOM   791  C CG  . HIS A 1 98  ? 0.442   -11.790 -2.018  1.00 9.93  ? 98  HIS A CG  1 
ATOM   792  N ND1 . HIS A 1 98  ? -0.845  -11.653 -1.543  1.00 10.75 ? 98  HIS A ND1 1 
ATOM   793  C CD2 . HIS A 1 98  ? 0.670   -13.116 -2.120  1.00 11.32 ? 98  HIS A CD2 1 
ATOM   794  C CE1 . HIS A 1 98  ? -1.373  -12.854 -1.375  1.00 10.70 ? 98  HIS A CE1 1 
ATOM   795  N NE2 . HIS A 1 98  ? -0.476  -13.756 -1.718  1.00 10.78 ? 98  HIS A NE2 1 
ATOM   796  N N   . ARG A 1 99  ? -1.313  -9.896  -4.061  1.00 10.30 ? 99  ARG A N   1 
ATOM   797  C CA  . ARG A 1 99  ? -2.565  -9.120  -4.040  1.00 10.87 ? 99  ARG A CA  1 
ATOM   798  C C   . ARG A 1 99  ? -2.750  -8.645  -2.571  1.00 9.62  ? 99  ARG A C   1 
ATOM   799  O O   . ARG A 1 99  ? -2.217  -9.320  -1.655  1.00 9.98  ? 99  ARG A O   1 
ATOM   800  C CB  . ARG A 1 99  ? -3.769  -9.973  -4.436  1.00 13.09 ? 99  ARG A CB  1 
ATOM   801  C CG  . ARG A 1 99  ? -4.167  -10.982 -3.409  1.00 16.24 ? 99  ARG A CG  1 
ATOM   802  C CD  . ARG A 1 99  ? -5.466  -11.713 -3.763  1.00 18.09 ? 99  ARG A CD  1 
ATOM   803  N NE  . ARG A 1 99  ? -5.857  -12.587 -2.659  1.00 17.31 ? 99  ARG A NE  1 
ATOM   804  C CZ  . ARG A 1 99  ? -6.700  -12.269 -1.673  1.00 17.25 ? 99  ARG A CZ  1 
ATOM   805  N NH1 . ARG A 1 99  ? -7.318  -11.079 -1.612  1.00 15.59 ? 99  ARG A NH1 1 
ATOM   806  N NH2 . ARG A 1 99  ? -6.867  -13.140 -0.684  1.00 18.63 ? 99  ARG A NH2 1 
ATOM   807  N N   . LEU A 1 100 ? -3.394  -7.503  -2.360  1.00 10.09 ? 100 LEU A N   1 
ATOM   808  C CA  . LEU A 1 100 ? -3.624  -6.989  -0.999  1.00 10.73 ? 100 LEU A CA  1 
ATOM   809  C C   . LEU A 1 100 ? -4.577  -7.950  -0.271  1.00 11.50 ? 100 LEU A C   1 
ATOM   810  O O   . LEU A 1 100 ? -5.606  -8.372  -0.795  1.00 12.73 ? 100 LEU A O   1 
ATOM   811  C CB  . LEU A 1 100 ? -4.194  -5.568  -1.037  1.00 9.66  ? 100 LEU A CB  1 
ATOM   812  C CG  . LEU A 1 100 ? -3.313  -4.581  -1.815  1.00 8.83  ? 100 LEU A CG  1 
ATOM   813  C CD1 . LEU A 1 100 ? -3.898  -3.136  -1.731  1.00 8.23  ? 100 LEU A CD1 1 
ATOM   814  C CD2 . LEU A 1 100 ? -1.864  -4.674  -1.317  1.00 7.22  ? 100 LEU A CD2 1 
ATOM   815  N N   . THR A 1 101 ? -4.235  -8.279  0.958   1.00 10.96 ? 101 THR A N   1 
ATOM   816  C CA  . THR A 1 101 ? -5.064  -9.206  1.717   1.00 12.85 ? 101 THR A CA  1 
ATOM   817  C C   . THR A 1 101 ? -5.721  -8.492  2.930   1.00 14.68 ? 101 THR A C   1 
ATOM   818  O O   . THR A 1 101 ? -6.815  -7.919  2.814   1.00 16.28 ? 101 THR A O   1 
ATOM   819  C CB  . THR A 1 101 ? -4.254  -10.507 2.115   1.00 12.12 ? 101 THR A CB  1 
ATOM   820  O OG1 . THR A 1 101 ? -3.088  -10.162 2.904   1.00 12.15 ? 101 THR A OG1 1 
ATOM   821  C CG2 . THR A 1 101 ? -3.795  -11.249 0.865   1.00 8.89  ? 101 THR A CG2 1 
ATOM   822  N N   . THR A 1 102 ? -4.980  -8.346  4.028   1.00 15.18 ? 102 THR A N   1 
ATOM   823  C CA  . THR A 1 102 ? -5.541  -7.717  5.231   1.00 15.98 ? 102 THR A CA  1 
ATOM   824  C C   . THR A 1 102 ? -4.751  -6.500  5.728   1.00 13.10 ? 102 THR A C   1 
ATOM   825  O O   . THR A 1 102 ? -3.565  -6.402  5.491   1.00 11.39 ? 102 THR A O   1 
ATOM   826  C CB  . THR A 1 102 ? -5.728  -8.797  6.350   1.00 18.02 ? 102 THR A CB  1 
ATOM   827  O OG1 . THR A 1 102 ? -6.891  -9.577  6.024   1.00 23.79 ? 102 THR A OG1 1 
ATOM   828  C CG2 . THR A 1 102 ? -5.931  -8.193  7.687   1.00 21.37 ? 102 THR A CG2 1 
ATOM   829  N N   . VAL A 1 103 ? -5.448  -5.594  6.411   1.00 13.12 ? 103 VAL A N   1 
ATOM   830  C CA  . VAL A 1 103 ? -4.844  -4.407  6.984   1.00 13.28 ? 103 VAL A CA  1 
ATOM   831  C C   . VAL A 1 103 ? -3.799  -4.812  8.087   1.00 13.38 ? 103 VAL A C   1 
ATOM   832  O O   . VAL A 1 103 ? -3.983  -5.757  8.897   1.00 13.68 ? 103 VAL A O   1 
ATOM   833  C CB  . VAL A 1 103 ? -5.910  -3.425  7.559   1.00 14.01 ? 103 VAL A CB  1 
ATOM   834  C CG1 . VAL A 1 103 ? -6.624  -4.035  8.772   1.00 16.10 ? 103 VAL A CG1 1 
ATOM   835  C CG2 . VAL A 1 103 ? -5.230  -2.110  7.993   1.00 15.07 ? 103 VAL A CG2 1 
ATOM   836  N N   . CYS A 1 104 ? -2.700  -4.068  8.094   1.00 11.79 ? 104 CYS A N   1 
ATOM   837  C CA  . CYS A 1 104 ? -1.637  -4.297  9.025   1.00 12.22 ? 104 CYS A CA  1 
ATOM   838  C C   . CYS A 1 104 ? -2.033  -3.953  10.481  1.00 12.96 ? 104 CYS A C   1 
ATOM   839  O O   . CYS A 1 104 ? -2.709  -3.008  10.764  1.00 11.09 ? 104 CYS A O   1 
ATOM   840  C CB  . CYS A 1 104 ? -0.412  -3.446  8.641   1.00 12.43 ? 104 CYS A CB  1 
ATOM   841  S SG  . CYS A 1 104 ? 1.120   -3.888  9.479   1.00 13.77 ? 104 CYS A SG  1 
ATOM   842  N N   . PRO A 1 105 ? -1.662  -4.845  11.386  1.00 13.86 ? 105 PRO A N   1 
ATOM   843  C CA  . PRO A 1 105 ? -1.918  -4.689  12.817  1.00 16.78 ? 105 PRO A CA  1 
ATOM   844  C C   . PRO A 1 105 ? -0.848  -3.670  13.326  1.00 19.60 ? 105 PRO A C   1 
ATOM   845  O O   . PRO A 1 105 ? 0.196   -3.532  12.695  1.00 19.13 ? 105 PRO A O   1 
ATOM   846  C CB  . PRO A 1 105 ? -1.357  -5.986  13.400  1.00 17.54 ? 105 PRO A CB  1 
ATOM   847  C CG  . PRO A 1 105 ? -1.488  -6.958  12.286  1.00 16.77 ? 105 PRO A CG  1 
ATOM   848  C CD  . PRO A 1 105 ? -1.090  -6.161  11.085  1.00 15.18 ? 105 PRO A CD  1 
ATOM   849  N N   . THR A 1 106 ? -1.096  -2.981  14.436  1.00 22.96 ? 106 THR A N   1 
ATOM   850  C CA  . THR A 1 106 ? -0.061  -2.099  14.995  1.00 24.99 ? 106 THR A CA  1 
ATOM   851  C C   . THR A 1 106 ? 0.523   -2.808  16.308  1.00 26.86 ? 106 THR A C   1 
ATOM   852  O O   . THR A 1 106 ? 1.535   -2.330  16.874  1.00 28.31 ? 106 THR A O   1 
ATOM   853  C CB  . THR A 1 106 ? -0.602  -0.708  15.308  1.00 25.31 ? 106 THR A CB  1 
ATOM   854  O OG1 . THR A 1 106 ? -1.524  -0.780  16.394  1.00 28.40 ? 106 THR A OG1 1 
ATOM   855  C CG2 . THR A 1 106 ? -1.314  -0.129  14.071  1.00 26.84 ? 106 THR A CG2 1 
HETATM 856  C C1  . 852 B 2 .   ? 9.289   4.281   -3.521  1.00 23.36 ? 300 852 A C1  1 
HETATM 857  C C2  . 852 B 2 .   ? 8.204   4.164   -2.632  1.00 22.69 ? 300 852 A C2  1 
HETATM 858  C C3  . 852 B 2 .   ? 8.051   5.122   -1.628  1.00 23.16 ? 300 852 A C3  1 
HETATM 859  C C4  . 852 B 2 .   ? 9.026   6.123   -1.478  1.00 24.00 ? 300 852 A C4  1 
HETATM 860  C C5  . 852 B 2 .   ? 10.185  6.217   -2.350  1.00 25.51 ? 300 852 A C5  1 
HETATM 861  C C6  . 852 B 2 .   ? 10.280  5.308   -3.433  1.00 24.31 ? 300 852 A C6  1 
HETATM 862  C C7  . 852 B 2 .   ? 9.501   3.240   -4.572  1.00 21.00 ? 300 852 A C7  1 
HETATM 863  C C8  . 852 B 2 .   ? 10.263  2.103   -3.904  1.00 20.23 ? 300 852 A C8  1 
HETATM 864  C C9  . 852 B 2 .   ? 10.461  1.000   -4.957  1.00 20.59 ? 300 852 A C9  1 
HETATM 865  N N10 . 852 B 2 .   ? 9.435   0.106   -4.937  1.00 16.35 ? 300 852 A N10 1 
HETATM 866  O O11 . 852 B 2 .   ? 11.439  0.972   -5.733  1.00 19.32 ? 300 852 A O11 1 
HETATM 867  N N12 . 852 B 2 .   ? 11.565  2.574   -3.456  1.00 21.70 ? 300 852 A N12 1 
HETATM 868  C C13 . 852 B 2 .   ? 12.001  2.285   -2.236  1.00 21.49 ? 300 852 A C13 1 
HETATM 869  O O14 . 852 B 2 .   ? 11.420  1.548   -1.452  1.00 21.33 ? 300 852 A O14 1 
HETATM 870  C C15 . 852 B 2 .   ? 13.270  3.065   -1.853  1.00 22.93 ? 300 852 A C15 1 
HETATM 871  C C16 . 852 B 2 .   ? 9.430   -0.951  -5.912  1.00 15.58 ? 300 852 A C16 1 
HETATM 872  C C17 . 852 B 2 .   ? 9.124   -0.324  -7.290  1.00 14.52 ? 300 852 A C17 1 
HETATM 873  N N18 . 852 B 2 .   ? 9.328   -1.194  -8.350  1.00 15.68 ? 300 852 A N18 1 
HETATM 874  O O19 . 852 B 2 .   ? 8.712   0.852   -7.374  1.00 14.99 ? 300 852 A O19 1 
HETATM 875  C C20 . 852 B 2 .   ? 9.742   -2.598  -8.201  1.00 13.86 ? 300 852 A C20 1 
HETATM 876  C C21 . 852 B 2 .   ? 8.541   -3.333  -7.634  1.00 14.28 ? 300 852 A C21 1 
HETATM 877  C C22 . 852 B 2 .   ? 8.935   -0.661  -9.703  1.00 16.56 ? 300 852 A C22 1 
HETATM 878  C C23 . 852 B 2 .   ? 7.465   -0.926  -10.024 1.00 15.45 ? 300 852 A C23 1 
HETATM 879  C C24 . 852 B 2 .   ? 8.559   -3.333  -6.127  1.00 15.88 ? 300 852 A C24 1 
HETATM 880  C C25 . 852 B 2 .   ? 8.345   -1.950  -5.533  1.00 14.90 ? 300 852 A C25 1 
HETATM 881  C C26 . 852 B 2 .   ? 6.408   -0.422  -9.173  1.00 17.50 ? 300 852 A C26 1 
HETATM 882  C C27 . 852 B 2 .   ? 5.061   -0.813  -9.396  1.00 16.16 ? 300 852 A C27 1 
HETATM 883  C C28 . 852 B 2 .   ? 4.840   -1.690  -10.495 1.00 16.24 ? 300 852 A C28 1 
HETATM 884  C C29 . 852 B 2 .   ? 5.842   -2.172  -11.358 1.00 14.92 ? 300 852 A C29 1 
HETATM 885  C C30 . 852 B 2 .   ? 7.171   -1.793  -11.113 1.00 15.65 ? 300 852 A C30 1 
HETATM 886  C C31 . 852 B 2 .   ? 3.436   -2.135  -10.742 1.00 16.82 ? 300 852 A C31 1 
HETATM 887  C C32 . 852 B 2 .   ? 2.980   -2.329  -12.095 1.00 16.26 ? 300 852 A C32 1 
HETATM 888  C C33 . 852 B 2 .   ? 1.598   -2.653  -12.304 1.00 15.64 ? 300 852 A C33 1 
HETATM 889  C C34 . 852 B 2 .   ? 0.740   -2.779  -11.211 1.00 14.53 ? 300 852 A C34 1 
HETATM 890  C C35 . 852 B 2 .   ? 1.177   -2.613  -9.891  1.00 14.95 ? 300 852 A C35 1 
HETATM 891  C C36 . 852 B 2 .   ? 2.540   -2.307  -9.639  1.00 15.63 ? 300 852 A C36 1 
HETATM 892  C C37 . 852 B 2 .   ? 11.323  7.222   -2.188  1.00 26.23 ? 300 852 A C37 1 
HETATM 893  O O38 . 852 B 2 .   ? 12.271  7.054   -1.208  1.00 28.15 ? 300 852 A O38 1 
HETATM 894  O O39 . 852 B 2 .   ? 11.380  8.158   -2.909  1.00 26.45 ? 300 852 A O39 1 
HETATM 895  C C40 . 852 B 2 .   ? 8.767   7.086   -0.354  1.00 23.92 ? 300 852 A C40 1 
HETATM 896  C C41 . 852 B 2 .   ? 8.492   8.569   -0.601  1.00 24.28 ? 300 852 A C41 1 
HETATM 897  O O42 . 852 B 2 .   ? 7.481   8.706   -1.428  1.00 24.48 ? 300 852 A O42 1 
HETATM 898  O O43 . 852 B 2 .   ? 9.136   9.471   -0.187  1.00 26.16 ? 300 852 A O43 1 
HETATM 899  C C76 . 852 B 2 .   ? 8.370   6.626   1.037   1.00 20.76 ? 300 852 A C76 1 
HETATM 900  O O78 . 852 B 2 .   ? 7.691   7.390   1.614   1.00 20.28 ? 300 852 A O78 1 
HETATM 901  O O79 . 852 B 2 .   ? 8.956   5.565   1.532   1.00 19.75 ? 300 852 A O79 1 
HETATM 902  O O   . HOH C 3 .   ? -1.775  -14.064 2.009   1.00 10.42 ? 301 HOH A O   1 
HETATM 903  O O   . HOH C 3 .   ? 6.231   -11.853 -5.288  1.00 19.13 ? 302 HOH A O   1 
HETATM 904  O O   . HOH C 3 .   ? -2.184  -2.871  -12.569 1.00 12.32 ? 303 HOH A O   1 
HETATM 905  O O   . HOH C 3 .   ? 6.027   7.097   12.091  1.00 20.28 ? 304 HOH A O   1 
HETATM 906  O O   . HOH C 3 .   ? 4.139   -11.249 4.308   1.00 10.71 ? 305 HOH A O   1 
HETATM 907  O O   . HOH C 3 .   ? 4.486   -13.665 5.577   1.00 20.21 ? 306 HOH A O   1 
HETATM 908  O O   . HOH C 3 .   ? -12.090 -1.057  4.058   1.00 14.99 ? 307 HOH A O   1 
HETATM 909  O O   . HOH C 3 .   ? 12.907  7.157   4.660   1.00 19.64 ? 308 HOH A O   1 
HETATM 910  O O   . HOH C 3 .   ? 3.705   5.036   -9.002  1.00 10.59 ? 309 HOH A O   1 
HETATM 911  O O   . HOH C 3 .   ? 12.835  10.838  3.596   1.00 12.82 ? 310 HOH A O   1 
HETATM 912  O O   . HOH C 3 .   ? -5.571  -1.467  -17.074 1.00 24.24 ? 311 HOH A O   1 
HETATM 913  O O   . HOH C 3 .   ? -6.962  -3.445  -15.416 1.00 38.07 ? 312 HOH A O   1 
HETATM 914  O O   . HOH C 3 .   ? -11.682 -6.136  -3.659  1.00 16.77 ? 313 HOH A O   1 
HETATM 915  O O   . HOH C 3 .   ? -1.555  -2.394  -15.211 1.00 12.82 ? 314 HOH A O   1 
HETATM 916  O O   . HOH C 3 .   ? 6.224   -8.022  -8.585  1.00 21.72 ? 315 HOH A O   1 
HETATM 917  O O   . HOH C 3 .   ? 9.394   -5.151  13.467  1.00 38.75 ? 316 HOH A O   1 
HETATM 918  O O   . HOH C 3 .   ? -8.558  -5.853  1.028   1.00 32.10 ? 317 HOH A O   1 
HETATM 919  O O   . HOH C 3 .   ? 11.910  -5.483  3.880   1.00 16.64 ? 318 HOH A O   1 
HETATM 920  O O   . HOH C 3 .   ? 13.434  -0.730  8.511   1.00 42.95 ? 319 HOH A O   1 
HETATM 921  O O   . HOH C 3 .   ? 11.944  -0.936  10.932  1.00 29.35 ? 320 HOH A O   1 
HETATM 922  O O   . HOH C 3 .   ? 5.264   8.997   5.604   1.00 28.77 ? 321 HOH A O   1 
HETATM 923  O O   . HOH C 3 .   ? -8.089  -8.551  0.191   1.00 39.48 ? 322 HOH A O   1 
HETATM 924  O O   . HOH C 3 .   ? -14.288 -1.037  -6.707  1.00 22.34 ? 323 HOH A O   1 
HETATM 925  O O   . HOH C 3 .   ? 4.865   11.476  6.627   1.00 22.55 ? 324 HOH A O   1 
HETATM 926  O O   . HOH C 3 .   ? 4.409   13.032  4.583   1.00 24.63 ? 325 HOH A O   1 
HETATM 927  O O   . HOH C 3 .   ? 7.860   -13.256 -3.241  1.00 27.70 ? 326 HOH A O   1 
HETATM 928  O O   . HOH C 3 .   ? 13.559  0.721   3.233   1.00 38.07 ? 327 HOH A O   1 
HETATM 929  O O   . HOH C 3 .   ? -9.957  -4.331  7.754   1.00 25.89 ? 328 HOH A O   1 
HETATM 930  O O   . HOH C 3 .   ? 9.397   3.719   13.749  1.00 26.07 ? 329 HOH A O   1 
HETATM 931  O O   . HOH C 3 .   ? 2.458   -5.210  13.427  1.00 18.07 ? 330 HOH A O   1 
HETATM 932  O O   . HOH C 3 .   ? 5.489   -4.984  14.862  1.00 43.22 ? 331 HOH A O   1 
HETATM 933  O O   . HOH C 3 .   ? 13.295  -8.179  5.693   1.00 43.87 ? 332 HOH A O   1 
HETATM 934  O O   . HOH C 3 .   ? -12.767 1.054   1.334   1.00 33.26 ? 333 HOH A O   1 
HETATM 935  O O   . HOH C 3 .   ? -7.483  6.082   9.304   1.00 25.61 ? 334 HOH A O   1 
HETATM 936  O O   . HOH C 3 .   ? -16.440 5.683   -9.604  1.00 27.61 ? 335 HOH A O   1 
HETATM 937  O O   . HOH C 3 .   ? 9.138   -8.749  -2.250  1.00 23.62 ? 336 HOH A O   1 
HETATM 938  O O   . HOH C 3 .   ? -4.611  -1.970  12.523  1.00 18.19 ? 337 HOH A O   1 
HETATM 939  O O   . HOH C 3 .   ? -3.593  -14.598 -3.696  1.00 14.90 ? 338 HOH A O   1 
HETATM 940  O O   . HOH C 3 .   ? 11.732  -2.062  0.268   1.00 29.04 ? 339 HOH A O   1 
HETATM 941  O O   . HOH C 3 .   ? 0.116   -9.871  15.076  1.00 48.77 ? 340 HOH A O   1 
HETATM 942  O O   . HOH C 3 .   ? -11.488 -0.621  -0.660  1.00 26.81 ? 341 HOH A O   1 
HETATM 943  O O   . HOH C 3 .   ? -8.274  -5.851  6.248   1.00 38.05 ? 342 HOH A O   1 
HETATM 944  O O   . HOH C 3 .   ? 7.757   -11.160 14.488  1.00 31.51 ? 343 HOH A O   1 
HETATM 945  O O   . HOH C 3 .   ? 11.592  -6.094  -0.241  1.00 25.45 ? 344 HOH A O   1 
HETATM 946  O O   . HOH C 3 .   ? -10.008 -3.508  10.202  1.00 20.58 ? 345 HOH A O   1 
HETATM 947  O O   . HOH C 3 .   ? -6.432  -0.181  11.538  1.00 22.83 ? 346 HOH A O   1 
HETATM 948  O O   . HOH C 3 .   ? 3.367   1.756   -19.067 1.00 33.10 ? 347 HOH A O   1 
HETATM 949  O O   . HOH C 3 .   ? -5.130  -14.989 -0.930  1.00 30.54 ? 348 HOH A O   1 
HETATM 950  O O   . HOH C 3 .   ? -14.266 0.581   -3.846  1.00 51.62 ? 349 HOH A O   1 
HETATM 951  O O   . HOH C 3 .   ? -5.685  8.211   9.758   1.00 47.96 ? 350 HOH A O   1 
HETATM 952  O O   . HOH C 3 .   ? 0.014   -15.352 -4.315  1.00 35.91 ? 351 HOH A O   1 
HETATM 953  O O   . HOH C 3 .   ? 6.927   -7.456  15.200  1.00 62.04 ? 352 HOH A O   1 
HETATM 954  O O   . HOH C 3 .   ? -4.888  5.380   -18.410 1.00 33.60 ? 353 HOH A O   1 
HETATM 955  O O   . HOH C 3 .   ? -5.907  1.067   -21.038 1.00 42.58 ? 354 HOH A O   1 
HETATM 956  O O   . HOH C 3 .   ? -13.909 10.475  -6.574  1.00 71.48 ? 355 HOH A O   1 
HETATM 957  O O   . HOH C 3 .   ? 1.460   -7.836  13.126  1.00 45.46 ? 356 HOH A O   1 
HETATM 958  O O   . HOH C 3 .   ? -8.676  -1.882  12.215  1.00 28.51 ? 357 HOH A O   1 
HETATM 959  O O   . HOH C 3 .   ? 1.953   3.579   14.244  1.00 45.19 ? 358 HOH A O   1 
HETATM 960  O O   . HOH C 3 .   ? 1.888   15.766  5.806   1.00 39.68 ? 359 HOH A O   1 
HETATM 961  O O   . HOH C 3 .   ? 11.497  2.231   14.648  1.00 22.56 ? 360 HOH A O   1 
HETATM 962  O O   . HOH C 3 .   ? 14.689  11.989  -1.842  1.00 43.53 ? 361 HOH A O   1 
HETATM 963  O O   . HOH C 3 .   ? 7.555   -19.886 -0.217  1.00 26.31 ? 362 HOH A O   1 
HETATM 964  O O   . HOH C 3 .   ? -0.493  15.331  8.011   1.00 35.46 ? 363 HOH A O   1 
HETATM 965  O O   . HOH C 3 .   ? 19.197  -17.171 1.656   1.00 71.80 ? 364 HOH A O   1 
HETATM 966  O O   . HOH C 3 .   ? -6.705  3.471   -16.621 1.00 13.23 ? 365 HOH A O   1 
HETATM 967  O O   . HOH C 3 .   ? 12.411  -4.032  -5.895  1.00 28.87 ? 366 HOH A O   1 
HETATM 968  O O   . HOH C 3 .   ? 6.547   -5.838  -6.977  1.00 28.32 ? 367 HOH A O   1 
HETATM 969  O O   . HOH C 3 .   ? -3.188  -9.885  -13.500 1.00 32.77 ? 368 HOH A O   1 
HETATM 970  O O   . HOH C 3 .   ? 5.281   -14.499 8.352   1.00 29.09 ? 369 HOH A O   1 
HETATM 971  O O   . HOH C 3 .   ? -1.608  -9.394  9.602   1.00 28.37 ? 370 HOH A O   1 
HETATM 972  O O   . HOH C 3 .   ? 6.509   2.519   -6.770  1.00 12.58 ? 371 HOH A O   1 
HETATM 973  O O   . HOH C 3 .   ? -0.487  -16.400 -1.447  1.00 23.85 ? 372 HOH A O   1 
HETATM 974  O O   . HOH C 3 .   ? -2.014  11.577  9.446   1.00 53.04 ? 373 HOH A O   1 
HETATM 975  O O   . HOH C 3 .   ? -2.788  11.973  6.015   1.00 20.78 ? 374 HOH A O   1 
HETATM 976  O O   . HOH C 3 .   ? 3.928   13.084  12.872  1.00 31.31 ? 375 HOH A O   1 
HETATM 977  O O   . HOH C 3 .   ? 11.404  -14.240 7.481   1.00 27.58 ? 376 HOH A O   1 
HETATM 978  O O   . HOH C 3 .   ? -11.036 2.491   -12.402 1.00 12.19 ? 377 HOH A O   1 
HETATM 979  O O   . HOH C 3 .   ? 3.035   -4.561  15.925  1.00 35.49 ? 378 HOH A O   1 
HETATM 980  O O   . HOH C 3 .   ? -1.423  -14.731 11.204  1.00 12.18 ? 379 HOH A O   1 
HETATM 981  O O   . HOH C 3 .   ? 9.458   -11.693 -1.113  1.00 24.88 ? 380 HOH A O   1 
HETATM 982  O O   . HOH C 3 .   ? 9.523   -19.213 -2.022  1.00 22.93 ? 381 HOH A O   1 
HETATM 983  O O   . HOH C 3 .   ? 10.265  -1.224  -1.874  1.00 12.03 ? 382 HOH A O   1 
HETATM 984  O O   . HOH C 3 .   ? -2.135  1.571   -10.895 1.00 9.07  ? 383 HOH A O   1 
HETATM 985  O O   . HOH C 3 .   ? -9.839  8.624   -2.235  1.00 23.38 ? 384 HOH A O   1 
HETATM 986  O O   . HOH C 3 .   ? -15.939 0.755   -8.535  1.00 39.01 ? 385 HOH A O   1 
HETATM 987  O O   . HOH C 3 .   ? 3.867   -8.902  -9.541  1.00 10.30 ? 386 HOH A O   1 
HETATM 988  O O   . HOH C 3 .   ? -1.079  4.820   12.394  1.00 52.48 ? 387 HOH A O   1 
HETATM 989  O O   . HOH C 3 .   ? 10.165  -11.155 11.313  1.00 44.67 ? 388 HOH A O   1 
HETATM 990  O O   . HOH C 3 .   ? 3.485   -15.570 16.991  1.00 31.70 ? 389 HOH A O   1 
HETATM 991  O O   . HOH C 3 .   ? 1.088   13.631  0.691   1.00 46.58 ? 390 HOH A O   1 
HETATM 992  O O   . HOH C 3 .   ? 14.695  -9.833  3.212   1.00 31.37 ? 391 HOH A O   1 
HETATM 993  O O   . HOH C 3 .   ? 9.000   5.473   -7.379  1.00 40.85 ? 392 HOH A O   1 
HETATM 994  O O   . HOH C 3 .   ? -12.609 3.981   -10.590 1.00 15.18 ? 393 HOH A O   1 
HETATM 995  O O   . HOH C 3 .   ? 0.633   -17.907 -3.134  1.00 40.43 ? 394 HOH A O   1 
HETATM 996  O O   . HOH C 3 .   ? 2.967   -0.515  18.270  1.00 32.99 ? 395 HOH A O   1 
HETATM 997  O O   . HOH C 3 .   ? 4.569   -13.885 -2.894  1.00 19.30 ? 396 HOH A O   1 
HETATM 998  O O   . HOH C 3 .   ? 12.897  -3.269  2.974   1.00 52.13 ? 397 HOH A O   1 
HETATM 999  O O   . HOH C 3 .   ? -2.132  -17.342 -4.745  1.00 32.80 ? 398 HOH A O   1 
HETATM 1000 O O   . HOH C 3 .   ? 13.923  14.567  -1.885  1.00 45.33 ? 399 HOH A O   1 
HETATM 1001 O O   . HOH C 3 .   ? -4.510  -10.327 -15.591 1.00 26.13 ? 400 HOH A O   1 
HETATM 1002 O O   . HOH C 3 .   ? 14.060  -5.947  1.844   1.00 56.62 ? 401 HOH A O   1 
HETATM 1003 O O   . HOH C 3 .   ? 7.720   -17.171 16.995  1.00 30.12 ? 402 HOH A O   1 
HETATM 1004 O O   . HOH C 3 .   ? -4.967  3.474   11.621  1.00 38.45 ? 403 HOH A O   1 
HETATM 1005 O O   . HOH C 3 .   ? 3.411   9.602   14.097  1.00 35.52 ? 404 HOH A O   1 
HETATM 1006 O O   . HOH C 3 .   ? -1.268  14.140  1.759   1.00 37.54 ? 405 HOH A O   1 
HETATM 1007 O O   . HOH C 3 .   ? 12.570  -2.523  14.638  1.00 59.08 ? 406 HOH A O   1 
HETATM 1008 O O   . HOH C 3 .   ? 15.019  -1.047  5.329   1.00 60.13 ? 407 HOH A O   1 
HETATM 1009 O O   . HOH C 3 .   ? 18.714  -10.927 -1.044  1.00 84.84 ? 408 HOH A O   1 
HETATM 1010 O O   . HOH C 3 .   ? 11.545  -2.405  -3.879  1.00 29.79 ? 409 HOH A O   1 
HETATM 1011 O O   . HOH C 3 .   ? -11.722 10.088  -3.995  1.00 60.20 ? 410 HOH A O   1 
HETATM 1012 O O   . HOH C 3 .   ? -15.369 4.015   -3.721  1.00 42.52 ? 411 HOH A O   1 
HETATM 1013 O O   . HOH C 3 .   ? -7.878  11.333  -0.745  1.00 35.04 ? 412 HOH A O   1 
HETATM 1014 O O   . HOH C 3 .   ? -3.762  13.988  2.845   1.00 49.32 ? 413 HOH A O   1 
HETATM 1015 O O   . HOH C 3 .   ? 14.087  -1.289  -4.068  1.00 38.20 ? 414 HOH A O   1 
HETATM 1016 O O   . HOH C 3 .   ? 9.906   -6.469  -6.692  1.00 40.25 ? 415 HOH A O   1 
HETATM 1017 O O   . HOH C 3 .   ? 17.921  -0.053  11.432  1.00 34.25 ? 416 HOH A O   1 
HETATM 1018 O O   . HOH C 3 .   ? 20.323  10.380  -3.945  1.00 72.36 ? 417 HOH A O   1 
HETATM 1019 O O   . HOH C 3 .   ? 13.956  -12.109 6.573   1.00 56.65 ? 418 HOH A O   1 
HETATM 1020 O O   . HOH C 3 .   ? -3.260  15.940  -6.202  1.00 73.23 ? 419 HOH A O   1 
HETATM 1021 O O   . HOH C 3 .   ? -1.369  1.963   -28.051 1.00 42.24 ? 420 HOH A O   1 
HETATM 1022 O O   . HOH C 3 .   ? -9.606  15.235  -8.140  1.00 68.98 ? 421 HOH A O   1 
HETATM 1023 O O   . HOH C 3 .   ? 8.460   -8.637  -6.285  1.00 43.19 ? 422 HOH A O   1 
HETATM 1024 O O   . HOH C 3 .   ? -16.679 5.203   4.135   1.00 57.49 ? 423 HOH A O   1 
HETATM 1025 O O   . HOH C 3 .   ? 16.396  -2.475  -3.666  1.00 53.47 ? 424 HOH A O   1 
HETATM 1026 O O   . HOH C 3 .   ? 18.810  2.125   -3.943  1.00 44.55 ? 425 HOH A O   1 
HETATM 1027 O O   . HOH C 3 .   ? 10.764  14.200  -10.064 1.00 64.05 ? 426 HOH A O   1 
HETATM 1028 O O   . HOH C 3 .   ? -4.011  -8.214  9.586   1.00 20.81 ? 427 HOH A O   1 
HETATM 1029 O O   . HOH C 3 .   ? 11.860  0.032   13.364  1.00 37.67 ? 428 HOH A O   1 
HETATM 1030 O O   . HOH C 3 .   ? 5.552   -12.118 15.825  1.00 37.92 ? 429 HOH A O   1 
HETATM 1031 O O   . HOH C 3 .   ? 5.745   -17.863 0.313   1.00 41.01 ? 430 HOH A O   1 
HETATM 1032 O O   . HOH C 3 .   ? 11.904  -8.940  11.353  1.00 59.09 ? 431 HOH A O   1 
HETATM 1033 O O   . HOH C 3 .   ? -9.228  -4.442  3.098   1.00 51.66 ? 432 HOH A O   1 
HETATM 1034 O O   . HOH C 3 .   ? 13.776  -6.018  -2.159  1.00 82.43 ? 433 HOH A O   1 
HETATM 1035 O O   . HOH C 3 .   ? 1.355   1.500   16.908  1.00 40.52 ? 434 HOH A O   1 
HETATM 1036 O O   . HOH C 3 .   ? 1.533   13.508  13.861  1.00 33.73 ? 435 HOH A O   1 
HETATM 1037 O O   . HOH C 3 .   ? -17.719 1.749   -5.881  1.00 51.23 ? 436 HOH A O   1 
HETATM 1038 O O   . HOH C 3 .   ? 9.226   -14.793 15.914  1.00 43.79 ? 437 HOH A O   1 
HETATM 1039 O O   . HOH C 3 .   ? -9.647  12.063  1.263   1.00 56.99 ? 438 HOH A O   1 
HETATM 1040 O O   . HOH C 3 .   ? 14.845  2.095   16.033  1.00 45.37 ? 439 HOH A O   1 
HETATM 1041 O O   . HOH C 3 .   ? 4.677   17.726  -5.075  1.00 45.67 ? 440 HOH A O   1 
HETATM 1042 O O   . HOH C 3 .   ? -1.632  16.874  -11.197 1.00 59.60 ? 441 HOH A O   1 
HETATM 1043 O O   . HOH C 3 .   ? 2.736   1.595   -21.924 1.00 28.41 ? 442 HOH A O   1 
HETATM 1044 O O   . HOH C 3 .   ? -3.816  -10.653 5.772   1.00 48.04 ? 443 HOH A O   1 
HETATM 1045 O O   . HOH C 3 .   ? 13.572  -3.295  10.226  1.00 54.58 ? 444 HOH A O   1 
# 
loop_
_pdbx_poly_seq_scheme.asym_id 
_pdbx_poly_seq_scheme.entity_id 
_pdbx_poly_seq_scheme.seq_id 
_pdbx_poly_seq_scheme.mon_id 
_pdbx_poly_seq_scheme.ndb_seq_num 
_pdbx_poly_seq_scheme.pdb_seq_num 
_pdbx_poly_seq_scheme.auth_seq_num 
_pdbx_poly_seq_scheme.pdb_mon_id 
_pdbx_poly_seq_scheme.auth_mon_id 
_pdbx_poly_seq_scheme.pdb_strand_id 
_pdbx_poly_seq_scheme.pdb_ins_code 
_pdbx_poly_seq_scheme.hetero 
A 1 1   SER 1   1   1   SER SER A . n 
A 1 2   ILE 2   2   2   ILE ILE A . n 
A 1 3   GLN 3   3   3   GLN GLN A . n 
A 1 4   ALA 4   4   4   ALA ALA A . n 
A 1 5   GLU 5   5   5   GLU GLU A . n 
A 1 6   GLU 6   6   6   GLU GLU A . n 
A 1 7   TRP 7   7   7   TRP TRP A . n 
A 1 8   TYR 8   8   8   TYR TYR A . n 
A 1 9   PHE 9   9   9   PHE PHE A . n 
A 1 10  GLY 10  10  10  GLY GLY A . n 
A 1 11  LYS 11  11  11  LYS LYS A . n 
A 1 12  ILE 12  12  12  ILE ILE A . n 
A 1 13  THR 13  13  13  THR THR A . n 
A 1 14  ARG 14  14  14  ARG ARG A . n 
A 1 15  ARG 15  15  15  ARG ARG A . n 
A 1 16  GLU 16  16  16  GLU GLU A . n 
A 1 17  SER 17  17  17  SER SER A . n 
A 1 18  GLU 18  18  18  GLU GLU A . n 
A 1 19  ARG 19  19  19  ARG ARG A . n 
A 1 20  LEU 20  20  20  LEU LEU A . n 
A 1 21  LEU 21  21  21  LEU LEU A . n 
A 1 22  LEU 22  22  22  LEU LEU A . n 
A 1 23  ASN 23  23  23  ASN ASN A . n 
A 1 24  ALA 24  24  24  ALA ALA A . n 
A 1 25  GLU 25  25  25  GLU GLU A . n 
A 1 26  ASN 26  26  26  ASN ASN A . n 
A 1 27  PRO 27  27  27  PRO PRO A . n 
A 1 28  ARG 28  28  28  ARG ARG A . n 
A 1 29  GLY 29  29  29  GLY GLY A . n 
A 1 30  THR 30  30  30  THR THR A . n 
A 1 31  PHE 31  31  31  PHE PHE A . n 
A 1 32  LEU 32  32  32  LEU LEU A . n 
A 1 33  VAL 33  33  33  VAL VAL A . n 
A 1 34  ARG 34  34  34  ARG ARG A . n 
A 1 35  GLU 35  35  35  GLU GLU A . n 
A 1 36  SER 36  36  36  SER SER A . n 
A 1 37  GLU 37  37  37  GLU GLU A . n 
A 1 38  THR 38  38  38  THR THR A . n 
A 1 39  THR 39  39  39  THR THR A . n 
A 1 40  LYS 40  40  40  LYS LYS A . n 
A 1 41  GLY 41  41  41  GLY GLY A . n 
A 1 42  ALA 42  42  42  ALA ALA A . n 
A 1 43  TYR 43  43  43  TYR TYR A . n 
A 1 44  CYS 44  44  44  CYS CYS A . n 
A 1 45  LEU 45  45  45  LEU LEU A . n 
A 1 46  SER 46  46  46  SER SER A . n 
A 1 47  VAL 47  47  47  VAL VAL A . n 
A 1 48  SER 48  48  48  SER SER A . n 
A 1 49  ASP 49  49  49  ASP ASP A . n 
A 1 50  PHE 50  50  50  PHE PHE A . n 
A 1 51  ASP 51  51  51  ASP ASP A . n 
A 1 52  ASN 52  52  52  ASN ASN A . n 
A 1 53  ALA 53  53  53  ALA ALA A . n 
A 1 54  LYS 54  54  54  LYS LYS A . n 
A 1 55  GLY 55  55  55  GLY GLY A . n 
A 1 56  LEU 56  56  56  LEU LEU A . n 
A 1 57  ASN 57  57  57  ASN ASN A . n 
A 1 58  VAL 58  58  58  VAL VAL A . n 
A 1 59  LYS 59  59  59  LYS LYS A . n 
A 1 60  HIS 60  60  60  HIS HIS A . n 
A 1 61  TYR 61  61  61  TYR TYR A . n 
A 1 62  LYS 62  62  62  LYS LYS A . n 
A 1 63  ILE 63  63  63  ILE ILE A . n 
A 1 64  ARG 64  64  64  ARG ARG A . n 
A 1 65  LYS 65  65  65  LYS LYS A . n 
A 1 66  LEU 66  66  66  LEU LEU A . n 
A 1 67  ASP 67  67  67  ASP ASP A . n 
A 1 68  SER 68  68  68  SER SER A . n 
A 1 69  GLY 69  69  69  GLY GLY A . n 
A 1 70  GLY 70  70  70  GLY GLY A . n 
A 1 71  PHE 71  71  71  PHE PHE A . n 
A 1 72  TYR 72  72  72  TYR TYR A . n 
A 1 73  ILE 73  73  73  ILE ILE A . n 
A 1 74  THR 74  74  74  THR THR A . n 
A 1 75  SER 75  75  75  SER SER A . n 
A 1 76  ARG 76  76  76  ARG ARG A . n 
A 1 77  THR 77  77  77  THR THR A . n 
A 1 78  GLN 78  78  78  GLN GLN A . n 
A 1 79  PHE 79  79  79  PHE PHE A . n 
A 1 80  ASN 80  80  80  ASN ASN A . n 
A 1 81  SER 81  81  81  SER SER A . n 
A 1 82  LEU 82  82  82  LEU LEU A . n 
A 1 83  GLN 83  83  83  GLN GLN A . n 
A 1 84  GLN 84  84  84  GLN GLN A . n 
A 1 85  LEU 85  85  85  LEU LEU A . n 
A 1 86  VAL 86  86  86  VAL VAL A . n 
A 1 87  ALA 87  87  87  ALA ALA A . n 
A 1 88  TYR 88  88  88  TYR TYR A . n 
A 1 89  TYR 89  89  89  TYR TYR A . n 
A 1 90  SER 90  90  90  SER SER A . n 
A 1 91  LYS 91  91  91  LYS LYS A . n 
A 1 92  HIS 92  92  92  HIS HIS A . n 
A 1 93  ALA 93  93  93  ALA ALA A . n 
A 1 94  ASP 94  94  94  ASP ASP A . n 
A 1 95  GLY 95  95  95  GLY GLY A . n 
A 1 96  LEU 96  96  96  LEU LEU A . n 
A 1 97  CYS 97  97  97  CYS CYS A . n 
A 1 98  HIS 98  98  98  HIS HIS A . n 
A 1 99  ARG 99  99  99  ARG ARG A . n 
A 1 100 LEU 100 100 100 LEU LEU A . n 
A 1 101 THR 101 101 101 THR THR A . n 
A 1 102 THR 102 102 102 THR THR A . n 
A 1 103 VAL 103 103 103 VAL VAL A . n 
A 1 104 CYS 104 104 104 CYS CYS A . n 
A 1 105 PRO 105 105 105 PRO PRO A . n 
A 1 106 THR 106 106 106 THR THR A . n 
A 1 107 SER 107 107 ?   ?   ?   A . n 
A 1 108 LYS 108 108 ?   ?   ?   A . n 
# 
loop_
_pdbx_nonpoly_scheme.asym_id 
_pdbx_nonpoly_scheme.entity_id 
_pdbx_nonpoly_scheme.mon_id 
_pdbx_nonpoly_scheme.ndb_seq_num 
_pdbx_nonpoly_scheme.pdb_seq_num 
_pdbx_nonpoly_scheme.auth_seq_num 
_pdbx_nonpoly_scheme.pdb_mon_id 
_pdbx_nonpoly_scheme.auth_mon_id 
_pdbx_nonpoly_scheme.pdb_strand_id 
_pdbx_nonpoly_scheme.pdb_ins_code 
B 2 852 1   300 1   852 INH A . 
C 3 HOH 1   301 1   HOH WAT A . 
C 3 HOH 2   302 2   HOH WAT A . 
C 3 HOH 3   303 3   HOH WAT A . 
C 3 HOH 4   304 4   HOH WAT A . 
C 3 HOH 5   305 5   HOH WAT A . 
C 3 HOH 6   306 6   HOH WAT A . 
C 3 HOH 7   307 7   HOH WAT A . 
C 3 HOH 8   308 8   HOH WAT A . 
C 3 HOH 9   309 9   HOH WAT A . 
C 3 HOH 10  310 10  HOH WAT A . 
C 3 HOH 11  311 11  HOH WAT A . 
C 3 HOH 12  312 12  HOH WAT A . 
C 3 HOH 13  313 13  HOH WAT A . 
C 3 HOH 14  314 14  HOH WAT A . 
C 3 HOH 15  315 15  HOH WAT A . 
C 3 HOH 16  316 16  HOH WAT A . 
C 3 HOH 17  317 17  HOH WAT A . 
C 3 HOH 18  318 18  HOH WAT A . 
C 3 HOH 19  319 19  HOH WAT A . 
C 3 HOH 20  320 20  HOH WAT A . 
C 3 HOH 21  321 21  HOH WAT A . 
C 3 HOH 22  322 22  HOH WAT A . 
C 3 HOH 23  323 23  HOH WAT A . 
C 3 HOH 24  324 24  HOH WAT A . 
C 3 HOH 25  325 25  HOH WAT A . 
C 3 HOH 26  326 26  HOH WAT A . 
C 3 HOH 27  327 27  HOH WAT A . 
C 3 HOH 28  328 28  HOH WAT A . 
C 3 HOH 29  329 30  HOH WAT A . 
C 3 HOH 30  330 31  HOH WAT A . 
C 3 HOH 31  331 32  HOH WAT A . 
C 3 HOH 32  332 33  HOH WAT A . 
C 3 HOH 33  333 34  HOH WAT A . 
C 3 HOH 34  334 35  HOH WAT A . 
C 3 HOH 35  335 36  HOH WAT A . 
C 3 HOH 36  336 37  HOH WAT A . 
C 3 HOH 37  337 38  HOH WAT A . 
C 3 HOH 38  338 39  HOH WAT A . 
C 3 HOH 39  339 41  HOH WAT A . 
C 3 HOH 40  340 42  HOH WAT A . 
C 3 HOH 41  341 43  HOH WAT A . 
C 3 HOH 42  342 45  HOH WAT A . 
C 3 HOH 43  343 46  HOH WAT A . 
C 3 HOH 44  344 47  HOH WAT A . 
C 3 HOH 45  345 48  HOH WAT A . 
C 3 HOH 46  346 49  HOH WAT A . 
C 3 HOH 47  347 50  HOH WAT A . 
C 3 HOH 48  348 51  HOH WAT A . 
C 3 HOH 49  349 52  HOH WAT A . 
C 3 HOH 50  350 59  HOH WAT A . 
C 3 HOH 51  351 60  HOH WAT A . 
C 3 HOH 52  352 64  HOH WAT A . 
C 3 HOH 53  353 66  HOH WAT A . 
C 3 HOH 54  354 68  HOH WAT A . 
C 3 HOH 55  355 69  HOH WAT A . 
C 3 HOH 56  356 70  HOH WAT A . 
C 3 HOH 57  357 71  HOH WAT A . 
C 3 HOH 58  358 72  HOH WAT A . 
C 3 HOH 59  359 74  HOH WAT A . 
C 3 HOH 60  360 78  HOH WAT A . 
C 3 HOH 61  361 79  HOH WAT A . 
C 3 HOH 62  362 81  HOH WAT A . 
C 3 HOH 63  363 82  HOH WAT A . 
C 3 HOH 64  364 87  HOH WAT A . 
C 3 HOH 65  365 89  HOH WAT A . 
C 3 HOH 66  366 91  HOH WAT A . 
C 3 HOH 67  367 92  HOH WAT A . 
C 3 HOH 68  368 93  HOH WAT A . 
C 3 HOH 69  369 94  HOH WAT A . 
C 3 HOH 70  370 96  HOH WAT A . 
C 3 HOH 71  371 99  HOH WAT A . 
C 3 HOH 72  372 100 HOH WAT A . 
C 3 HOH 73  373 101 HOH WAT A . 
C 3 HOH 74  374 102 HOH WAT A . 
C 3 HOH 75  375 103 HOH WAT A . 
C 3 HOH 76  376 104 HOH WAT A . 
C 3 HOH 77  377 105 HOH WAT A . 
C 3 HOH 78  378 106 HOH WAT A . 
C 3 HOH 79  379 107 HOH WAT A . 
C 3 HOH 80  380 108 HOH WAT A . 
C 3 HOH 81  381 109 HOH WAT A . 
C 3 HOH 82  382 110 HOH WAT A . 
C 3 HOH 83  383 111 HOH WAT A . 
C 3 HOH 84  384 112 HOH WAT A . 
C 3 HOH 85  385 113 HOH WAT A . 
C 3 HOH 86  386 114 HOH WAT A . 
C 3 HOH 87  387 116 HOH WAT A . 
C 3 HOH 88  388 119 HOH WAT A . 
C 3 HOH 89  389 120 HOH WAT A . 
C 3 HOH 90  390 122 HOH WAT A . 
C 3 HOH 91  391 124 HOH WAT A . 
C 3 HOH 92  392 127 HOH WAT A . 
C 3 HOH 93  393 128 HOH WAT A . 
C 3 HOH 94  394 132 HOH WAT A . 
C 3 HOH 95  395 133 HOH WAT A . 
C 3 HOH 96  396 134 HOH WAT A . 
C 3 HOH 97  397 136 HOH WAT A . 
C 3 HOH 98  398 149 HOH WAT A . 
C 3 HOH 99  399 150 HOH WAT A . 
C 3 HOH 100 400 151 HOH WAT A . 
C 3 HOH 101 401 152 HOH WAT A . 
C 3 HOH 102 402 156 HOH WAT A . 
C 3 HOH 103 403 160 HOH WAT A . 
C 3 HOH 104 404 162 HOH WAT A . 
C 3 HOH 105 405 168 HOH WAT A . 
C 3 HOH 106 406 170 HOH WAT A . 
C 3 HOH 107 407 172 HOH WAT A . 
C 3 HOH 108 408 177 HOH WAT A . 
C 3 HOH 109 409 179 HOH WAT A . 
C 3 HOH 110 410 181 HOH WAT A . 
C 3 HOH 111 411 182 HOH WAT A . 
C 3 HOH 112 412 186 HOH WAT A . 
C 3 HOH 113 413 187 HOH WAT A . 
C 3 HOH 114 414 188 HOH WAT A . 
C 3 HOH 115 415 189 HOH WAT A . 
C 3 HOH 116 416 190 HOH WAT A . 
C 3 HOH 117 417 192 HOH WAT A . 
C 3 HOH 118 418 194 HOH WAT A . 
C 3 HOH 119 419 195 HOH WAT A . 
C 3 HOH 120 420 196 HOH WAT A . 
C 3 HOH 121 421 197 HOH WAT A . 
C 3 HOH 122 422 198 HOH WAT A . 
C 3 HOH 123 423 199 HOH WAT A . 
C 3 HOH 124 424 200 HOH WAT A . 
C 3 HOH 125 425 201 HOH WAT A . 
C 3 HOH 126 426 202 HOH WAT A . 
C 3 HOH 127 427 203 HOH WAT A . 
C 3 HOH 128 428 205 HOH WAT A . 
C 3 HOH 129 429 206 HOH WAT A . 
C 3 HOH 130 430 207 HOH WAT A . 
C 3 HOH 131 431 208 HOH WAT A . 
C 3 HOH 132 432 209 HOH WAT A . 
C 3 HOH 133 433 210 HOH WAT A . 
C 3 HOH 134 434 211 HOH WAT A . 
C 3 HOH 135 435 212 HOH WAT A . 
C 3 HOH 136 436 213 HOH WAT A . 
C 3 HOH 137 437 214 HOH WAT A . 
C 3 HOH 138 438 215 HOH WAT A . 
C 3 HOH 139 439 216 HOH WAT A . 
C 3 HOH 140 440 217 HOH WAT A . 
C 3 HOH 141 441 218 HOH WAT A . 
C 3 HOH 142 442 219 HOH WAT A . 
C 3 HOH 143 443 220 HOH WAT A . 
C 3 HOH 144 444 221 HOH WAT A . 
# 
_pdbx_struct_assembly.id                   1 
_pdbx_struct_assembly.details              author_defined_assembly 
_pdbx_struct_assembly.method_details       ? 
_pdbx_struct_assembly.oligomeric_details   monomeric 
_pdbx_struct_assembly.oligomeric_count     1 
# 
_pdbx_struct_assembly_gen.assembly_id       1 
_pdbx_struct_assembly_gen.oper_expression   1 
_pdbx_struct_assembly_gen.asym_id_list      A,B,C 
# 
_pdbx_struct_oper_list.id                   1 
_pdbx_struct_oper_list.type                 'identity operation' 
_pdbx_struct_oper_list.name                 1_555 
_pdbx_struct_oper_list.symmetry_operation   x,y,z 
_pdbx_struct_oper_list.matrix[1][1]         1.0000000000 
_pdbx_struct_oper_list.matrix[1][2]         0.0000000000 
_pdbx_struct_oper_list.matrix[1][3]         0.0000000000 
_pdbx_struct_oper_list.vector[1]            0.0000000000 
_pdbx_struct_oper_list.matrix[2][1]         0.0000000000 
_pdbx_struct_oper_list.matrix[2][2]         1.0000000000 
_pdbx_struct_oper_list.matrix[2][3]         0.0000000000 
_pdbx_struct_oper_list.vector[2]            0.0000000000 
_pdbx_struct_oper_list.matrix[3][1]         0.0000000000 
_pdbx_struct_oper_list.matrix[3][2]         0.0000000000 
_pdbx_struct_oper_list.matrix[3][3]         1.0000000000 
_pdbx_struct_oper_list.vector[3]            0.0000000000 
# 
loop_
_pdbx_audit_revision_history.ordinal 
_pdbx_audit_revision_history.data_content_type 
_pdbx_audit_revision_history.major_revision 
_pdbx_audit_revision_history.minor_revision 
_pdbx_audit_revision_history.revision_date 
1 'Structure model' 1 0 2004-02-17 
2 'Structure model' 1 1 2008-04-26 
3 'Structure model' 1 2 2011-07-13 
4 'Structure model' 1 3 2023-08-16 
# 
_pdbx_audit_revision_details.ordinal             1 
_pdbx_audit_revision_details.revision_ordinal    1 
_pdbx_audit_revision_details.data_content_type   'Structure model' 
_pdbx_audit_revision_details.provider            repository 
_pdbx_audit_revision_details.type                'Initial release' 
_pdbx_audit_revision_details.description         ? 
_pdbx_audit_revision_details.details             ? 
# 
loop_
_pdbx_audit_revision_group.ordinal 
_pdbx_audit_revision_group.revision_ordinal 
_pdbx_audit_revision_group.data_content_type 
_pdbx_audit_revision_group.group 
1 2 'Structure model' 'Version format compliance' 
2 3 'Structure model' 'Version format compliance' 
3 4 'Structure model' 'Data collection'           
4 4 'Structure model' 'Database references'       
5 4 'Structure model' 'Derived calculations'      
6 4 'Structure model' 'Refinement description'    
# 
loop_
_pdbx_audit_revision_category.ordinal 
_pdbx_audit_revision_category.revision_ordinal 
_pdbx_audit_revision_category.data_content_type 
_pdbx_audit_revision_category.category 
1 4 'Structure model' chem_comp_atom                
2 4 'Structure model' chem_comp_bond                
3 4 'Structure model' database_2                    
4 4 'Structure model' pdbx_initial_refinement_model 
5 4 'Structure model' struct_site                   
# 
loop_
_pdbx_audit_revision_item.ordinal 
_pdbx_audit_revision_item.revision_ordinal 
_pdbx_audit_revision_item.data_content_type 
_pdbx_audit_revision_item.item 
1 4 'Structure model' '_database_2.pdbx_DOI'                
2 4 'Structure model' '_database_2.pdbx_database_accession' 
3 4 'Structure model' '_struct_site.pdbx_auth_asym_id'      
4 4 'Structure model' '_struct_site.pdbx_auth_comp_id'      
5 4 'Structure model' '_struct_site.pdbx_auth_seq_id'       
# 
loop_
_software.name 
_software.classification 
_software.version 
_software.citation_id 
_software.pdbx_ordinal 
XDS    'data scaling'   .     ? 1 
XDS    'data reduction' .     ? 2 
X-PLOR 'model building' 3.851 ? 3 
X-PLOR refinement       3.851 ? 4 
X-PLOR phasing          3.851 ? 5 
# 
loop_
_pdbx_validate_torsion.id 
_pdbx_validate_torsion.PDB_model_num 
_pdbx_validate_torsion.auth_comp_id 
_pdbx_validate_torsion.auth_asym_id 
_pdbx_validate_torsion.auth_seq_id 
_pdbx_validate_torsion.PDB_ins_code 
_pdbx_validate_torsion.label_alt_id 
_pdbx_validate_torsion.phi 
_pdbx_validate_torsion.psi 
1 1 LEU A 22  ? ? -86.67  41.60   
2 1 ASP A 94  ? ? 53.50   -118.61 
3 1 THR A 101 ? ? -113.80 -81.73  
# 
loop_
_pdbx_unobs_or_zero_occ_residues.id 
_pdbx_unobs_or_zero_occ_residues.PDB_model_num 
_pdbx_unobs_or_zero_occ_residues.polymer_flag 
_pdbx_unobs_or_zero_occ_residues.occupancy_flag 
_pdbx_unobs_or_zero_occ_residues.auth_asym_id 
_pdbx_unobs_or_zero_occ_residues.auth_comp_id 
_pdbx_unobs_or_zero_occ_residues.auth_seq_id 
_pdbx_unobs_or_zero_occ_residues.PDB_ins_code 
_pdbx_unobs_or_zero_occ_residues.label_asym_id 
_pdbx_unobs_or_zero_occ_residues.label_comp_id 
_pdbx_unobs_or_zero_occ_residues.label_seq_id 
1 1 Y 1 A SER 107 ? A SER 107 
2 1 Y 1 A LYS 108 ? A LYS 108 
# 
loop_
_chem_comp_atom.comp_id 
_chem_comp_atom.atom_id 
_chem_comp_atom.type_symbol 
_chem_comp_atom.pdbx_aromatic_flag 
_chem_comp_atom.pdbx_stereo_config 
_chem_comp_atom.pdbx_ordinal 
852 C1   C Y N 1   
852 C2   C Y N 2   
852 C3   C Y N 3   
852 C4   C Y N 4   
852 C5   C Y N 5   
852 C6   C Y N 6   
852 C7   C N N 7   
852 C8   C N S 8   
852 C9   C N N 9   
852 N10  N N N 10  
852 O11  O N N 11  
852 N12  N N N 12  
852 C13  C N N 13  
852 O14  O N N 14  
852 C15  C N N 15  
852 C16  C N S 16  
852 C17  C N N 17  
852 N18  N N N 18  
852 O19  O N N 19  
852 C20  C N N 20  
852 C21  C N N 21  
852 C22  C N N 22  
852 C23  C Y N 23  
852 C24  C N N 24  
852 C25  C N N 25  
852 C26  C Y N 26  
852 C27  C Y N 27  
852 C28  C Y N 28  
852 C29  C Y N 29  
852 C30  C Y N 30  
852 C31  C Y N 31  
852 C32  C Y N 32  
852 C33  C Y N 33  
852 C34  C Y N 34  
852 C35  C Y N 35  
852 C36  C Y N 36  
852 C37  C N N 37  
852 O38  O N N 38  
852 O39  O N N 39  
852 C40  C N N 40  
852 C41  C N N 41  
852 O42  O N N 42  
852 O43  O N N 43  
852 C76  C N N 44  
852 O78  O N N 45  
852 O79  O N N 46  
852 H2   H N N 47  
852 H3   H N N 48  
852 H6   H N N 49  
852 H71  H N N 50  
852 H72  H N N 51  
852 H8   H N N 52  
852 H10  H N N 53  
852 H12  H N N 54  
852 H151 H N N 55  
852 H152 H N N 56  
852 H153 H N N 57  
852 H16  H N N 58  
852 H201 H N N 59  
852 H202 H N N 60  
852 H211 H N N 61  
852 H212 H N N 62  
852 H221 H N N 63  
852 H222 H N N 64  
852 H241 H N N 65  
852 H242 H N N 66  
852 H251 H N N 67  
852 H252 H N N 68  
852 H26  H N N 69  
852 H27  H N N 70  
852 H29  H N N 71  
852 H30  H N N 72  
852 H32  H N N 73  
852 H33  H N N 74  
852 H34  H N N 75  
852 H35  H N N 76  
852 H36  H N N 77  
852 H38  H N N 78  
852 H40  H N N 79  
852 H42  H N N 80  
852 H78  H N N 81  
ALA N    N N N 82  
ALA CA   C N S 83  
ALA C    C N N 84  
ALA O    O N N 85  
ALA CB   C N N 86  
ALA OXT  O N N 87  
ALA H    H N N 88  
ALA H2   H N N 89  
ALA HA   H N N 90  
ALA HB1  H N N 91  
ALA HB2  H N N 92  
ALA HB3  H N N 93  
ALA HXT  H N N 94  
ARG N    N N N 95  
ARG CA   C N S 96  
ARG C    C N N 97  
ARG O    O N N 98  
ARG CB   C N N 99  
ARG CG   C N N 100 
ARG CD   C N N 101 
ARG NE   N N N 102 
ARG CZ   C N N 103 
ARG NH1  N N N 104 
ARG NH2  N N N 105 
ARG OXT  O N N 106 
ARG H    H N N 107 
ARG H2   H N N 108 
ARG HA   H N N 109 
ARG HB2  H N N 110 
ARG HB3  H N N 111 
ARG HG2  H N N 112 
ARG HG3  H N N 113 
ARG HD2  H N N 114 
ARG HD3  H N N 115 
ARG HE   H N N 116 
ARG HH11 H N N 117 
ARG HH12 H N N 118 
ARG HH21 H N N 119 
ARG HH22 H N N 120 
ARG HXT  H N N 121 
ASN N    N N N 122 
ASN CA   C N S 123 
ASN C    C N N 124 
ASN O    O N N 125 
ASN CB   C N N 126 
ASN CG   C N N 127 
ASN OD1  O N N 128 
ASN ND2  N N N 129 
ASN OXT  O N N 130 
ASN H    H N N 131 
ASN H2   H N N 132 
ASN HA   H N N 133 
ASN HB2  H N N 134 
ASN HB3  H N N 135 
ASN HD21 H N N 136 
ASN HD22 H N N 137 
ASN HXT  H N N 138 
ASP N    N N N 139 
ASP CA   C N S 140 
ASP C    C N N 141 
ASP O    O N N 142 
ASP CB   C N N 143 
ASP CG   C N N 144 
ASP OD1  O N N 145 
ASP OD2  O N N 146 
ASP OXT  O N N 147 
ASP H    H N N 148 
ASP H2   H N N 149 
ASP HA   H N N 150 
ASP HB2  H N N 151 
ASP HB3  H N N 152 
ASP HD2  H N N 153 
ASP HXT  H N N 154 
CYS N    N N N 155 
CYS CA   C N R 156 
CYS C    C N N 157 
CYS O    O N N 158 
CYS CB   C N N 159 
CYS SG   S N N 160 
CYS OXT  O N N 161 
CYS H    H N N 162 
CYS H2   H N N 163 
CYS HA   H N N 164 
CYS HB2  H N N 165 
CYS HB3  H N N 166 
CYS HG   H N N 167 
CYS HXT  H N N 168 
GLN N    N N N 169 
GLN CA   C N S 170 
GLN C    C N N 171 
GLN O    O N N 172 
GLN CB   C N N 173 
GLN CG   C N N 174 
GLN CD   C N N 175 
GLN OE1  O N N 176 
GLN NE2  N N N 177 
GLN OXT  O N N 178 
GLN H    H N N 179 
GLN H2   H N N 180 
GLN HA   H N N 181 
GLN HB2  H N N 182 
GLN HB3  H N N 183 
GLN HG2  H N N 184 
GLN HG3  H N N 185 
GLN HE21 H N N 186 
GLN HE22 H N N 187 
GLN HXT  H N N 188 
GLU N    N N N 189 
GLU CA   C N S 190 
GLU C    C N N 191 
GLU O    O N N 192 
GLU CB   C N N 193 
GLU CG   C N N 194 
GLU CD   C N N 195 
GLU OE1  O N N 196 
GLU OE2  O N N 197 
GLU OXT  O N N 198 
GLU H    H N N 199 
GLU H2   H N N 200 
GLU HA   H N N 201 
GLU HB2  H N N 202 
GLU HB3  H N N 203 
GLU HG2  H N N 204 
GLU HG3  H N N 205 
GLU HE2  H N N 206 
GLU HXT  H N N 207 
GLY N    N N N 208 
GLY CA   C N N 209 
GLY C    C N N 210 
GLY O    O N N 211 
GLY OXT  O N N 212 
GLY H    H N N 213 
GLY H2   H N N 214 
GLY HA2  H N N 215 
GLY HA3  H N N 216 
GLY HXT  H N N 217 
HIS N    N N N 218 
HIS CA   C N S 219 
HIS C    C N N 220 
HIS O    O N N 221 
HIS CB   C N N 222 
HIS CG   C Y N 223 
HIS ND1  N Y N 224 
HIS CD2  C Y N 225 
HIS CE1  C Y N 226 
HIS NE2  N Y N 227 
HIS OXT  O N N 228 
HIS H    H N N 229 
HIS H2   H N N 230 
HIS HA   H N N 231 
HIS HB2  H N N 232 
HIS HB3  H N N 233 
HIS HD1  H N N 234 
HIS HD2  H N N 235 
HIS HE1  H N N 236 
HIS HE2  H N N 237 
HIS HXT  H N N 238 
HOH O    O N N 239 
HOH H1   H N N 240 
HOH H2   H N N 241 
ILE N    N N N 242 
ILE CA   C N S 243 
ILE C    C N N 244 
ILE O    O N N 245 
ILE CB   C N S 246 
ILE CG1  C N N 247 
ILE CG2  C N N 248 
ILE CD1  C N N 249 
ILE OXT  O N N 250 
ILE H    H N N 251 
ILE H2   H N N 252 
ILE HA   H N N 253 
ILE HB   H N N 254 
ILE HG12 H N N 255 
ILE HG13 H N N 256 
ILE HG21 H N N 257 
ILE HG22 H N N 258 
ILE HG23 H N N 259 
ILE HD11 H N N 260 
ILE HD12 H N N 261 
ILE HD13 H N N 262 
ILE HXT  H N N 263 
LEU N    N N N 264 
LEU CA   C N S 265 
LEU C    C N N 266 
LEU O    O N N 267 
LEU CB   C N N 268 
LEU CG   C N N 269 
LEU CD1  C N N 270 
LEU CD2  C N N 271 
LEU OXT  O N N 272 
LEU H    H N N 273 
LEU H2   H N N 274 
LEU HA   H N N 275 
LEU HB2  H N N 276 
LEU HB3  H N N 277 
LEU HG   H N N 278 
LEU HD11 H N N 279 
LEU HD12 H N N 280 
LEU HD13 H N N 281 
LEU HD21 H N N 282 
LEU HD22 H N N 283 
LEU HD23 H N N 284 
LEU HXT  H N N 285 
LYS N    N N N 286 
LYS CA   C N S 287 
LYS C    C N N 288 
LYS O    O N N 289 
LYS CB   C N N 290 
LYS CG   C N N 291 
LYS CD   C N N 292 
LYS CE   C N N 293 
LYS NZ   N N N 294 
LYS OXT  O N N 295 
LYS H    H N N 296 
LYS H2   H N N 297 
LYS HA   H N N 298 
LYS HB2  H N N 299 
LYS HB3  H N N 300 
LYS HG2  H N N 301 
LYS HG3  H N N 302 
LYS HD2  H N N 303 
LYS HD3  H N N 304 
LYS HE2  H N N 305 
LYS HE3  H N N 306 
LYS HZ1  H N N 307 
LYS HZ2  H N N 308 
LYS HZ3  H N N 309 
LYS HXT  H N N 310 
PHE N    N N N 311 
PHE CA   C N S 312 
PHE C    C N N 313 
PHE O    O N N 314 
PHE CB   C N N 315 
PHE CG   C Y N 316 
PHE CD1  C Y N 317 
PHE CD2  C Y N 318 
PHE CE1  C Y N 319 
PHE CE2  C Y N 320 
PHE CZ   C Y N 321 
PHE OXT  O N N 322 
PHE H    H N N 323 
PHE H2   H N N 324 
PHE HA   H N N 325 
PHE HB2  H N N 326 
PHE HB3  H N N 327 
PHE HD1  H N N 328 
PHE HD2  H N N 329 
PHE HE1  H N N 330 
PHE HE2  H N N 331 
PHE HZ   H N N 332 
PHE HXT  H N N 333 
PRO N    N N N 334 
PRO CA   C N S 335 
PRO C    C N N 336 
PRO O    O N N 337 
PRO CB   C N N 338 
PRO CG   C N N 339 
PRO CD   C N N 340 
PRO OXT  O N N 341 
PRO H    H N N 342 
PRO HA   H N N 343 
PRO HB2  H N N 344 
PRO HB3  H N N 345 
PRO HG2  H N N 346 
PRO HG3  H N N 347 
PRO HD2  H N N 348 
PRO HD3  H N N 349 
PRO HXT  H N N 350 
SER N    N N N 351 
SER CA   C N S 352 
SER C    C N N 353 
SER O    O N N 354 
SER CB   C N N 355 
SER OG   O N N 356 
SER OXT  O N N 357 
SER H    H N N 358 
SER H2   H N N 359 
SER HA   H N N 360 
SER HB2  H N N 361 
SER HB3  H N N 362 
SER HG   H N N 363 
SER HXT  H N N 364 
THR N    N N N 365 
THR CA   C N S 366 
THR C    C N N 367 
THR O    O N N 368 
THR CB   C N R 369 
THR OG1  O N N 370 
THR CG2  C N N 371 
THR OXT  O N N 372 
THR H    H N N 373 
THR H2   H N N 374 
THR HA   H N N 375 
THR HB   H N N 376 
THR HG1  H N N 377 
THR HG21 H N N 378 
THR HG22 H N N 379 
THR HG23 H N N 380 
THR HXT  H N N 381 
TRP N    N N N 382 
TRP CA   C N S 383 
TRP C    C N N 384 
TRP O    O N N 385 
TRP CB   C N N 386 
TRP CG   C Y N 387 
TRP CD1  C Y N 388 
TRP CD2  C Y N 389 
TRP NE1  N Y N 390 
TRP CE2  C Y N 391 
TRP CE3  C Y N 392 
TRP CZ2  C Y N 393 
TRP CZ3  C Y N 394 
TRP CH2  C Y N 395 
TRP OXT  O N N 396 
TRP H    H N N 397 
TRP H2   H N N 398 
TRP HA   H N N 399 
TRP HB2  H N N 400 
TRP HB3  H N N 401 
TRP HD1  H N N 402 
TRP HE1  H N N 403 
TRP HE3  H N N 404 
TRP HZ2  H N N 405 
TRP HZ3  H N N 406 
TRP HH2  H N N 407 
TRP HXT  H N N 408 
TYR N    N N N 409 
TYR CA   C N S 410 
TYR C    C N N 411 
TYR O    O N N 412 
TYR CB   C N N 413 
TYR CG   C Y N 414 
TYR CD1  C Y N 415 
TYR CD2  C Y N 416 
TYR CE1  C Y N 417 
TYR CE2  C Y N 418 
TYR CZ   C Y N 419 
TYR OH   O N N 420 
TYR OXT  O N N 421 
TYR H    H N N 422 
TYR H2   H N N 423 
TYR HA   H N N 424 
TYR HB2  H N N 425 
TYR HB3  H N N 426 
TYR HD1  H N N 427 
TYR HD2  H N N 428 
TYR HE1  H N N 429 
TYR HE2  H N N 430 
TYR HH   H N N 431 
TYR HXT  H N N 432 
VAL N    N N N 433 
VAL CA   C N S 434 
VAL C    C N N 435 
VAL O    O N N 436 
VAL CB   C N N 437 
VAL CG1  C N N 438 
VAL CG2  C N N 439 
VAL OXT  O N N 440 
VAL H    H N N 441 
VAL H2   H N N 442 
VAL HA   H N N 443 
VAL HB   H N N 444 
VAL HG11 H N N 445 
VAL HG12 H N N 446 
VAL HG13 H N N 447 
VAL HG21 H N N 448 
VAL HG22 H N N 449 
VAL HG23 H N N 450 
VAL HXT  H N N 451 
# 
loop_
_chem_comp_bond.comp_id 
_chem_comp_bond.atom_id_1 
_chem_comp_bond.atom_id_2 
_chem_comp_bond.value_order 
_chem_comp_bond.pdbx_aromatic_flag 
_chem_comp_bond.pdbx_stereo_config 
_chem_comp_bond.pdbx_ordinal 
852 C1  C2   doub Y N 1   
852 C1  C6   sing Y N 2   
852 C1  C7   sing N N 3   
852 C2  C3   sing Y N 4   
852 C2  H2   sing N N 5   
852 C3  C4   doub Y N 6   
852 C3  H3   sing N N 7   
852 C4  C5   sing Y N 8   
852 C4  C40  sing N N 9   
852 C5  C6   doub Y N 10  
852 C5  C37  sing N N 11  
852 C6  H6   sing N N 12  
852 C7  C8   sing N N 13  
852 C7  H71  sing N N 14  
852 C7  H72  sing N N 15  
852 C8  C9   sing N N 16  
852 C8  N12  sing N N 17  
852 C8  H8   sing N N 18  
852 C9  N10  sing N N 19  
852 C9  O11  doub N N 20  
852 N10 C16  sing N N 21  
852 N10 H10  sing N N 22  
852 N12 C13  sing N N 23  
852 N12 H12  sing N N 24  
852 C13 O14  doub N N 25  
852 C13 C15  sing N N 26  
852 C15 H151 sing N N 27  
852 C15 H152 sing N N 28  
852 C15 H153 sing N N 29  
852 C16 C17  sing N N 30  
852 C16 C25  sing N N 31  
852 C16 H16  sing N N 32  
852 C17 N18  sing N N 33  
852 C17 O19  doub N N 34  
852 N18 C20  sing N N 35  
852 N18 C22  sing N N 36  
852 C20 C21  sing N N 37  
852 C20 H201 sing N N 38  
852 C20 H202 sing N N 39  
852 C21 C24  sing N N 40  
852 C21 H211 sing N N 41  
852 C21 H212 sing N N 42  
852 C22 C23  sing N N 43  
852 C22 H221 sing N N 44  
852 C22 H222 sing N N 45  
852 C23 C26  sing Y N 46  
852 C23 C30  doub Y N 47  
852 C24 C25  sing N N 48  
852 C24 H241 sing N N 49  
852 C24 H242 sing N N 50  
852 C25 H251 sing N N 51  
852 C25 H252 sing N N 52  
852 C26 C27  doub Y N 53  
852 C26 H26  sing N N 54  
852 C27 C28  sing Y N 55  
852 C27 H27  sing N N 56  
852 C28 C29  doub Y N 57  
852 C28 C31  sing Y N 58  
852 C29 C30  sing Y N 59  
852 C29 H29  sing N N 60  
852 C30 H30  sing N N 61  
852 C31 C32  sing Y N 62  
852 C31 C36  doub Y N 63  
852 C32 C33  doub Y N 64  
852 C32 H32  sing N N 65  
852 C33 C34  sing Y N 66  
852 C33 H33  sing N N 67  
852 C34 C35  doub Y N 68  
852 C34 H34  sing N N 69  
852 C35 C36  sing Y N 70  
852 C35 H35  sing N N 71  
852 C36 H36  sing N N 72  
852 C37 O38  sing N N 73  
852 C37 O39  doub N N 74  
852 O38 H38  sing N N 75  
852 C40 C41  sing N N 76  
852 C40 C76  sing N N 77  
852 C40 H40  sing N N 78  
852 C41 O42  sing N N 79  
852 C41 O43  doub N N 80  
852 O42 H42  sing N N 81  
852 C76 O78  sing N N 82  
852 C76 O79  doub N N 83  
852 O78 H78  sing N N 84  
ALA N   CA   sing N N 85  
ALA N   H    sing N N 86  
ALA N   H2   sing N N 87  
ALA CA  C    sing N N 88  
ALA CA  CB   sing N N 89  
ALA CA  HA   sing N N 90  
ALA C   O    doub N N 91  
ALA C   OXT  sing N N 92  
ALA CB  HB1  sing N N 93  
ALA CB  HB2  sing N N 94  
ALA CB  HB3  sing N N 95  
ALA OXT HXT  sing N N 96  
ARG N   CA   sing N N 97  
ARG N   H    sing N N 98  
ARG N   H2   sing N N 99  
ARG CA  C    sing N N 100 
ARG CA  CB   sing N N 101 
ARG CA  HA   sing N N 102 
ARG C   O    doub N N 103 
ARG C   OXT  sing N N 104 
ARG CB  CG   sing N N 105 
ARG CB  HB2  sing N N 106 
ARG CB  HB3  sing N N 107 
ARG CG  CD   sing N N 108 
ARG CG  HG2  sing N N 109 
ARG CG  HG3  sing N N 110 
ARG CD  NE   sing N N 111 
ARG CD  HD2  sing N N 112 
ARG CD  HD3  sing N N 113 
ARG NE  CZ   sing N N 114 
ARG NE  HE   sing N N 115 
ARG CZ  NH1  sing N N 116 
ARG CZ  NH2  doub N N 117 
ARG NH1 HH11 sing N N 118 
ARG NH1 HH12 sing N N 119 
ARG NH2 HH21 sing N N 120 
ARG NH2 HH22 sing N N 121 
ARG OXT HXT  sing N N 122 
ASN N   CA   sing N N 123 
ASN N   H    sing N N 124 
ASN N   H2   sing N N 125 
ASN CA  C    sing N N 126 
ASN CA  CB   sing N N 127 
ASN CA  HA   sing N N 128 
ASN C   O    doub N N 129 
ASN C   OXT  sing N N 130 
ASN CB  CG   sing N N 131 
ASN CB  HB2  sing N N 132 
ASN CB  HB3  sing N N 133 
ASN CG  OD1  doub N N 134 
ASN CG  ND2  sing N N 135 
ASN ND2 HD21 sing N N 136 
ASN ND2 HD22 sing N N 137 
ASN OXT HXT  sing N N 138 
ASP N   CA   sing N N 139 
ASP N   H    sing N N 140 
ASP N   H2   sing N N 141 
ASP CA  C    sing N N 142 
ASP CA  CB   sing N N 143 
ASP CA  HA   sing N N 144 
ASP C   O    doub N N 145 
ASP C   OXT  sing N N 146 
ASP CB  CG   sing N N 147 
ASP CB  HB2  sing N N 148 
ASP CB  HB3  sing N N 149 
ASP CG  OD1  doub N N 150 
ASP CG  OD2  sing N N 151 
ASP OD2 HD2  sing N N 152 
ASP OXT HXT  sing N N 153 
CYS N   CA   sing N N 154 
CYS N   H    sing N N 155 
CYS N   H2   sing N N 156 
CYS CA  C    sing N N 157 
CYS CA  CB   sing N N 158 
CYS CA  HA   sing N N 159 
CYS C   O    doub N N 160 
CYS C   OXT  sing N N 161 
CYS CB  SG   sing N N 162 
CYS CB  HB2  sing N N 163 
CYS CB  HB3  sing N N 164 
CYS SG  HG   sing N N 165 
CYS OXT HXT  sing N N 166 
GLN N   CA   sing N N 167 
GLN N   H    sing N N 168 
GLN N   H2   sing N N 169 
GLN CA  C    sing N N 170 
GLN CA  CB   sing N N 171 
GLN CA  HA   sing N N 172 
GLN C   O    doub N N 173 
GLN C   OXT  sing N N 174 
GLN CB  CG   sing N N 175 
GLN CB  HB2  sing N N 176 
GLN CB  HB3  sing N N 177 
GLN CG  CD   sing N N 178 
GLN CG  HG2  sing N N 179 
GLN CG  HG3  sing N N 180 
GLN CD  OE1  doub N N 181 
GLN CD  NE2  sing N N 182 
GLN NE2 HE21 sing N N 183 
GLN NE2 HE22 sing N N 184 
GLN OXT HXT  sing N N 185 
GLU N   CA   sing N N 186 
GLU N   H    sing N N 187 
GLU N   H2   sing N N 188 
GLU CA  C    sing N N 189 
GLU CA  CB   sing N N 190 
GLU CA  HA   sing N N 191 
GLU C   O    doub N N 192 
GLU C   OXT  sing N N 193 
GLU CB  CG   sing N N 194 
GLU CB  HB2  sing N N 195 
GLU CB  HB3  sing N N 196 
GLU CG  CD   sing N N 197 
GLU CG  HG2  sing N N 198 
GLU CG  HG3  sing N N 199 
GLU CD  OE1  doub N N 200 
GLU CD  OE2  sing N N 201 
GLU OE2 HE2  sing N N 202 
GLU OXT HXT  sing N N 203 
GLY N   CA   sing N N 204 
GLY N   H    sing N N 205 
GLY N   H2   sing N N 206 
GLY CA  C    sing N N 207 
GLY CA  HA2  sing N N 208 
GLY CA  HA3  sing N N 209 
GLY C   O    doub N N 210 
GLY C   OXT  sing N N 211 
GLY OXT HXT  sing N N 212 
HIS N   CA   sing N N 213 
HIS N   H    sing N N 214 
HIS N   H2   sing N N 215 
HIS CA  C    sing N N 216 
HIS CA  CB   sing N N 217 
HIS CA  HA   sing N N 218 
HIS C   O    doub N N 219 
HIS C   OXT  sing N N 220 
HIS CB  CG   sing N N 221 
HIS CB  HB2  sing N N 222 
HIS CB  HB3  sing N N 223 
HIS CG  ND1  sing Y N 224 
HIS CG  CD2  doub Y N 225 
HIS ND1 CE1  doub Y N 226 
HIS ND1 HD1  sing N N 227 
HIS CD2 NE2  sing Y N 228 
HIS CD2 HD2  sing N N 229 
HIS CE1 NE2  sing Y N 230 
HIS CE1 HE1  sing N N 231 
HIS NE2 HE2  sing N N 232 
HIS OXT HXT  sing N N 233 
HOH O   H1   sing N N 234 
HOH O   H2   sing N N 235 
ILE N   CA   sing N N 236 
ILE N   H    sing N N 237 
ILE N   H2   sing N N 238 
ILE CA  C    sing N N 239 
ILE CA  CB   sing N N 240 
ILE CA  HA   sing N N 241 
ILE C   O    doub N N 242 
ILE C   OXT  sing N N 243 
ILE CB  CG1  sing N N 244 
ILE CB  CG2  sing N N 245 
ILE CB  HB   sing N N 246 
ILE CG1 CD1  sing N N 247 
ILE CG1 HG12 sing N N 248 
ILE CG1 HG13 sing N N 249 
ILE CG2 HG21 sing N N 250 
ILE CG2 HG22 sing N N 251 
ILE CG2 HG23 sing N N 252 
ILE CD1 HD11 sing N N 253 
ILE CD1 HD12 sing N N 254 
ILE CD1 HD13 sing N N 255 
ILE OXT HXT  sing N N 256 
LEU N   CA   sing N N 257 
LEU N   H    sing N N 258 
LEU N   H2   sing N N 259 
LEU CA  C    sing N N 260 
LEU CA  CB   sing N N 261 
LEU CA  HA   sing N N 262 
LEU C   O    doub N N 263 
LEU C   OXT  sing N N 264 
LEU CB  CG   sing N N 265 
LEU CB  HB2  sing N N 266 
LEU CB  HB3  sing N N 267 
LEU CG  CD1  sing N N 268 
LEU CG  CD2  sing N N 269 
LEU CG  HG   sing N N 270 
LEU CD1 HD11 sing N N 271 
LEU CD1 HD12 sing N N 272 
LEU CD1 HD13 sing N N 273 
LEU CD2 HD21 sing N N 274 
LEU CD2 HD22 sing N N 275 
LEU CD2 HD23 sing N N 276 
LEU OXT HXT  sing N N 277 
LYS N   CA   sing N N 278 
LYS N   H    sing N N 279 
LYS N   H2   sing N N 280 
LYS CA  C    sing N N 281 
LYS CA  CB   sing N N 282 
LYS CA  HA   sing N N 283 
LYS C   O    doub N N 284 
LYS C   OXT  sing N N 285 
LYS CB  CG   sing N N 286 
LYS CB  HB2  sing N N 287 
LYS CB  HB3  sing N N 288 
LYS CG  CD   sing N N 289 
LYS CG  HG2  sing N N 290 
LYS CG  HG3  sing N N 291 
LYS CD  CE   sing N N 292 
LYS CD  HD2  sing N N 293 
LYS CD  HD3  sing N N 294 
LYS CE  NZ   sing N N 295 
LYS CE  HE2  sing N N 296 
LYS CE  HE3  sing N N 297 
LYS NZ  HZ1  sing N N 298 
LYS NZ  HZ2  sing N N 299 
LYS NZ  HZ3  sing N N 300 
LYS OXT HXT  sing N N 301 
PHE N   CA   sing N N 302 
PHE N   H    sing N N 303 
PHE N   H2   sing N N 304 
PHE CA  C    sing N N 305 
PHE CA  CB   sing N N 306 
PHE CA  HA   sing N N 307 
PHE C   O    doub N N 308 
PHE C   OXT  sing N N 309 
PHE CB  CG   sing N N 310 
PHE CB  HB2  sing N N 311 
PHE CB  HB3  sing N N 312 
PHE CG  CD1  doub Y N 313 
PHE CG  CD2  sing Y N 314 
PHE CD1 CE1  sing Y N 315 
PHE CD1 HD1  sing N N 316 
PHE CD2 CE2  doub Y N 317 
PHE CD2 HD2  sing N N 318 
PHE CE1 CZ   doub Y N 319 
PHE CE1 HE1  sing N N 320 
PHE CE2 CZ   sing Y N 321 
PHE CE2 HE2  sing N N 322 
PHE CZ  HZ   sing N N 323 
PHE OXT HXT  sing N N 324 
PRO N   CA   sing N N 325 
PRO N   CD   sing N N 326 
PRO N   H    sing N N 327 
PRO CA  C    sing N N 328 
PRO CA  CB   sing N N 329 
PRO CA  HA   sing N N 330 
PRO C   O    doub N N 331 
PRO C   OXT  sing N N 332 
PRO CB  CG   sing N N 333 
PRO CB  HB2  sing N N 334 
PRO CB  HB3  sing N N 335 
PRO CG  CD   sing N N 336 
PRO CG  HG2  sing N N 337 
PRO CG  HG3  sing N N 338 
PRO CD  HD2  sing N N 339 
PRO CD  HD3  sing N N 340 
PRO OXT HXT  sing N N 341 
SER N   CA   sing N N 342 
SER N   H    sing N N 343 
SER N   H2   sing N N 344 
SER CA  C    sing N N 345 
SER CA  CB   sing N N 346 
SER CA  HA   sing N N 347 
SER C   O    doub N N 348 
SER C   OXT  sing N N 349 
SER CB  OG   sing N N 350 
SER CB  HB2  sing N N 351 
SER CB  HB3  sing N N 352 
SER OG  HG   sing N N 353 
SER OXT HXT  sing N N 354 
THR N   CA   sing N N 355 
THR N   H    sing N N 356 
THR N   H2   sing N N 357 
THR CA  C    sing N N 358 
THR CA  CB   sing N N 359 
THR CA  HA   sing N N 360 
THR C   O    doub N N 361 
THR C   OXT  sing N N 362 
THR CB  OG1  sing N N 363 
THR CB  CG2  sing N N 364 
THR CB  HB   sing N N 365 
THR OG1 HG1  sing N N 366 
THR CG2 HG21 sing N N 367 
THR CG2 HG22 sing N N 368 
THR CG2 HG23 sing N N 369 
THR OXT HXT  sing N N 370 
TRP N   CA   sing N N 371 
TRP N   H    sing N N 372 
TRP N   H2   sing N N 373 
TRP CA  C    sing N N 374 
TRP CA  CB   sing N N 375 
TRP CA  HA   sing N N 376 
TRP C   O    doub N N 377 
TRP C   OXT  sing N N 378 
TRP CB  CG   sing N N 379 
TRP CB  HB2  sing N N 380 
TRP CB  HB3  sing N N 381 
TRP CG  CD1  doub Y N 382 
TRP CG  CD2  sing Y N 383 
TRP CD1 NE1  sing Y N 384 
TRP CD1 HD1  sing N N 385 
TRP CD2 CE2  doub Y N 386 
TRP CD2 CE3  sing Y N 387 
TRP NE1 CE2  sing Y N 388 
TRP NE1 HE1  sing N N 389 
TRP CE2 CZ2  sing Y N 390 
TRP CE3 CZ3  doub Y N 391 
TRP CE3 HE3  sing N N 392 
TRP CZ2 CH2  doub Y N 393 
TRP CZ2 HZ2  sing N N 394 
TRP CZ3 CH2  sing Y N 395 
TRP CZ3 HZ3  sing N N 396 
TRP CH2 HH2  sing N N 397 
TRP OXT HXT  sing N N 398 
TYR N   CA   sing N N 399 
TYR N   H    sing N N 400 
TYR N   H2   sing N N 401 
TYR CA  C    sing N N 402 
TYR CA  CB   sing N N 403 
TYR CA  HA   sing N N 404 
TYR C   O    doub N N 405 
TYR C   OXT  sing N N 406 
TYR CB  CG   sing N N 407 
TYR CB  HB2  sing N N 408 
TYR CB  HB3  sing N N 409 
TYR CG  CD1  doub Y N 410 
TYR CG  CD2  sing Y N 411 
TYR CD1 CE1  sing Y N 412 
TYR CD1 HD1  sing N N 413 
TYR CD2 CE2  doub Y N 414 
TYR CD2 HD2  sing N N 415 
TYR CE1 CZ   doub Y N 416 
TYR CE1 HE1  sing N N 417 
TYR CE2 CZ   sing Y N 418 
TYR CE2 HE2  sing N N 419 
TYR CZ  OH   sing N N 420 
TYR OH  HH   sing N N 421 
TYR OXT HXT  sing N N 422 
VAL N   CA   sing N N 423 
VAL N   H    sing N N 424 
VAL N   H2   sing N N 425 
VAL CA  C    sing N N 426 
VAL CA  CB   sing N N 427 
VAL CA  HA   sing N N 428 
VAL C   O    doub N N 429 
VAL C   OXT  sing N N 430 
VAL CB  CG1  sing N N 431 
VAL CB  CG2  sing N N 432 
VAL CB  HB   sing N N 433 
VAL CG1 HG11 sing N N 434 
VAL CG1 HG12 sing N N 435 
VAL CG1 HG13 sing N N 436 
VAL CG2 HG21 sing N N 437 
VAL CG2 HG22 sing N N 438 
VAL CG2 HG23 sing N N 439 
VAL OXT HXT  sing N N 440 
# 
loop_
_pdbx_entity_nonpoly.entity_id 
_pdbx_entity_nonpoly.name 
_pdbx_entity_nonpoly.comp_id 
2 '2-{4-[2-ACETYLAMINO-2-(1-BIPHENYL-4-YLMETHYL-2-OXO-AZEPAN-3-YLCARBAMOYL)-ETHYL]-2-CARBOXY-PHENYL}-MALONIC ACID' 852 
3 water                                                                                                            HOH 
# 
_pdbx_initial_refinement_model.id               1 
_pdbx_initial_refinement_model.entity_id_list   ? 
_pdbx_initial_refinement_model.type             'experimental model' 
_pdbx_initial_refinement_model.source_name      PDB 
_pdbx_initial_refinement_model.accession_code   1SHD 
_pdbx_initial_refinement_model.details          ? 
# 
